data_2I14
#
_entry.id   2I14
#
_cell.length_a   111.481
_cell.length_b   111.481
_cell.length_c   178.263
_cell.angle_alpha   90.00
_cell.angle_beta   90.00
_cell.angle_gamma   120.00
#
_symmetry.space_group_name_H-M   'P 31'
#
loop_
_entity.id
_entity.type
_entity.pdbx_description
1 polymer 'Nicotinate-nucleotide pyrophosphorylase'
2 non-polymer 'ZINC ION'
3 non-polymer 1-ALPHA-PYROPHOSPHORYL-2-ALPHA,3-ALPHA-DIHYDROXY-4-BETA-CYCLOPENTANE-METHANOL-5-PHOSPHATE
4 water water
#
_entity_poly.entity_id   1
_entity_poly.type   'polypeptide(L)'
_entity_poly.pdbx_seq_one_letter_code
;GGGGGGMKRFYIANEDEIKAGKTTDVYFLRTKKILEVKNIRKKVLADVTTTSLPNNWRWGVLVGVEEVAKLLEGIPVNVY
AMPEGTIFHPYEPVLQIEGDYADFGIYETALLGMLSQASGIATAALRIKIAAKFKPVYSFGIRHMHPAIAPMIDRAAFIG
GCDGVSGVLGAEMMGEKAVGTMPHALIITVGDQVKAWKYFDEVIEEEVPRIALVDTFYDEKVEAVMAAEALGKKLFAVRL
DTPSSRRGNFRKIIEEVRWELKVRGYDWVKIFVSGGLDEEKIKEIVDVVDAFGVGGAIASAKPVDFALDIVEVEGKPIAK
RGKLSGRKQVYRCENGHYHVVPANKKLERCPVCNAKVEPLLKPIIENGEIVVEFPKAREIREYVLEQAKKFNLEI
;
_entity_poly.pdbx_strand_id   A,B,C,D,E,F
#
loop_
_chem_comp.id
_chem_comp.type
_chem_comp.name
_chem_comp.formula
PCP non-polymer 1-ALPHA-PYROPHOSPHORYL-2-ALPHA,3-ALPHA-DIHYDROXY-4-BETA-CYCLOPENTANE-METHANOL-5-PHOSPHATE 'C6 H15 O13 P3'
ZN non-polymer 'ZINC ION' 'Zn 2'
#
# COMPACT_ATOMS: atom_id res chain seq x y z
N MET A 7 28.61 -35.15 -32.22
CA MET A 7 27.37 -35.53 -32.93
C MET A 7 26.48 -34.30 -33.16
N LYS A 8 25.62 -34.00 -32.18
CA LYS A 8 24.70 -32.87 -32.24
C LYS A 8 25.37 -31.68 -31.55
N ARG A 9 25.42 -30.54 -32.21
CA ARG A 9 26.07 -29.37 -31.64
C ARG A 9 25.20 -28.43 -30.82
N PHE A 10 23.90 -28.67 -30.83
CA PHE A 10 22.98 -27.83 -30.08
C PHE A 10 22.04 -28.71 -29.26
N TYR A 11 21.82 -28.34 -28.00
CA TYR A 11 20.94 -29.12 -27.14
C TYR A 11 19.48 -28.96 -27.47
N ILE A 12 19.10 -29.33 -28.68
CA ILE A 12 17.72 -29.26 -29.11
C ILE A 12 17.23 -30.66 -29.42
N ALA A 13 15.96 -30.80 -29.75
CA ALA A 13 15.42 -32.11 -30.08
C ALA A 13 15.11 -32.11 -31.55
N ASN A 14 15.42 -33.21 -32.23
CA ASN A 14 15.15 -33.32 -33.67
C ASN A 14 13.68 -33.68 -33.87
N GLU A 15 13.15 -33.25 -35.01
CA GLU A 15 11.75 -33.51 -35.33
C GLU A 15 11.37 -34.96 -35.05
N ASP A 16 12.29 -35.89 -35.30
CA ASP A 16 12.02 -37.31 -35.05
C ASP A 16 11.93 -37.68 -33.57
N GLU A 17 12.92 -37.24 -32.80
CA GLU A 17 12.96 -37.53 -31.38
C GLU A 17 11.69 -37.06 -30.69
N ILE A 18 11.14 -35.95 -31.17
CA ILE A 18 9.91 -35.40 -30.60
C ILE A 18 8.75 -36.27 -31.01
N LYS A 19 8.66 -36.57 -32.30
CA LYS A 19 7.56 -37.39 -32.79
C LYS A 19 7.65 -38.75 -32.13
N ALA A 20 8.87 -39.12 -31.77
CA ALA A 20 9.13 -40.39 -31.12
C ALA A 20 8.56 -40.41 -29.70
N GLY A 21 8.92 -39.41 -28.91
CA GLY A 21 8.45 -39.34 -27.54
C GLY A 21 9.63 -39.37 -26.61
N LYS A 22 10.83 -39.21 -27.19
CA LYS A 22 12.09 -39.21 -26.45
C LYS A 22 12.25 -38.01 -25.52
N THR A 23 11.38 -37.00 -25.68
CA THR A 23 11.46 -35.78 -24.88
C THR A 23 10.46 -35.75 -23.73
N THR A 24 9.95 -36.89 -23.30
CA THR A 24 8.99 -36.86 -22.22
C THR A 24 9.61 -37.04 -20.85
N ASP A 25 8.77 -36.95 -19.83
CA ASP A 25 9.19 -37.11 -18.43
C ASP A 25 9.22 -38.64 -18.20
N VAL A 26 10.35 -39.15 -17.73
CA VAL A 26 10.47 -40.59 -17.49
C VAL A 26 9.29 -41.24 -16.84
N TYR A 27 8.77 -40.64 -15.78
CA TYR A 27 7.65 -41.24 -15.08
C TYR A 27 6.44 -41.55 -15.97
N PHE A 28 6.50 -41.15 -17.24
CA PHE A 28 5.41 -41.44 -18.17
C PHE A 28 5.75 -42.76 -18.87
N LEU A 29 7.05 -42.98 -19.08
CA LEU A 29 7.56 -44.20 -19.70
C LEU A 29 7.25 -45.33 -18.73
N ARG A 30 7.62 -45.11 -17.47
CA ARG A 30 7.40 -46.09 -16.43
C ARG A 30 5.92 -46.37 -16.31
N THR A 31 5.09 -45.38 -16.64
CA THR A 31 3.64 -45.59 -16.59
C THR A 31 3.21 -46.53 -17.71
N LYS A 32 3.88 -46.45 -18.84
CA LYS A 32 3.55 -47.34 -19.95
C LYS A 32 3.97 -48.74 -19.56
N LYS A 33 5.11 -48.88 -18.88
CA LYS A 33 5.60 -50.18 -18.43
C LYS A 33 4.56 -50.86 -17.53
N ILE A 34 4.27 -50.26 -16.39
CA ILE A 34 3.29 -50.82 -15.45
C ILE A 34 2.05 -51.30 -16.21
N LEU A 35 1.47 -50.41 -17.01
CA LEU A 35 0.27 -50.69 -17.79
C LEU A 35 0.43 -51.80 -18.81
N GLU A 36 1.53 -51.77 -19.55
CA GLU A 36 1.81 -52.75 -20.58
C GLU A 36 2.10 -54.13 -19.98
N VAL A 37 3.08 -54.18 -19.08
CA VAL A 37 3.46 -55.43 -18.42
C VAL A 37 2.28 -56.04 -17.66
N LYS A 38 1.89 -55.39 -16.56
CA LYS A 38 0.76 -55.86 -15.75
C LYS A 38 -0.49 -55.79 -16.63
N ASN A 39 -0.27 -55.49 -17.91
CA ASN A 39 -1.31 -55.38 -18.94
C ASN A 39 -2.65 -54.81 -18.47
N ILE A 40 -2.70 -53.48 -18.38
CA ILE A 40 -3.90 -52.78 -17.95
C ILE A 40 -4.35 -51.86 -19.09
N ARG A 41 -4.74 -52.46 -20.20
CA ARG A 41 -5.18 -51.70 -21.36
C ARG A 41 -6.64 -51.32 -21.23
N LYS A 42 -6.94 -50.06 -21.52
CA LYS A 42 -8.32 -49.56 -21.44
C LYS A 42 -8.48 -48.18 -22.08
N LYS A 43 -9.68 -47.94 -22.62
CA LYS A 43 -10.03 -46.69 -23.27
C LYS A 43 -10.32 -45.57 -22.28
N VAL A 44 -9.71 -44.41 -22.52
CA VAL A 44 -9.88 -43.25 -21.66
C VAL A 44 -10.00 -41.99 -22.51
N LEU A 45 -10.66 -40.98 -21.96
CA LEU A 45 -10.80 -39.70 -22.63
C LEU A 45 -10.09 -38.68 -21.75
N ALA A 46 -9.07 -38.05 -22.31
CA ALA A 46 -8.31 -37.06 -21.58
C ALA A 46 -8.68 -35.65 -22.08
N ASP A 47 -8.67 -34.70 -21.14
CA ASP A 47 -9.00 -33.31 -21.39
C ASP A 47 -7.77 -32.43 -21.25
N VAL A 48 -7.75 -31.33 -21.99
CA VAL A 48 -6.66 -30.38 -21.89
C VAL A 48 -7.28 -29.03 -21.54
N THR A 49 -6.92 -28.51 -20.36
CA THR A 49 -7.45 -27.22 -19.89
C THR A 49 -6.42 -26.48 -19.03
N THR A 50 -6.85 -25.38 -18.43
CA THR A 50 -6.02 -24.61 -17.51
C THR A 50 -7.00 -24.14 -16.49
N THR A 51 -6.53 -23.99 -15.27
CA THR A 51 -7.39 -23.53 -14.19
C THR A 51 -7.19 -22.04 -14.06
N SER A 52 -6.25 -21.51 -14.84
CA SER A 52 -5.95 -20.09 -14.84
C SER A 52 -5.16 -19.71 -16.07
N LEU A 53 -5.12 -18.42 -16.34
CA LEU A 53 -4.36 -17.89 -17.46
C LEU A 53 -3.34 -16.98 -16.80
N PRO A 54 -2.23 -16.70 -17.49
CA PRO A 54 -1.21 -15.84 -16.89
C PRO A 54 -1.79 -14.55 -16.36
N ASN A 55 -1.21 -14.05 -15.28
CA ASN A 55 -1.63 -12.79 -14.67
C ASN A 55 -3.12 -12.72 -14.36
N ASN A 56 -3.75 -13.89 -14.34
CA ASN A 56 -5.18 -13.97 -14.09
C ASN A 56 -5.95 -13.21 -15.14
N TRP A 57 -5.54 -13.36 -16.39
CA TRP A 57 -6.21 -12.71 -17.50
C TRP A 57 -7.54 -13.43 -17.67
N ARG A 58 -8.49 -12.77 -18.30
CA ARG A 58 -9.81 -13.35 -18.50
C ARG A 58 -9.90 -14.35 -19.66
N TRP A 59 -9.16 -14.09 -20.74
CA TRP A 59 -9.18 -14.96 -21.91
C TRP A 59 -7.78 -15.19 -22.42
N GLY A 60 -7.66 -16.13 -23.35
CA GLY A 60 -6.38 -16.43 -23.98
C GLY A 60 -6.62 -16.82 -25.43
N VAL A 61 -5.56 -16.90 -26.23
CA VAL A 61 -5.68 -17.28 -27.63
C VAL A 61 -5.11 -18.67 -27.87
N LEU A 62 -5.95 -19.61 -28.29
CA LEU A 62 -5.51 -20.97 -28.53
C LEU A 62 -4.54 -21.08 -29.68
N VAL A 63 -3.40 -21.74 -29.46
CA VAL A 63 -2.40 -21.92 -30.50
C VAL A 63 -1.61 -23.22 -30.40
N GLY A 64 -1.38 -23.88 -31.53
CA GLY A 64 -0.63 -25.11 -31.53
C GLY A 64 -1.42 -26.37 -31.90
N VAL A 65 -2.71 -26.21 -32.12
CA VAL A 65 -3.55 -27.35 -32.49
C VAL A 65 -2.92 -28.10 -33.68
N GLU A 66 -2.25 -27.37 -34.57
CA GLU A 66 -1.61 -27.97 -35.73
C GLU A 66 -0.52 -28.96 -35.31
N GLU A 67 0.59 -28.43 -34.80
CA GLU A 67 1.69 -29.28 -34.37
C GLU A 67 1.21 -30.47 -33.56
N VAL A 68 0.18 -30.31 -32.73
CA VAL A 68 -0.29 -31.43 -31.94
C VAL A 68 -0.86 -32.54 -32.81
N ALA A 69 -1.55 -32.16 -33.87
CA ALA A 69 -2.11 -33.15 -34.77
C ALA A 69 -0.95 -33.86 -35.47
N LYS A 70 0.02 -33.08 -35.91
CA LYS A 70 1.19 -33.64 -36.58
C LYS A 70 2.04 -34.49 -35.65
N LEU A 71 1.69 -34.53 -34.37
CA LEU A 71 2.45 -35.32 -33.40
C LEU A 71 1.74 -36.63 -33.06
N LEU A 72 0.44 -36.53 -32.83
CA LEU A 72 -0.36 -37.71 -32.49
C LEU A 72 -0.74 -38.45 -33.77
N GLU A 73 -0.23 -37.93 -34.89
CA GLU A 73 -0.50 -38.52 -36.20
C GLU A 73 0.03 -39.94 -36.26
N GLY A 74 -0.82 -40.87 -36.70
CA GLY A 74 -0.39 -42.25 -36.79
C GLY A 74 -0.30 -42.90 -35.43
N ILE A 75 -1.30 -42.61 -34.60
CA ILE A 75 -1.34 -43.17 -33.27
C ILE A 75 -2.78 -43.53 -32.92
N PRO A 76 -2.99 -44.73 -32.34
CA PRO A 76 -4.25 -45.36 -31.91
C PRO A 76 -5.26 -44.50 -31.14
N VAL A 77 -5.45 -43.24 -31.54
CA VAL A 77 -6.38 -42.38 -30.81
C VAL A 77 -7.15 -41.35 -31.64
N ASN A 78 -8.19 -40.79 -31.03
CA ASN A 78 -8.99 -39.75 -31.66
C ASN A 78 -8.60 -38.44 -30.99
N VAL A 79 -8.62 -37.35 -31.76
CA VAL A 79 -8.24 -36.06 -31.21
C VAL A 79 -9.21 -34.97 -31.64
N TYR A 80 -10.07 -34.56 -30.70
CA TYR A 80 -11.04 -33.49 -31.01
C TYR A 80 -10.41 -32.20 -30.51
N ALA A 81 -10.76 -31.08 -31.14
CA ALA A 81 -10.17 -29.82 -30.73
C ALA A 81 -10.98 -28.60 -31.16
N MET A 82 -10.51 -27.44 -30.73
CA MET A 82 -11.12 -26.18 -31.09
C MET A 82 -10.25 -25.69 -32.24
N PRO A 83 -10.81 -24.87 -33.12
CA PRO A 83 -9.97 -24.38 -34.24
C PRO A 83 -8.85 -23.48 -33.73
N GLU A 84 -7.64 -23.72 -34.22
CA GLU A 84 -6.51 -22.91 -33.77
C GLU A 84 -6.88 -21.44 -33.87
N GLY A 85 -6.54 -20.67 -32.84
CA GLY A 85 -6.84 -19.26 -32.82
C GLY A 85 -8.10 -18.93 -32.05
N THR A 86 -8.85 -19.94 -31.63
CA THR A 86 -10.06 -19.70 -30.85
C THR A 86 -9.77 -19.03 -29.51
N ILE A 87 -10.65 -18.12 -29.11
CA ILE A 87 -10.49 -17.46 -27.84
C ILE A 87 -11.04 -18.47 -26.86
N PHE A 88 -10.33 -18.73 -25.77
CA PHE A 88 -10.81 -19.70 -24.79
C PHE A 88 -10.72 -19.20 -23.35
N HIS A 89 -11.15 -20.05 -22.43
CA HIS A 89 -11.13 -19.69 -21.01
C HIS A 89 -10.74 -20.85 -20.13
N PRO A 90 -10.57 -20.58 -18.84
CA PRO A 90 -10.20 -21.67 -17.92
C PRO A 90 -11.33 -22.68 -17.82
N TYR A 91 -10.99 -23.91 -17.50
CA TYR A 91 -11.95 -24.99 -17.34
C TYR A 91 -12.63 -25.46 -18.62
N GLU A 92 -12.34 -24.80 -19.72
CA GLU A 92 -12.89 -25.20 -21.00
C GLU A 92 -11.86 -26.03 -21.76
N PRO A 93 -12.18 -27.29 -22.05
CA PRO A 93 -11.25 -28.15 -22.79
C PRO A 93 -10.97 -27.56 -24.17
N VAL A 94 -9.71 -27.38 -24.49
CA VAL A 94 -9.35 -26.83 -25.78
C VAL A 94 -8.98 -27.95 -26.73
N LEU A 95 -8.80 -29.16 -26.18
CA LEU A 95 -8.44 -30.34 -26.96
C LEU A 95 -8.63 -31.61 -26.14
N GLN A 96 -9.20 -32.64 -26.75
CA GLN A 96 -9.42 -33.92 -26.06
C GLN A 96 -8.73 -35.05 -26.80
N ILE A 97 -8.52 -36.16 -26.11
CA ILE A 97 -7.89 -37.31 -26.74
C ILE A 97 -8.54 -38.58 -26.23
N GLU A 98 -8.83 -39.50 -27.13
CA GLU A 98 -9.46 -40.74 -26.75
C GLU A 98 -8.62 -41.95 -27.16
N GLY A 99 -8.52 -42.92 -26.27
CA GLY A 99 -7.75 -44.11 -26.57
C GLY A 99 -7.14 -44.75 -25.34
N ASP A 100 -6.27 -45.72 -25.59
CA ASP A 100 -5.60 -46.43 -24.52
C ASP A 100 -4.51 -45.49 -24.00
N TYR A 101 -4.60 -45.10 -22.74
CA TYR A 101 -3.61 -44.20 -22.18
C TYR A 101 -2.23 -44.75 -22.46
N ALA A 102 -2.13 -46.08 -22.44
CA ALA A 102 -0.86 -46.75 -22.69
C ALA A 102 -0.23 -46.34 -24.02
N ASP A 103 -1.05 -45.88 -24.96
CA ASP A 103 -0.58 -45.48 -26.29
C ASP A 103 -0.08 -44.04 -26.42
N PHE A 104 -0.91 -43.08 -26.05
CA PHE A 104 -0.54 -41.66 -26.17
C PHE A 104 0.03 -40.97 -24.92
N GLY A 105 -0.24 -41.53 -23.74
CA GLY A 105 0.25 -40.94 -22.50
C GLY A 105 1.69 -40.46 -22.50
N ILE A 106 2.50 -41.02 -23.38
CA ILE A 106 3.90 -40.66 -23.47
C ILE A 106 4.06 -39.43 -24.34
N TYR A 107 2.96 -38.73 -24.62
CA TYR A 107 3.02 -37.53 -25.45
C TYR A 107 2.55 -36.26 -24.77
N GLU A 108 2.41 -36.30 -23.46
CA GLU A 108 1.98 -35.13 -22.73
C GLU A 108 3.05 -34.07 -22.78
N THR A 109 4.24 -34.43 -22.31
CA THR A 109 5.36 -33.50 -22.27
C THR A 109 5.53 -32.69 -23.57
N ALA A 110 5.20 -33.32 -24.68
CA ALA A 110 5.35 -32.66 -25.95
C ALA A 110 4.13 -31.86 -26.34
N LEU A 111 2.96 -32.49 -26.34
CA LEU A 111 1.74 -31.79 -26.73
C LEU A 111 1.44 -30.57 -25.86
N LEU A 112 1.46 -30.73 -24.54
CA LEU A 112 1.20 -29.60 -23.66
C LEU A 112 2.16 -28.45 -23.93
N GLY A 113 3.44 -28.75 -24.11
CA GLY A 113 4.39 -27.69 -24.38
C GLY A 113 4.05 -26.96 -25.69
N MET A 114 3.57 -27.73 -26.66
CA MET A 114 3.21 -27.17 -27.94
C MET A 114 2.04 -26.20 -27.82
N LEU A 115 1.04 -26.56 -27.01
CA LEU A 115 -0.10 -25.67 -26.84
C LEU A 115 0.24 -24.50 -25.92
N SER A 116 0.88 -24.82 -24.80
CA SER A 116 1.24 -23.86 -23.76
C SER A 116 2.03 -22.61 -24.12
N GLN A 117 3.21 -22.76 -24.69
CA GLN A 117 4.00 -21.58 -24.98
C GLN A 117 3.46 -20.77 -26.15
N ALA A 118 2.90 -21.45 -27.14
CA ALA A 118 2.34 -20.79 -28.31
C ALA A 118 1.15 -19.96 -27.83
N SER A 119 0.21 -20.63 -27.17
CA SER A 119 -0.95 -19.97 -26.63
C SER A 119 -0.53 -18.77 -25.78
N GLY A 120 0.54 -18.97 -25.04
CA GLY A 120 1.06 -17.91 -24.20
C GLY A 120 1.46 -16.69 -25.02
N ILE A 121 2.36 -16.90 -25.97
CA ILE A 121 2.80 -15.80 -26.82
C ILE A 121 1.64 -15.14 -27.56
N ALA A 122 0.73 -15.95 -28.10
CA ALA A 122 -0.41 -15.40 -28.84
C ALA A 122 -1.24 -14.44 -27.96
N THR A 123 -1.75 -14.96 -26.85
CA THR A 123 -2.54 -14.17 -25.93
C THR A 123 -1.83 -12.87 -25.63
N ALA A 124 -0.54 -12.98 -25.33
CA ALA A 124 0.24 -11.79 -25.04
C ALA A 124 0.07 -10.83 -26.20
N ALA A 125 0.40 -11.31 -27.39
CA ALA A 125 0.30 -10.52 -28.60
C ALA A 125 -1.04 -9.82 -28.76
N LEU A 126 -2.12 -10.60 -28.79
CA LEU A 126 -3.45 -10.03 -28.97
C LEU A 126 -3.72 -8.89 -28.00
N ARG A 127 -3.34 -9.06 -26.74
CA ARG A 127 -3.54 -8.03 -25.72
C ARG A 127 -2.75 -6.77 -26.10
N ILE A 128 -1.56 -6.94 -26.66
CA ILE A 128 -0.76 -5.79 -27.06
C ILE A 128 -1.47 -5.09 -28.20
N LYS A 129 -1.98 -5.90 -29.11
CA LYS A 129 -2.69 -5.39 -30.27
C LYS A 129 -3.79 -4.49 -29.73
N ILE A 130 -4.66 -5.06 -28.90
CA ILE A 130 -5.74 -4.31 -28.32
C ILE A 130 -5.23 -3.03 -27.68
N ALA A 131 -4.26 -3.14 -26.78
CA ALA A 131 -3.74 -1.95 -26.12
C ALA A 131 -3.23 -0.89 -27.10
N ALA A 132 -2.79 -1.33 -28.27
CA ALA A 132 -2.27 -0.42 -29.28
C ALA A 132 -3.35 0.11 -30.20
N LYS A 133 -4.61 -0.06 -29.81
CA LYS A 133 -5.76 0.37 -30.60
C LYS A 133 -5.63 -0.23 -32.00
N PHE A 134 -5.37 -1.54 -32.03
CA PHE A 134 -5.19 -2.28 -33.27
C PHE A 134 -4.26 -1.67 -34.31
N LYS A 135 -3.46 -0.70 -33.90
CA LYS A 135 -2.49 -0.11 -34.82
C LYS A 135 -1.48 -1.19 -35.20
N PRO A 136 -0.55 -0.88 -36.10
CA PRO A 136 0.39 -1.96 -36.41
C PRO A 136 1.41 -2.27 -35.31
N VAL A 137 1.72 -3.56 -35.17
CA VAL A 137 2.68 -4.06 -34.17
C VAL A 137 3.52 -5.16 -34.78
N TYR A 138 4.83 -5.03 -34.66
CA TYR A 138 5.70 -6.03 -35.24
C TYR A 138 6.52 -6.79 -34.22
N SER A 139 6.50 -8.11 -34.33
CA SER A 139 7.25 -9.00 -33.44
C SER A 139 8.76 -8.82 -33.68
N PHE A 140 9.52 -8.61 -32.61
CA PHE A 140 10.95 -8.41 -32.68
C PHE A 140 11.67 -9.22 -31.61
N GLY A 141 10.91 -9.95 -30.80
CA GLY A 141 11.49 -10.68 -29.69
C GLY A 141 12.30 -11.95 -29.77
N ILE A 142 12.32 -12.65 -30.90
CA ILE A 142 13.06 -13.90 -30.95
C ILE A 142 14.50 -13.87 -30.50
N ARG A 143 15.08 -12.68 -30.30
CA ARG A 143 16.46 -12.62 -29.86
C ARG A 143 16.58 -12.98 -28.39
N HIS A 144 15.45 -13.00 -27.68
CA HIS A 144 15.51 -13.31 -26.27
C HIS A 144 15.23 -14.78 -25.98
N MET A 145 15.01 -15.58 -27.02
CA MET A 145 14.75 -17.00 -26.80
C MET A 145 15.63 -17.85 -27.72
N HIS A 146 15.61 -19.17 -27.49
CA HIS A 146 16.41 -20.09 -28.30
C HIS A 146 15.96 -20.09 -29.75
N PRO A 147 16.91 -19.98 -30.70
CA PRO A 147 16.66 -19.96 -32.15
C PRO A 147 15.89 -21.17 -32.63
N ALA A 148 16.06 -22.30 -31.96
CA ALA A 148 15.34 -23.48 -32.37
C ALA A 148 13.83 -23.19 -32.47
N ILE A 149 13.32 -22.35 -31.59
CA ILE A 149 11.90 -22.04 -31.59
C ILE A 149 11.54 -20.70 -32.25
N ALA A 150 12.56 -20.04 -32.81
CA ALA A 150 12.38 -18.75 -33.49
C ALA A 150 11.10 -18.69 -34.32
N PRO A 151 10.83 -19.74 -35.12
CA PRO A 151 9.61 -19.72 -35.91
C PRO A 151 8.32 -19.90 -35.12
N MET A 152 8.23 -20.92 -34.28
CA MET A 152 6.98 -21.12 -33.52
C MET A 152 6.57 -19.80 -32.91
N ILE A 153 7.56 -19.08 -32.39
CA ILE A 153 7.30 -17.80 -31.78
C ILE A 153 6.73 -16.78 -32.75
N ASP A 154 7.49 -16.42 -33.78
CA ASP A 154 6.99 -15.44 -34.76
C ASP A 154 5.64 -15.84 -35.34
N ARG A 155 5.40 -17.15 -35.48
CA ARG A 155 4.13 -17.63 -36.02
C ARG A 155 3.01 -17.39 -35.00
N ALA A 156 3.36 -17.37 -33.71
CA ALA A 156 2.40 -17.14 -32.64
C ALA A 156 2.12 -15.66 -32.47
N ALA A 157 3.18 -14.84 -32.61
CA ALA A 157 3.04 -13.40 -32.46
C ALA A 157 2.12 -12.95 -33.58
N PHE A 158 2.24 -13.65 -34.71
CA PHE A 158 1.45 -13.38 -35.89
C PHE A 158 -0.01 -13.70 -35.62
N ILE A 159 -0.32 -14.99 -35.52
CA ILE A 159 -1.67 -15.41 -35.23
C ILE A 159 -2.26 -14.53 -34.12
N GLY A 160 -1.38 -14.03 -33.25
CA GLY A 160 -1.81 -13.19 -32.15
C GLY A 160 -2.31 -11.82 -32.54
N GLY A 161 -1.87 -11.35 -33.71
CA GLY A 161 -2.32 -10.05 -34.17
C GLY A 161 -1.19 -9.18 -34.67
N CYS A 162 0.04 -9.68 -34.55
CA CYS A 162 1.21 -8.91 -35.02
C CYS A 162 1.14 -8.84 -36.53
N ASP A 163 1.24 -7.63 -37.06
CA ASP A 163 1.18 -7.42 -38.49
C ASP A 163 2.37 -8.10 -39.16
N GLY A 164 3.56 -7.91 -38.60
CA GLY A 164 4.71 -8.53 -39.21
C GLY A 164 5.66 -9.20 -38.26
N VAL A 165 6.62 -9.91 -38.83
CA VAL A 165 7.58 -10.65 -38.05
C VAL A 165 9.03 -10.38 -38.44
N SER A 166 9.88 -10.22 -37.44
CA SER A 166 11.30 -9.95 -37.62
C SER A 166 12.05 -11.16 -38.17
N GLY A 167 11.67 -12.33 -37.71
CA GLY A 167 12.33 -13.55 -38.12
C GLY A 167 12.19 -13.98 -39.56
N VAL A 168 13.31 -14.24 -40.20
CA VAL A 168 13.34 -14.68 -41.60
C VAL A 168 12.71 -16.04 -41.76
N LEU A 169 13.39 -17.07 -41.27
CA LEU A 169 12.90 -18.43 -41.39
C LEU A 169 11.45 -18.53 -40.89
N GLY A 170 11.12 -17.73 -39.87
CA GLY A 170 9.77 -17.75 -39.33
C GLY A 170 8.77 -17.14 -40.30
N ALA A 171 9.19 -16.07 -40.97
CA ALA A 171 8.34 -15.39 -41.94
C ALA A 171 7.91 -16.41 -42.99
N GLU A 172 8.89 -16.99 -43.67
CA GLU A 172 8.67 -18.00 -44.71
C GLU A 172 7.73 -19.14 -44.37
N MET A 173 8.14 -20.00 -43.45
CA MET A 173 7.33 -21.14 -43.05
C MET A 173 5.85 -20.78 -42.97
N MET A 174 5.54 -19.49 -42.80
CA MET A 174 4.16 -19.01 -42.73
C MET A 174 3.69 -18.59 -44.12
N GLY A 175 4.60 -17.96 -44.87
CA GLY A 175 4.28 -17.48 -46.19
C GLY A 175 4.12 -15.98 -46.05
N GLU A 176 5.09 -15.35 -45.38
CA GLU A 176 5.09 -13.92 -45.14
C GLU A 176 6.48 -13.32 -45.33
N LYS A 177 6.55 -12.01 -45.51
CA LYS A 177 7.85 -11.37 -45.69
C LYS A 177 8.34 -10.80 -44.36
N ALA A 178 9.49 -11.24 -43.92
CA ALA A 178 10.02 -10.72 -42.68
C ALA A 178 10.42 -9.26 -42.86
N VAL A 179 9.77 -8.37 -42.10
CA VAL A 179 10.06 -6.96 -42.19
C VAL A 179 11.06 -6.55 -41.12
N GLY A 180 11.53 -5.31 -41.16
CA GLY A 180 12.48 -4.85 -40.18
C GLY A 180 12.89 -3.42 -40.48
N THR A 181 13.93 -2.93 -39.79
CA THR A 181 14.41 -1.56 -40.00
C THR A 181 15.93 -1.50 -40.04
N MET A 182 16.53 -0.69 -39.16
CA MET A 182 17.97 -0.51 -39.12
C MET A 182 18.56 -0.81 -37.76
N PRO A 183 19.73 -1.47 -37.75
CA PRO A 183 20.43 -1.82 -36.52
C PRO A 183 21.32 -0.64 -36.10
N HIS A 184 21.79 -0.67 -34.86
CA HIS A 184 22.67 0.36 -34.36
C HIS A 184 24.05 0.07 -34.89
N ALA A 185 24.30 -1.21 -35.15
CA ALA A 185 25.59 -1.66 -35.66
C ALA A 185 25.86 -1.00 -37.01
N LEU A 186 24.86 -0.99 -37.88
CA LEU A 186 25.01 -0.40 -39.19
C LEU A 186 25.51 1.03 -39.09
N ILE A 187 24.76 1.86 -38.40
CA ILE A 187 25.16 3.24 -38.25
C ILE A 187 26.52 3.43 -37.59
N ILE A 188 26.85 2.60 -36.61
CA ILE A 188 28.13 2.72 -35.92
C ILE A 188 29.35 2.26 -36.73
N THR A 189 29.21 1.16 -37.48
CA THR A 189 30.34 0.69 -38.28
C THR A 189 30.57 1.67 -39.44
N VAL A 190 29.47 2.10 -40.08
CA VAL A 190 29.55 3.06 -41.18
C VAL A 190 30.16 4.37 -40.67
N GLY A 191 30.11 4.57 -39.36
CA GLY A 191 30.69 5.76 -38.76
C GLY A 191 29.93 7.08 -38.85
N ASP A 192 28.78 7.09 -39.52
CA ASP A 192 28.03 8.33 -39.64
C ASP A 192 26.55 8.09 -39.85
N GLN A 193 25.72 8.76 -39.04
CA GLN A 193 24.29 8.60 -39.11
C GLN A 193 23.76 8.82 -40.52
N VAL A 194 23.98 10.01 -41.06
CA VAL A 194 23.50 10.36 -42.38
C VAL A 194 24.00 9.43 -43.49
N LYS A 195 25.31 9.21 -43.51
CA LYS A 195 25.94 8.34 -44.50
C LYS A 195 25.30 6.95 -44.46
N ALA A 196 24.98 6.52 -43.23
CA ALA A 196 24.38 5.22 -42.99
C ALA A 196 23.01 5.06 -43.63
N TRP A 197 22.05 5.88 -43.24
CA TRP A 197 20.73 5.75 -43.82
C TRP A 197 20.66 6.20 -45.26
N LYS A 198 21.77 6.70 -45.78
CA LYS A 198 21.83 7.10 -47.19
C LYS A 198 22.12 5.80 -47.92
N TYR A 199 23.15 5.11 -47.43
CA TYR A 199 23.55 3.84 -48.00
C TYR A 199 22.38 2.87 -47.99
N PHE A 200 21.59 2.92 -46.93
CA PHE A 200 20.43 2.04 -46.82
C PHE A 200 19.42 2.38 -47.91
N ASP A 201 19.19 3.68 -48.11
CA ASP A 201 18.22 4.16 -49.10
C ASP A 201 18.57 3.71 -50.51
N GLU A 202 19.86 3.65 -50.81
CA GLU A 202 20.29 3.25 -52.15
C GLU A 202 20.46 1.73 -52.32
N VAL A 203 21.17 1.09 -51.41
CA VAL A 203 21.42 -0.35 -51.51
C VAL A 203 20.20 -1.27 -51.38
N ILE A 204 19.30 -0.99 -50.45
CA ILE A 204 18.14 -1.84 -50.24
C ILE A 204 17.03 -1.58 -51.24
N GLU A 205 16.24 -2.63 -51.53
CA GLU A 205 15.13 -2.51 -52.48
C GLU A 205 14.26 -1.31 -52.17
N GLU A 206 13.41 -0.94 -53.13
CA GLU A 206 12.53 0.20 -52.96
C GLU A 206 11.27 -0.17 -52.23
N GLU A 207 10.85 -1.42 -52.37
CA GLU A 207 9.64 -1.89 -51.71
C GLU A 207 9.78 -1.93 -50.19
N VAL A 208 11.01 -1.75 -49.69
CA VAL A 208 11.29 -1.77 -48.26
C VAL A 208 11.15 -0.41 -47.59
N PRO A 209 10.08 -0.19 -46.81
CA PRO A 209 9.88 1.10 -46.14
C PRO A 209 11.17 1.50 -45.49
N ARG A 210 11.47 2.78 -45.51
CA ARG A 210 12.72 3.24 -44.93
C ARG A 210 12.53 4.03 -43.66
N ILE A 211 12.79 3.36 -42.53
CA ILE A 211 12.66 3.95 -41.22
C ILE A 211 14.07 4.19 -40.71
N ALA A 212 14.36 5.44 -40.34
CA ALA A 212 15.68 5.80 -39.86
C ALA A 212 15.87 5.56 -38.36
N LEU A 213 16.99 4.91 -38.01
CA LEU A 213 17.29 4.64 -36.63
C LEU A 213 17.97 5.90 -36.10
N VAL A 214 17.15 6.77 -35.50
CA VAL A 214 17.58 8.04 -34.95
C VAL A 214 18.59 7.99 -33.80
N ASP A 215 18.08 7.91 -32.57
CA ASP A 215 18.92 7.86 -31.36
C ASP A 215 20.16 6.95 -31.48
N THR A 216 21.34 7.54 -31.52
CA THR A 216 22.58 6.75 -31.59
C THR A 216 23.71 7.44 -30.83
N PHE A 217 23.99 8.69 -31.22
CA PHE A 217 25.04 9.49 -30.57
C PHE A 217 24.43 10.80 -30.12
N TYR A 218 23.67 11.41 -31.02
CA TYR A 218 23.00 12.67 -30.77
C TYR A 218 21.62 12.37 -30.18
N ASP A 219 20.92 13.41 -29.72
CA ASP A 219 19.59 13.23 -29.16
C ASP A 219 18.61 12.85 -30.28
N GLU A 220 17.51 12.19 -29.94
CA GLU A 220 16.52 11.80 -30.94
C GLU A 220 16.04 13.05 -31.65
N LYS A 221 15.90 14.14 -30.89
CA LYS A 221 15.42 15.41 -31.44
C LYS A 221 16.32 15.89 -32.56
N VAL A 222 17.62 15.83 -32.34
CA VAL A 222 18.57 16.29 -33.33
C VAL A 222 18.62 15.34 -34.52
N GLU A 223 18.91 14.08 -34.27
CA GLU A 223 19.00 13.10 -35.35
C GLU A 223 17.72 12.87 -36.13
N ALA A 224 16.58 13.26 -35.55
CA ALA A 224 15.32 13.08 -36.23
C ALA A 224 15.25 14.00 -37.44
N VAL A 225 15.48 15.30 -37.24
CA VAL A 225 15.44 16.26 -38.34
C VAL A 225 16.51 15.92 -39.37
N MET A 226 17.70 15.54 -38.91
CA MET A 226 18.77 15.15 -39.82
C MET A 226 18.25 14.11 -40.81
N ALA A 227 17.69 13.02 -40.27
CA ALA A 227 17.15 11.95 -41.09
C ALA A 227 16.06 12.47 -42.04
N ALA A 228 15.42 13.56 -41.65
CA ALA A 228 14.36 14.16 -42.47
C ALA A 228 15.04 14.93 -43.61
N GLU A 229 15.95 15.83 -43.25
CA GLU A 229 16.70 16.59 -44.23
C GLU A 229 17.79 15.66 -44.77
N ALA A 230 17.33 14.62 -45.45
CA ALA A 230 18.14 13.57 -46.06
C ALA A 230 17.02 12.63 -46.48
N LEU A 231 17.05 12.17 -47.72
CA LEU A 231 16.01 11.30 -48.25
C LEU A 231 14.61 11.91 -48.10
N GLY A 232 14.50 12.99 -47.34
CA GLY A 232 13.24 13.68 -47.14
C GLY A 232 11.99 12.82 -47.28
N LYS A 233 11.42 12.76 -48.49
CA LYS A 233 10.21 11.99 -48.73
C LYS A 233 10.49 10.50 -48.93
N LYS A 234 11.74 10.12 -48.72
CA LYS A 234 12.15 8.72 -48.83
C LYS A 234 12.08 8.14 -47.42
N LEU A 235 12.04 9.05 -46.44
CA LEU A 235 11.98 8.68 -45.03
C LEU A 235 10.55 8.35 -44.64
N PHE A 236 10.20 7.08 -44.70
CA PHE A 236 8.86 6.64 -44.35
C PHE A 236 8.52 6.86 -42.89
N ALA A 237 9.48 6.64 -42.01
CA ALA A 237 9.26 6.82 -40.58
C ALA A 237 10.56 6.93 -39.83
N VAL A 238 10.46 7.35 -38.59
CA VAL A 238 11.62 7.48 -37.72
C VAL A 238 11.40 6.52 -36.55
N ARG A 239 12.45 5.82 -36.13
CA ARG A 239 12.30 4.88 -35.01
C ARG A 239 12.91 5.39 -33.72
N LEU A 240 12.12 5.35 -32.64
CA LEU A 240 12.59 5.76 -31.33
C LEU A 240 12.66 4.54 -30.43
N ASP A 241 13.84 4.33 -29.84
CA ASP A 241 14.07 3.20 -28.95
C ASP A 241 14.95 3.68 -27.82
N THR A 242 14.62 4.84 -27.28
CA THR A 242 15.40 5.41 -26.18
C THR A 242 15.80 4.38 -25.13
N PRO A 243 17.09 4.32 -24.80
CA PRO A 243 17.56 3.36 -23.78
C PRO A 243 16.89 3.71 -22.45
N SER A 244 16.67 2.70 -21.61
CA SER A 244 16.03 2.91 -20.32
C SER A 244 16.70 3.97 -19.46
N SER A 245 18.02 4.07 -19.52
CA SER A 245 18.72 5.06 -18.73
C SER A 245 18.35 6.44 -19.24
N ARG A 246 17.82 6.52 -20.46
CA ARG A 246 17.46 7.81 -21.04
C ARG A 246 15.96 8.12 -21.10
N ARG A 247 15.12 7.09 -20.96
CA ARG A 247 13.68 7.30 -21.02
C ARG A 247 13.08 7.94 -19.78
N GLY A 248 13.18 9.25 -19.66
CA GLY A 248 12.59 9.92 -18.51
C GLY A 248 11.08 9.88 -18.66
N ASN A 249 10.59 10.32 -19.82
CA ASN A 249 9.17 10.33 -20.10
C ASN A 249 9.09 10.05 -21.58
N PHE A 250 8.90 8.79 -21.93
CA PHE A 250 8.83 8.42 -23.34
C PHE A 250 7.78 9.23 -24.08
N ARG A 251 6.58 9.32 -23.52
CA ARG A 251 5.52 10.09 -24.13
C ARG A 251 6.04 11.46 -24.54
N LYS A 252 6.53 12.21 -23.56
CA LYS A 252 7.06 13.53 -23.81
C LYS A 252 8.12 13.51 -24.90
N ILE A 253 9.05 12.57 -24.82
CA ILE A 253 10.11 12.48 -25.83
C ILE A 253 9.51 12.27 -27.22
N ILE A 254 8.51 11.40 -27.31
CA ILE A 254 7.86 11.15 -28.58
C ILE A 254 7.21 12.42 -29.13
N GLU A 255 6.58 13.20 -28.26
CA GLU A 255 5.94 14.43 -28.72
C GLU A 255 6.97 15.43 -29.25
N GLU A 256 8.02 15.67 -28.47
CA GLU A 256 9.07 16.60 -28.85
C GLU A 256 9.58 16.31 -30.24
N VAL A 257 9.69 15.02 -30.59
CA VAL A 257 10.17 14.67 -31.90
C VAL A 257 9.13 15.12 -32.92
N ARG A 258 7.89 14.74 -32.69
CA ARG A 258 6.81 15.13 -33.59
C ARG A 258 6.82 16.64 -33.80
N TRP A 259 7.10 17.40 -32.74
CA TRP A 259 7.12 18.84 -32.86
C TRP A 259 8.25 19.31 -33.73
N GLU A 260 9.48 19.03 -33.30
CA GLU A 260 10.64 19.47 -34.07
C GLU A 260 10.52 19.11 -35.55
N LEU A 261 9.77 18.05 -35.86
CA LEU A 261 9.58 17.65 -37.24
C LEU A 261 8.51 18.52 -37.85
N LYS A 262 7.39 18.63 -37.16
CA LYS A 262 6.25 19.43 -37.62
C LYS A 262 6.64 20.90 -37.87
N VAL A 263 7.35 21.49 -36.93
CA VAL A 263 7.80 22.89 -37.05
C VAL A 263 8.63 23.07 -38.32
N ARG A 264 9.60 22.20 -38.53
CA ARG A 264 10.45 22.29 -39.70
C ARG A 264 9.78 21.73 -40.95
N GLY A 265 8.46 21.76 -40.95
CA GLY A 265 7.70 21.31 -42.10
C GLY A 265 7.70 19.86 -42.51
N TYR A 266 8.36 19.00 -41.75
CA TYR A 266 8.33 17.57 -42.12
C TYR A 266 7.08 16.98 -41.46
N ASP A 267 6.12 16.55 -42.26
CA ASP A 267 4.87 16.03 -41.70
C ASP A 267 4.40 14.66 -42.15
N TRP A 268 5.11 14.05 -43.10
CA TRP A 268 4.72 12.74 -43.60
C TRP A 268 5.39 11.66 -42.76
N VAL A 269 6.55 11.99 -42.22
CA VAL A 269 7.29 11.04 -41.41
C VAL A 269 6.54 10.65 -40.14
N LYS A 270 6.30 9.35 -40.00
CA LYS A 270 5.59 8.78 -38.88
C LYS A 270 6.55 8.41 -37.74
N ILE A 271 5.98 8.14 -36.56
CA ILE A 271 6.76 7.77 -35.40
C ILE A 271 6.62 6.29 -35.12
N PHE A 272 7.72 5.57 -35.31
CA PHE A 272 7.76 4.13 -35.07
C PHE A 272 8.61 3.91 -33.81
N VAL A 273 8.05 3.21 -32.83
CA VAL A 273 8.78 2.95 -31.59
C VAL A 273 8.91 1.48 -31.25
N SER A 274 9.97 1.18 -30.52
CA SER A 274 10.22 -0.17 -30.09
C SER A 274 11.17 -0.06 -28.91
N GLY A 275 11.22 -1.09 -28.08
CA GLY A 275 12.11 -1.04 -26.94
C GLY A 275 11.41 -1.27 -25.63
N GLY A 276 11.62 -2.48 -25.10
CA GLY A 276 11.05 -2.88 -23.83
C GLY A 276 9.72 -2.26 -23.50
N LEU A 277 8.65 -2.75 -24.10
CA LEU A 277 7.34 -2.20 -23.80
C LEU A 277 6.22 -3.24 -23.75
N ASP A 278 5.33 -3.04 -22.80
CA ASP A 278 4.20 -3.92 -22.59
C ASP A 278 2.89 -3.13 -22.76
N GLU A 279 1.79 -3.69 -22.27
CA GLU A 279 0.49 -3.05 -22.38
C GLU A 279 0.46 -1.68 -21.75
N GLU A 280 0.68 -1.64 -20.46
CA GLU A 280 0.66 -0.38 -19.73
C GLU A 280 1.51 0.72 -20.39
N LYS A 281 2.67 0.33 -20.90
CA LYS A 281 3.58 1.29 -21.54
C LYS A 281 3.06 1.80 -22.87
N ILE A 282 2.39 0.93 -23.60
CA ILE A 282 1.83 1.26 -24.90
C ILE A 282 0.56 2.08 -24.72
N LYS A 283 -0.23 1.75 -23.71
CA LYS A 283 -1.45 2.48 -23.45
C LYS A 283 -1.13 3.92 -23.19
N GLU A 284 0.02 4.20 -22.60
CA GLU A 284 0.33 5.59 -22.31
C GLU A 284 1.05 6.29 -23.44
N ILE A 285 0.97 5.72 -24.63
CA ILE A 285 1.69 6.31 -25.74
C ILE A 285 1.08 6.04 -27.13
N VAL A 286 0.01 5.25 -27.18
CA VAL A 286 -0.67 4.88 -28.43
C VAL A 286 -1.05 6.05 -29.31
N ASP A 287 -1.76 7.01 -28.73
CA ASP A 287 -2.25 8.16 -29.46
C ASP A 287 -1.18 9.12 -29.98
N VAL A 288 0.08 8.70 -29.97
CA VAL A 288 1.13 9.58 -30.45
C VAL A 288 2.17 8.79 -31.23
N VAL A 289 1.93 7.50 -31.38
CA VAL A 289 2.86 6.66 -32.12
C VAL A 289 2.11 5.99 -33.26
N ASP A 290 2.82 5.76 -34.36
CA ASP A 290 2.22 5.16 -35.52
C ASP A 290 2.28 3.66 -35.57
N ALA A 291 3.44 3.09 -35.23
CA ALA A 291 3.62 1.63 -35.25
C ALA A 291 4.52 1.19 -34.13
N PHE A 292 4.22 0.01 -33.59
CA PHE A 292 5.00 -0.56 -32.47
C PHE A 292 5.88 -1.74 -32.81
N GLY A 293 7.06 -1.76 -32.19
CA GLY A 293 8.00 -2.85 -32.35
C GLY A 293 8.11 -3.52 -30.98
N VAL A 294 7.51 -4.68 -30.81
CA VAL A 294 7.55 -5.33 -29.51
C VAL A 294 8.41 -6.59 -29.46
N GLY A 295 9.27 -6.68 -28.44
CA GLY A 295 10.12 -7.83 -28.29
C GLY A 295 9.69 -8.85 -27.23
N GLY A 296 10.42 -8.84 -26.12
CA GLY A 296 10.19 -9.77 -25.02
C GLY A 296 8.79 -9.97 -24.48
N ALA A 297 8.01 -8.90 -24.35
CA ALA A 297 6.65 -8.98 -23.82
C ALA A 297 5.78 -9.96 -24.58
N ILE A 298 6.22 -10.37 -25.77
CA ILE A 298 5.45 -11.30 -26.58
C ILE A 298 6.18 -12.62 -26.72
N ALA A 299 7.46 -12.56 -27.08
CA ALA A 299 8.25 -13.78 -27.26
C ALA A 299 8.52 -14.51 -25.93
N SER A 300 8.87 -13.72 -24.93
CA SER A 300 9.15 -14.24 -23.62
C SER A 300 7.89 -14.26 -22.77
N ALA A 301 6.74 -14.21 -23.44
CA ALA A 301 5.47 -14.23 -22.72
C ALA A 301 5.40 -15.52 -21.89
N LYS A 302 4.59 -15.54 -20.83
CA LYS A 302 4.48 -16.72 -20.00
C LYS A 302 3.54 -17.75 -20.61
N PRO A 303 3.89 -19.04 -20.52
CA PRO A 303 3.07 -20.13 -21.05
C PRO A 303 1.71 -20.19 -20.35
N VAL A 304 0.77 -20.94 -20.93
CA VAL A 304 -0.56 -21.11 -20.35
C VAL A 304 -0.45 -22.45 -19.65
N ASP A 305 -0.69 -22.47 -18.33
CA ASP A 305 -0.57 -23.71 -17.54
C ASP A 305 -1.56 -24.75 -18.03
N PHE A 306 -1.30 -25.30 -19.21
CA PHE A 306 -2.16 -26.33 -19.82
C PHE A 306 -1.88 -27.71 -19.23
N ALA A 307 -2.93 -28.44 -18.87
CA ALA A 307 -2.72 -29.77 -18.31
C ALA A 307 -3.61 -30.82 -18.97
N LEU A 308 -3.09 -32.03 -19.11
CA LEU A 308 -3.83 -33.14 -19.70
C LEU A 308 -4.35 -34.05 -18.58
N ASP A 309 -5.66 -34.11 -18.42
CA ASP A 309 -6.24 -34.95 -17.36
C ASP A 309 -7.38 -35.84 -17.82
N ILE A 310 -7.28 -37.15 -17.55
CA ILE A 310 -8.32 -38.09 -17.92
C ILE A 310 -9.59 -37.78 -17.12
N VAL A 311 -10.64 -37.43 -17.85
CA VAL A 311 -11.92 -37.07 -17.26
C VAL A 311 -12.97 -38.17 -17.44
N GLU A 312 -12.59 -39.22 -18.15
CA GLU A 312 -13.49 -40.34 -18.37
C GLU A 312 -12.71 -41.60 -18.76
N VAL A 313 -13.05 -42.72 -18.11
CA VAL A 313 -12.40 -44.00 -18.38
C VAL A 313 -13.46 -45.06 -18.67
N GLU A 314 -13.47 -45.56 -19.90
CA GLU A 314 -14.44 -46.57 -20.32
C GLU A 314 -15.88 -46.07 -20.17
N GLY A 315 -16.16 -44.91 -20.75
CA GLY A 315 -17.49 -44.34 -20.68
C GLY A 315 -17.92 -43.95 -19.28
N LYS A 316 -17.01 -44.11 -18.32
CA LYS A 316 -17.28 -43.77 -16.93
C LYS A 316 -16.63 -42.43 -16.55
N PRO A 317 -17.44 -41.49 -16.01
CA PRO A 317 -16.98 -40.16 -15.60
C PRO A 317 -16.09 -40.19 -14.36
N ILE A 318 -14.81 -39.91 -14.54
CA ILE A 318 -13.86 -39.90 -13.42
C ILE A 318 -12.64 -39.03 -13.70
N ALA A 319 -12.33 -38.13 -12.76
CA ALA A 319 -11.19 -37.24 -12.84
C ALA A 319 -10.71 -36.94 -11.42
N LYS A 320 -9.41 -36.68 -11.25
CA LYS A 320 -8.87 -36.39 -9.92
C LYS A 320 -9.36 -35.06 -9.33
N ARG A 321 -8.93 -34.76 -8.09
CA ARG A 321 -9.33 -33.55 -7.36
C ARG A 321 -9.05 -32.23 -8.10
N GLY A 322 -10.01 -31.32 -8.04
CA GLY A 322 -9.85 -30.04 -8.69
C GLY A 322 -9.98 -30.10 -10.20
N LYS A 323 -10.36 -31.26 -10.73
CA LYS A 323 -10.53 -31.42 -12.17
C LYS A 323 -11.99 -31.79 -12.48
N LEU A 324 -12.53 -31.26 -13.56
CA LEU A 324 -13.90 -31.54 -13.96
C LEU A 324 -13.96 -32.91 -14.59
N SER A 325 -15.06 -33.60 -14.35
CA SER A 325 -15.23 -34.97 -14.84
C SER A 325 -16.18 -35.11 -16.01
N GLY A 326 -15.92 -36.11 -16.86
CA GLY A 326 -16.80 -36.37 -17.98
C GLY A 326 -16.43 -35.82 -19.34
N ARG A 327 -17.03 -36.39 -20.38
CA ARG A 327 -16.81 -35.98 -21.77
C ARG A 327 -17.72 -34.80 -22.04
N LYS A 328 -17.15 -33.66 -22.43
CA LYS A 328 -18.00 -32.50 -22.67
C LYS A 328 -17.72 -31.66 -23.90
N GLN A 329 -18.61 -30.69 -24.12
CA GLN A 329 -18.52 -29.77 -25.25
C GLN A 329 -18.71 -28.35 -24.79
N VAL A 330 -18.15 -27.41 -25.55
CA VAL A 330 -18.25 -25.99 -25.25
C VAL A 330 -19.00 -25.29 -26.36
N TYR A 331 -20.14 -24.68 -26.02
CA TYR A 331 -20.95 -23.98 -27.01
C TYR A 331 -20.74 -22.48 -26.94
N ARG A 332 -20.49 -21.88 -28.09
CA ARG A 332 -20.23 -20.46 -28.19
C ARG A 332 -21.27 -19.80 -29.06
N CYS A 333 -21.81 -18.68 -28.61
CA CYS A 333 -22.80 -17.99 -29.42
C CYS A 333 -22.03 -16.91 -30.15
N GLU A 334 -22.68 -16.21 -31.07
CA GLU A 334 -22.03 -15.16 -31.83
C GLU A 334 -21.70 -13.95 -30.97
N ASN A 335 -22.17 -13.96 -29.72
CA ASN A 335 -21.91 -12.85 -28.83
C ASN A 335 -20.84 -13.17 -27.80
N GLY A 336 -19.99 -14.13 -28.16
CA GLY A 336 -18.90 -14.51 -27.28
C GLY A 336 -19.26 -15.19 -25.98
N HIS A 337 -20.54 -15.43 -25.74
CA HIS A 337 -20.96 -16.08 -24.52
C HIS A 337 -20.63 -17.57 -24.64
N TYR A 338 -19.77 -18.09 -23.77
CA TYR A 338 -19.40 -19.50 -23.80
C TYR A 338 -20.18 -20.31 -22.78
N HIS A 339 -20.26 -21.62 -23.01
CA HIS A 339 -21.00 -22.51 -22.12
C HIS A 339 -20.47 -23.93 -22.19
N VAL A 340 -19.87 -24.41 -21.12
CA VAL A 340 -19.35 -25.77 -21.10
C VAL A 340 -20.44 -26.66 -20.51
N VAL A 341 -20.85 -27.66 -21.27
CA VAL A 341 -21.89 -28.58 -20.82
C VAL A 341 -21.49 -30.00 -21.13
N PRO A 342 -22.16 -30.96 -20.49
CA PRO A 342 -21.88 -32.38 -20.70
C PRO A 342 -22.28 -32.76 -22.13
N ALA A 343 -21.50 -33.64 -22.75
CA ALA A 343 -21.79 -34.08 -24.11
C ALA A 343 -23.13 -34.81 -24.21
N ASN A 344 -23.57 -35.37 -23.07
CA ASN A 344 -24.85 -36.09 -22.98
C ASN A 344 -26.03 -35.17 -23.25
N LYS A 345 -25.77 -33.88 -23.42
CA LYS A 345 -26.80 -32.89 -23.70
C LYS A 345 -26.33 -32.03 -24.87
N LYS A 346 -27.26 -31.32 -25.50
CA LYS A 346 -26.91 -30.48 -26.64
C LYS A 346 -27.64 -29.14 -26.65
N LEU A 347 -26.85 -28.06 -26.73
CA LEU A 347 -27.39 -26.70 -26.75
C LEU A 347 -27.74 -26.24 -28.15
N GLU A 348 -28.62 -25.24 -28.22
CA GLU A 348 -29.04 -24.67 -29.49
C GLU A 348 -29.34 -23.21 -29.24
N ARG A 349 -29.91 -22.94 -28.07
CA ARG A 349 -30.25 -21.60 -27.64
C ARG A 349 -29.10 -21.15 -26.74
N CYS A 350 -28.83 -19.85 -26.72
CA CYS A 350 -27.76 -19.37 -25.86
C CYS A 350 -28.37 -19.03 -24.50
N PRO A 351 -28.05 -19.82 -23.47
CA PRO A 351 -28.60 -19.58 -22.12
C PRO A 351 -28.82 -18.11 -21.81
N VAL A 352 -27.86 -17.28 -22.20
CA VAL A 352 -27.97 -15.85 -21.98
C VAL A 352 -28.75 -15.25 -23.16
N CYS A 353 -28.28 -14.15 -23.74
CA CYS A 353 -28.98 -13.54 -24.87
C CYS A 353 -29.30 -14.57 -25.95
N ASN A 354 -30.53 -15.08 -25.92
CA ASN A 354 -30.98 -16.10 -26.87
C ASN A 354 -30.42 -15.90 -28.27
N ALA A 355 -29.49 -16.76 -28.64
CA ALA A 355 -28.87 -16.70 -29.96
C ALA A 355 -28.45 -18.12 -30.31
N LYS A 356 -28.08 -18.32 -31.57
CA LYS A 356 -27.66 -19.63 -32.05
C LYS A 356 -26.24 -19.90 -31.56
N VAL A 357 -26.04 -21.09 -31.00
CA VAL A 357 -24.73 -21.47 -30.48
C VAL A 357 -24.18 -22.66 -31.23
N GLU A 358 -22.87 -22.64 -31.52
CA GLU A 358 -22.25 -23.73 -32.25
C GLU A 358 -21.13 -24.40 -31.46
N PRO A 359 -21.02 -25.73 -31.55
CA PRO A 359 -20.01 -26.55 -30.88
C PRO A 359 -18.60 -26.16 -31.28
N LEU A 360 -17.65 -26.27 -30.35
CA LEU A 360 -16.28 -25.92 -30.64
C LEU A 360 -15.35 -27.12 -30.78
N LEU A 361 -15.56 -28.15 -29.97
CA LEU A 361 -14.71 -29.34 -30.07
C LEU A 361 -15.09 -30.11 -31.34
N LYS A 362 -14.19 -30.16 -32.30
CA LYS A 362 -14.44 -30.85 -33.55
C LYS A 362 -13.36 -31.86 -33.81
N PRO A 363 -13.70 -32.99 -34.44
CA PRO A 363 -12.73 -34.06 -34.74
C PRO A 363 -11.62 -33.59 -35.68
N ILE A 364 -10.37 -33.85 -35.30
CA ILE A 364 -9.24 -33.46 -36.15
C ILE A 364 -8.35 -34.68 -36.48
N ILE A 365 -8.43 -35.71 -35.64
CA ILE A 365 -7.67 -36.93 -35.88
C ILE A 365 -8.49 -38.16 -35.54
N GLU A 366 -8.80 -38.93 -36.58
CA GLU A 366 -9.57 -40.15 -36.44
C GLU A 366 -8.60 -41.34 -36.52
N ASN A 367 -8.39 -41.98 -35.38
CA ASN A 367 -7.50 -43.11 -35.29
C ASN A 367 -6.16 -42.87 -35.98
N GLY A 368 -5.44 -41.86 -35.49
CA GLY A 368 -4.14 -41.53 -36.04
C GLY A 368 -4.19 -40.91 -37.42
N GLU A 369 -5.40 -40.66 -37.91
CA GLU A 369 -5.57 -40.08 -39.25
C GLU A 369 -6.07 -38.65 -39.14
N ILE A 370 -5.29 -37.70 -39.64
CA ILE A 370 -5.69 -36.30 -39.58
C ILE A 370 -6.75 -35.98 -40.60
N VAL A 371 -8.00 -36.02 -40.15
CA VAL A 371 -9.18 -35.77 -40.97
C VAL A 371 -9.40 -34.28 -41.28
N VAL A 372 -8.33 -33.47 -41.22
CA VAL A 372 -8.49 -32.05 -41.48
C VAL A 372 -7.35 -31.37 -42.24
N GLU A 373 -7.71 -30.32 -42.96
CA GLU A 373 -6.78 -29.51 -43.73
C GLU A 373 -6.52 -28.32 -42.80
N PHE A 374 -5.25 -28.01 -42.56
CA PHE A 374 -4.95 -26.92 -41.66
C PHE A 374 -4.68 -25.58 -42.31
N PRO A 375 -5.51 -24.58 -41.95
CA PRO A 375 -5.42 -23.22 -42.49
C PRO A 375 -4.03 -22.61 -42.37
N LYS A 376 -3.69 -21.75 -43.32
CA LYS A 376 -2.41 -21.09 -43.29
C LYS A 376 -2.47 -19.99 -42.24
N ALA A 377 -1.32 -19.71 -41.63
CA ALA A 377 -1.23 -18.69 -40.58
C ALA A 377 -2.11 -17.46 -40.73
N ARG A 378 -1.88 -16.66 -41.76
CA ARG A 378 -2.63 -15.43 -41.96
C ARG A 378 -4.16 -15.53 -41.89
N GLU A 379 -4.73 -16.66 -42.29
CA GLU A 379 -6.19 -16.78 -42.24
C GLU A 379 -6.62 -17.04 -40.80
N ILE A 380 -5.78 -17.73 -40.02
CA ILE A 380 -6.06 -17.99 -38.62
C ILE A 380 -6.06 -16.64 -37.94
N ARG A 381 -4.98 -15.90 -38.18
CA ARG A 381 -4.87 -14.57 -37.59
C ARG A 381 -6.13 -13.74 -37.92
N GLU A 382 -6.67 -13.95 -39.11
CA GLU A 382 -7.88 -13.26 -39.56
C GLU A 382 -8.96 -13.61 -38.52
N TYR A 383 -8.98 -14.89 -38.13
CA TYR A 383 -9.93 -15.42 -37.15
C TYR A 383 -9.82 -14.86 -35.73
N VAL A 384 -8.59 -14.60 -35.31
CA VAL A 384 -8.37 -14.06 -33.97
C VAL A 384 -8.91 -12.64 -33.88
N LEU A 385 -8.42 -11.78 -34.77
CA LEU A 385 -8.82 -10.39 -34.79
C LEU A 385 -10.33 -10.19 -34.95
N GLU A 386 -10.99 -11.07 -35.72
CA GLU A 386 -12.44 -10.98 -35.92
C GLU A 386 -13.13 -11.24 -34.58
N GLN A 387 -12.66 -12.27 -33.87
CA GLN A 387 -13.22 -12.62 -32.55
C GLN A 387 -13.00 -11.45 -31.60
N ALA A 388 -11.77 -10.95 -31.56
CA ALA A 388 -11.41 -9.83 -30.71
C ALA A 388 -12.45 -8.72 -30.83
N LYS A 389 -12.75 -8.33 -32.07
CA LYS A 389 -13.71 -7.25 -32.36
C LYS A 389 -15.17 -7.65 -32.15
N LYS A 390 -15.55 -8.83 -32.65
CA LYS A 390 -16.93 -9.28 -32.50
C LYS A 390 -17.28 -9.45 -31.02
N PHE A 391 -16.41 -10.12 -30.27
CA PHE A 391 -16.62 -10.36 -28.85
C PHE A 391 -16.29 -9.16 -27.97
N ASN A 392 -15.70 -8.14 -28.57
CA ASN A 392 -15.35 -6.94 -27.84
C ASN A 392 -14.43 -7.24 -26.63
N LEU A 393 -13.33 -7.98 -26.88
CA LEU A 393 -12.36 -8.35 -25.84
C LEU A 393 -11.74 -7.12 -25.19
N GLU A 394 -11.58 -7.20 -23.88
CA GLU A 394 -11.05 -6.08 -23.09
C GLU A 394 -9.69 -6.36 -22.43
N ILE A 395 -8.79 -5.39 -22.50
CA ILE A 395 -7.47 -5.52 -21.88
C ILE A 395 -7.45 -4.86 -20.51
N MET B 7 6.53 -31.10 -45.80
CA MET B 7 8.00 -31.12 -45.58
C MET B 7 8.33 -31.25 -44.08
N LYS B 8 8.42 -30.11 -43.39
CA LYS B 8 8.72 -30.07 -41.96
C LYS B 8 7.37 -30.03 -41.21
N ARG B 9 7.19 -30.90 -40.23
CA ARG B 9 5.93 -30.96 -39.49
C ARG B 9 5.85 -30.11 -38.23
N PHE B 10 6.96 -29.52 -37.82
CA PHE B 10 6.98 -28.69 -36.63
C PHE B 10 7.69 -27.38 -36.94
N TYR B 11 7.13 -26.27 -36.47
CA TYR B 11 7.72 -24.97 -36.72
C TYR B 11 8.95 -24.70 -35.90
N ILE B 12 9.97 -25.52 -36.09
CA ILE B 12 11.24 -25.36 -35.39
C ILE B 12 12.32 -25.11 -36.42
N ALA B 13 13.54 -24.83 -35.97
CA ALA B 13 14.65 -24.59 -36.88
C ALA B 13 15.59 -25.76 -36.76
N ASN B 14 16.11 -26.22 -37.89
CA ASN B 14 17.04 -27.35 -37.92
C ASN B 14 18.42 -26.85 -37.55
N GLU B 15 19.23 -27.73 -36.96
CA GLU B 15 20.56 -27.37 -36.54
C GLU B 15 21.32 -26.62 -37.63
N ASP B 16 21.09 -26.99 -38.89
CA ASP B 16 21.76 -26.32 -40.00
C ASP B 16 21.29 -24.90 -40.25
N GLU B 17 19.97 -24.73 -40.30
CA GLU B 17 19.38 -23.42 -40.54
C GLU B 17 19.85 -22.42 -39.51
N ILE B 18 20.06 -22.89 -38.28
CA ILE B 18 20.53 -22.02 -37.22
C ILE B 18 21.99 -21.68 -37.44
N LYS B 19 22.80 -22.71 -37.68
CA LYS B 19 24.23 -22.51 -37.90
C LYS B 19 24.39 -21.63 -39.13
N ALA B 20 23.42 -21.74 -40.04
CA ALA B 20 23.43 -20.95 -41.26
C ALA B 20 23.20 -19.46 -40.96
N GLY B 21 22.14 -19.16 -40.20
CA GLY B 21 21.83 -17.78 -39.87
C GLY B 21 20.48 -17.44 -40.45
N LYS B 22 19.76 -18.47 -40.87
CA LYS B 22 18.42 -18.32 -41.45
C LYS B 22 17.37 -17.85 -40.44
N THR B 23 17.72 -17.89 -39.16
CA THR B 23 16.80 -17.50 -38.10
C THR B 23 17.02 -16.10 -37.57
N THR B 24 17.67 -15.24 -38.34
CA THR B 24 17.90 -13.90 -37.83
C THR B 24 16.85 -12.89 -38.25
N ASP B 25 16.99 -11.68 -37.73
CA ASP B 25 16.07 -10.60 -38.04
C ASP B 25 16.54 -10.03 -39.38
N VAL B 26 15.64 -9.96 -40.35
CA VAL B 26 16.01 -9.45 -41.68
C VAL B 26 16.89 -8.23 -41.66
N TYR B 27 16.55 -7.21 -40.89
CA TYR B 27 17.36 -6.01 -40.88
C TYR B 27 18.84 -6.23 -40.60
N PHE B 28 19.23 -7.47 -40.32
CA PHE B 28 20.64 -7.78 -40.09
C PHE B 28 21.23 -8.21 -41.44
N LEU B 29 20.40 -8.89 -42.24
CA LEU B 29 20.79 -9.34 -43.58
C LEU B 29 21.03 -8.08 -44.39
N ARG B 30 20.06 -7.19 -44.37
CA ARG B 30 20.14 -5.93 -45.06
C ARG B 30 21.36 -5.14 -44.60
N THR B 31 21.79 -5.35 -43.37
CA THR B 31 22.97 -4.66 -42.87
C THR B 31 24.20 -5.24 -43.53
N LYS B 32 24.17 -6.53 -43.82
CA LYS B 32 25.31 -7.15 -44.47
C LYS B 32 25.37 -6.64 -45.91
N LYS B 33 24.21 -6.47 -46.53
CA LYS B 33 24.13 -5.96 -47.90
C LYS B 33 24.79 -4.59 -47.97
N ILE B 34 24.22 -3.60 -47.28
CA ILE B 34 24.78 -2.26 -47.28
C ILE B 34 26.30 -2.28 -47.15
N LEU B 35 26.79 -2.98 -46.12
CA LEU B 35 28.22 -3.10 -45.83
C LEU B 35 29.02 -3.81 -46.91
N GLU B 36 28.49 -4.91 -47.43
CA GLU B 36 29.15 -5.69 -48.45
C GLU B 36 29.19 -4.95 -49.79
N VAL B 37 28.03 -4.54 -50.27
CA VAL B 37 27.93 -3.81 -51.52
C VAL B 37 28.74 -2.52 -51.48
N LYS B 38 28.27 -1.55 -50.72
CA LYS B 38 28.96 -0.26 -50.58
C LYS B 38 30.34 -0.53 -49.96
N ASN B 39 30.65 -1.82 -49.84
CA ASN B 39 31.89 -2.34 -49.28
C ASN B 39 32.49 -1.52 -48.12
N ILE B 40 31.96 -1.76 -46.92
CA ILE B 40 32.41 -1.07 -45.73
C ILE B 40 32.93 -2.11 -44.76
N ARG B 41 34.02 -2.78 -45.13
CA ARG B 41 34.59 -3.80 -44.28
C ARG B 41 35.51 -3.18 -43.24
N LYS B 42 35.38 -3.62 -41.99
CA LYS B 42 36.22 -3.13 -40.91
C LYS B 42 36.11 -3.96 -39.63
N LYS B 43 37.20 -4.00 -38.87
CA LYS B 43 37.27 -4.75 -37.63
C LYS B 43 36.59 -4.02 -36.47
N VAL B 44 35.76 -4.76 -35.74
CA VAL B 44 35.03 -4.22 -34.61
C VAL B 44 35.02 -5.21 -33.46
N LEU B 45 34.86 -4.70 -32.25
CA LEU B 45 34.78 -5.54 -31.08
C LEU B 45 33.39 -5.30 -30.48
N ALA B 46 32.58 -6.35 -30.43
CA ALA B 46 31.25 -6.26 -29.88
C ALA B 46 31.22 -6.88 -28.48
N ASP B 47 30.39 -6.31 -27.62
CA ASP B 47 30.21 -6.74 -26.24
C ASP B 47 28.83 -7.34 -26.04
N VAL B 48 28.71 -8.27 -25.10
CA VAL B 48 27.42 -8.85 -24.78
C VAL B 48 27.19 -8.61 -23.27
N THR B 49 26.15 -7.86 -22.93
CA THR B 49 25.84 -7.54 -21.54
C THR B 49 24.35 -7.37 -21.37
N THR B 50 23.95 -6.95 -20.18
CA THR B 50 22.55 -6.66 -19.85
C THR B 50 22.67 -5.47 -18.94
N THR B 51 21.66 -4.61 -18.99
CA THR B 51 21.62 -3.42 -18.15
C THR B 51 20.80 -3.77 -16.92
N SER B 52 20.23 -4.96 -16.92
CA SER B 52 19.42 -5.41 -15.81
C SER B 52 19.23 -6.90 -15.88
N LEU B 53 18.81 -7.47 -14.76
CA LEU B 53 18.52 -8.90 -14.70
C LEU B 53 17.05 -8.96 -14.37
N PRO B 54 16.39 -10.09 -14.64
CA PRO B 54 14.97 -10.18 -14.33
C PRO B 54 14.65 -9.82 -12.89
N ASN B 55 13.49 -9.20 -12.69
CA ASN B 55 13.00 -8.80 -11.38
C ASN B 55 14.00 -7.96 -10.61
N ASN B 56 14.94 -7.38 -11.34
CA ASN B 56 15.98 -6.57 -10.74
C ASN B 56 16.80 -7.35 -9.74
N TRP B 57 17.10 -8.60 -10.10
CA TRP B 57 17.90 -9.46 -9.25
C TRP B 57 19.29 -8.89 -9.27
N ARG B 58 20.08 -9.22 -8.26
CA ARG B 58 21.44 -8.71 -8.16
C ARG B 58 22.46 -9.47 -9.03
N TRP B 59 22.29 -10.78 -9.18
CA TRP B 59 23.21 -11.58 -9.97
C TRP B 59 22.46 -12.56 -10.83
N GLY B 60 23.16 -13.20 -11.76
CA GLY B 60 22.58 -14.19 -12.63
C GLY B 60 23.60 -15.26 -12.94
N VAL B 61 23.19 -16.40 -13.49
CA VAL B 61 24.10 -17.50 -13.81
C VAL B 61 24.32 -17.62 -15.32
N LEU B 62 25.56 -17.38 -15.76
CA LEU B 62 25.87 -17.43 -17.19
C LEU B 62 25.70 -18.82 -17.77
N VAL B 63 24.98 -18.94 -18.88
CA VAL B 63 24.75 -20.23 -19.53
C VAL B 63 24.60 -20.12 -21.05
N GLY B 64 25.19 -21.08 -21.76
CA GLY B 64 25.12 -21.09 -23.20
C GLY B 64 26.42 -20.80 -23.94
N VAL B 65 27.49 -20.51 -23.21
CA VAL B 65 28.78 -20.21 -23.84
C VAL B 65 29.15 -21.32 -24.83
N GLU B 66 28.75 -22.54 -24.52
CA GLU B 66 29.04 -23.68 -25.38
C GLU B 66 28.38 -23.52 -26.75
N GLU B 67 27.05 -23.63 -26.78
CA GLU B 67 26.33 -23.49 -28.04
C GLU B 67 26.80 -22.30 -28.88
N VAL B 68 27.13 -21.19 -28.24
CA VAL B 68 27.58 -20.02 -28.98
C VAL B 68 28.89 -20.30 -29.71
N ALA B 69 29.78 -21.04 -29.06
CA ALA B 69 31.05 -21.36 -29.69
C ALA B 69 30.76 -22.29 -30.88
N LYS B 70 29.89 -23.28 -30.67
CA LYS B 70 29.52 -24.22 -31.72
C LYS B 70 28.75 -23.52 -32.86
N LEU B 71 28.43 -22.24 -32.68
CA LEU B 71 27.69 -21.50 -33.71
C LEU B 71 28.60 -20.58 -34.53
N LEU B 72 29.48 -19.86 -33.85
CA LEU B 72 30.42 -18.97 -34.49
C LEU B 72 31.62 -19.77 -35.00
N GLU B 73 31.56 -21.08 -34.80
CA GLU B 73 32.61 -21.99 -35.23
C GLU B 73 32.79 -21.91 -36.75
N GLY B 74 34.03 -21.73 -37.19
CA GLY B 74 34.31 -21.65 -38.61
C GLY B 74 33.85 -20.32 -39.17
N ILE B 75 34.13 -19.26 -38.43
CA ILE B 75 33.76 -17.92 -38.86
C ILE B 75 34.87 -16.95 -38.49
N PRO B 76 35.25 -16.07 -39.44
CA PRO B 76 36.28 -15.03 -39.39
C PRO B 76 36.39 -14.14 -38.14
N VAL B 77 36.21 -14.72 -36.95
CA VAL B 77 36.25 -13.91 -35.73
C VAL B 77 36.83 -14.57 -34.49
N ASN B 78 37.11 -13.75 -33.49
CA ASN B 78 37.61 -14.24 -32.22
C ASN B 78 36.47 -14.13 -31.22
N VAL B 79 36.42 -15.05 -30.26
CA VAL B 79 35.36 -15.05 -29.29
C VAL B 79 35.90 -15.29 -27.90
N TYR B 80 35.97 -14.22 -27.10
CA TYR B 80 36.43 -14.35 -25.71
C TYR B 80 35.17 -14.48 -24.84
N ALA B 81 35.28 -15.16 -23.71
CA ALA B 81 34.13 -15.35 -22.85
C ALA B 81 34.48 -15.72 -21.43
N MET B 82 33.44 -15.80 -20.60
CA MET B 82 33.59 -16.18 -19.20
C MET B 82 33.23 -17.66 -19.21
N PRO B 83 33.78 -18.42 -18.26
CA PRO B 83 33.45 -19.85 -18.23
C PRO B 83 31.96 -20.06 -17.97
N GLU B 84 31.32 -20.91 -18.77
CA GLU B 84 29.90 -21.17 -18.57
C GLU B 84 29.64 -21.48 -17.09
N GLY B 85 28.60 -20.86 -16.53
CA GLY B 85 28.26 -21.11 -15.15
C GLY B 85 28.73 -19.99 -14.24
N THR B 86 29.52 -19.07 -14.78
CA THR B 86 30.02 -17.97 -14.00
C THR B 86 28.89 -17.06 -13.50
N ILE B 87 29.04 -16.59 -12.26
CA ILE B 87 28.07 -15.67 -11.70
C ILE B 87 28.44 -14.33 -12.33
N PHE B 88 27.47 -13.60 -12.86
CA PHE B 88 27.77 -12.31 -13.47
C PHE B 88 26.80 -11.22 -13.03
N HIS B 89 27.05 -10.01 -13.55
CA HIS B 89 26.24 -8.85 -13.21
C HIS B 89 25.98 -7.94 -14.40
N PRO B 90 25.13 -6.92 -14.18
CA PRO B 90 24.83 -6.00 -15.28
C PRO B 90 26.08 -5.21 -15.64
N TYR B 91 26.15 -4.79 -16.90
CA TYR B 91 27.27 -4.01 -17.41
C TYR B 91 28.60 -4.74 -17.55
N GLU B 92 28.63 -6.00 -17.13
CA GLU B 92 29.84 -6.79 -17.25
C GLU B 92 29.72 -7.69 -18.47
N PRO B 93 30.62 -7.50 -19.45
CA PRO B 93 30.57 -8.32 -20.65
C PRO B 93 30.78 -9.79 -20.30
N VAL B 94 29.86 -10.63 -20.76
CA VAL B 94 29.96 -12.06 -20.48
C VAL B 94 30.56 -12.77 -21.68
N LEU B 95 30.67 -12.05 -22.80
CA LEU B 95 31.21 -12.61 -24.03
C LEU B 95 31.47 -11.49 -25.06
N GLN B 96 32.62 -11.56 -25.72
CA GLN B 96 33.00 -10.56 -26.71
C GLN B 96 33.26 -11.21 -28.06
N ILE B 97 33.21 -10.41 -29.12
CA ILE B 97 33.47 -10.93 -30.45
C ILE B 97 34.25 -9.90 -31.23
N GLU B 98 35.27 -10.36 -31.94
CA GLU B 98 36.08 -9.46 -32.74
C GLU B 98 36.10 -9.87 -34.19
N GLY B 99 36.00 -8.90 -35.08
CA GLY B 99 36.03 -9.20 -36.49
C GLY B 99 35.24 -8.22 -37.33
N ASP B 100 35.03 -8.56 -38.58
CA ASP B 100 34.27 -7.72 -39.50
C ASP B 100 32.80 -7.92 -39.18
N TYR B 101 32.13 -6.86 -38.72
CA TYR B 101 30.72 -7.00 -38.39
C TYR B 101 30.00 -7.67 -39.55
N ALA B 102 30.45 -7.37 -40.76
CA ALA B 102 29.84 -7.93 -41.95
C ALA B 102 29.80 -9.46 -41.94
N ASP B 103 30.70 -10.06 -41.16
CA ASP B 103 30.79 -11.52 -41.07
C ASP B 103 29.87 -12.19 -40.03
N PHE B 104 29.96 -11.78 -38.78
CA PHE B 104 29.17 -12.37 -37.70
C PHE B 104 27.86 -11.68 -37.34
N GLY B 105 27.74 -10.39 -37.67
CA GLY B 105 26.54 -9.63 -37.34
C GLY B 105 25.21 -10.33 -37.60
N ILE B 106 25.23 -11.31 -38.48
CA ILE B 106 24.02 -12.04 -38.83
C ILE B 106 23.81 -13.17 -37.84
N TYR B 107 24.52 -13.13 -36.72
CA TYR B 107 24.38 -14.19 -35.72
C TYR B 107 23.92 -13.72 -34.35
N GLU B 108 23.43 -12.49 -34.28
CA GLU B 108 22.95 -11.94 -33.03
C GLU B 108 21.72 -12.68 -32.60
N THR B 109 20.71 -12.65 -33.45
CA THR B 109 19.44 -13.29 -33.18
C THR B 109 19.58 -14.69 -32.58
N ALA B 110 20.62 -15.41 -33.02
CA ALA B 110 20.84 -16.76 -32.53
C ALA B 110 21.66 -16.82 -31.26
N LEU B 111 22.82 -16.15 -31.26
CA LEU B 111 23.69 -16.17 -30.09
C LEU B 111 23.03 -15.57 -28.86
N LEU B 112 22.43 -14.39 -28.99
CA LEU B 112 21.77 -13.78 -27.83
C LEU B 112 20.69 -14.70 -27.27
N GLY B 113 19.90 -15.28 -28.15
CA GLY B 113 18.85 -16.18 -27.68
C GLY B 113 19.43 -17.35 -26.89
N MET B 114 20.57 -17.85 -27.37
CA MET B 114 21.24 -18.97 -26.73
C MET B 114 21.71 -18.60 -25.31
N LEU B 115 22.29 -17.41 -25.14
CA LEU B 115 22.75 -17.01 -23.82
C LEU B 115 21.57 -16.60 -22.92
N SER B 116 20.68 -15.79 -23.47
CA SER B 116 19.49 -15.25 -22.77
C SER B 116 18.54 -16.17 -22.00
N GLN B 117 17.92 -17.12 -22.69
CA GLN B 117 16.97 -18.01 -22.05
C GLN B 117 17.62 -19.01 -21.10
N ALA B 118 18.79 -19.52 -21.49
CA ALA B 118 19.53 -20.48 -20.67
C ALA B 118 19.91 -19.76 -19.38
N SER B 119 20.61 -18.65 -19.51
CA SER B 119 21.00 -17.87 -18.36
C SER B 119 19.79 -17.55 -17.49
N GLY B 120 18.67 -17.27 -18.14
CA GLY B 120 17.45 -16.99 -17.41
C GLY B 120 17.04 -18.21 -16.57
N ILE B 121 16.86 -19.36 -17.21
CA ILE B 121 16.49 -20.55 -16.48
C ILE B 121 17.47 -20.91 -15.35
N ALA B 122 18.77 -20.80 -15.63
CA ALA B 122 19.77 -21.13 -14.64
C ALA B 122 19.64 -20.26 -13.41
N THR B 123 19.73 -18.95 -13.61
CA THR B 123 19.59 -18.01 -12.49
C THR B 123 18.36 -18.35 -11.66
N ALA B 124 17.25 -18.60 -12.35
CA ALA B 124 16.03 -18.95 -11.67
C ALA B 124 16.32 -20.12 -10.75
N ALA B 125 16.81 -21.20 -11.36
CA ALA B 125 17.13 -22.43 -10.64
C ALA B 125 18.01 -22.19 -9.41
N LEU B 126 19.17 -21.58 -9.61
CA LEU B 126 20.06 -21.34 -8.50
C LEU B 126 19.36 -20.65 -7.35
N ARG B 127 18.52 -19.65 -7.66
CA ARG B 127 17.79 -18.92 -6.62
C ARG B 127 16.86 -19.86 -5.86
N ILE B 128 16.24 -20.80 -6.58
CA ILE B 128 15.34 -21.77 -5.95
C ILE B 128 16.18 -22.65 -5.06
N LYS B 129 17.33 -23.08 -5.57
CA LYS B 129 18.22 -23.93 -4.80
C LYS B 129 18.46 -23.21 -3.48
N ILE B 130 19.05 -22.01 -3.54
CA ILE B 130 19.29 -21.24 -2.33
C ILE B 130 18.04 -21.17 -1.44
N ALA B 131 16.91 -20.73 -1.96
CA ALA B 131 15.70 -20.64 -1.14
C ALA B 131 15.33 -21.97 -0.48
N ALA B 132 15.71 -23.08 -1.10
CA ALA B 132 15.38 -24.41 -0.55
C ALA B 132 16.46 -24.92 0.40
N LYS B 133 17.36 -24.02 0.82
CA LYS B 133 18.44 -24.37 1.74
C LYS B 133 19.22 -25.52 1.09
N PHE B 134 19.58 -25.32 -0.18
CA PHE B 134 20.33 -26.30 -0.95
C PHE B 134 19.85 -27.75 -0.88
N LYS B 135 18.64 -27.96 -0.36
CA LYS B 135 18.09 -29.30 -0.33
C LYS B 135 17.91 -29.79 -1.77
N PRO B 136 17.45 -31.02 -1.98
CA PRO B 136 17.31 -31.42 -3.38
C PRO B 136 16.11 -30.79 -4.11
N VAL B 137 16.32 -30.47 -5.39
CA VAL B 137 15.31 -29.85 -6.24
C VAL B 137 15.39 -30.46 -7.64
N TYR B 138 14.26 -30.95 -8.13
CA TYR B 138 14.23 -31.56 -9.45
C TYR B 138 13.41 -30.80 -10.48
N SER B 139 14.01 -30.54 -11.63
CA SER B 139 13.35 -29.83 -12.72
C SER B 139 12.22 -30.69 -13.31
N PHE B 140 11.02 -30.12 -13.40
CA PHE B 140 9.83 -30.82 -13.93
C PHE B 140 9.09 -29.97 -14.96
N GLY B 141 9.60 -28.76 -15.20
CA GLY B 141 8.94 -27.83 -16.10
C GLY B 141 8.86 -27.93 -17.62
N ILE B 142 9.67 -28.75 -18.27
CA ILE B 142 9.60 -28.80 -19.72
C ILE B 142 8.23 -29.02 -20.34
N ARG B 143 7.23 -29.37 -19.54
CA ARG B 143 5.89 -29.56 -20.14
C ARG B 143 5.25 -28.21 -20.48
N HIS B 144 5.80 -27.14 -19.94
CA HIS B 144 5.21 -25.83 -20.21
C HIS B 144 5.89 -25.10 -21.38
N MET B 145 6.86 -25.75 -22.02
CA MET B 145 7.53 -25.10 -23.14
C MET B 145 7.62 -26.04 -24.32
N HIS B 146 8.04 -25.53 -25.47
CA HIS B 146 8.18 -26.35 -26.67
C HIS B 146 9.23 -27.45 -26.50
N PRO B 147 8.87 -28.69 -26.86
CA PRO B 147 9.77 -29.84 -26.75
C PRO B 147 11.10 -29.65 -27.44
N ALA B 148 11.09 -28.89 -28.54
CA ALA B 148 12.32 -28.66 -29.26
C ALA B 148 13.43 -28.22 -28.32
N ILE B 149 13.09 -27.44 -27.31
CA ILE B 149 14.11 -26.95 -26.39
C ILE B 149 14.14 -27.71 -25.05
N ALA B 150 13.36 -28.78 -24.97
CA ALA B 150 13.28 -29.60 -23.75
C ALA B 150 14.66 -29.82 -23.10
N PRO B 151 15.66 -30.19 -23.91
CA PRO B 151 16.98 -30.40 -23.35
C PRO B 151 17.67 -29.12 -22.89
N MET B 152 17.78 -28.11 -23.76
CA MET B 152 18.47 -26.91 -23.32
C MET B 152 17.98 -26.53 -21.93
N ILE B 153 16.67 -26.63 -21.74
CA ILE B 153 16.09 -26.27 -20.46
C ILE B 153 16.58 -27.15 -19.32
N ASP B 154 16.33 -28.45 -19.40
CA ASP B 154 16.77 -29.35 -18.33
C ASP B 154 18.26 -29.22 -18.06
N ARG B 155 19.04 -28.92 -19.10
CA ARG B 155 20.48 -28.77 -18.96
C ARG B 155 20.78 -27.48 -18.16
N ALA B 156 19.88 -26.51 -18.28
CA ALA B 156 20.03 -25.22 -17.62
C ALA B 156 19.58 -25.31 -16.18
N ALA B 157 18.51 -26.06 -15.95
CA ALA B 157 17.97 -26.25 -14.59
C ALA B 157 19.05 -26.94 -13.80
N PHE B 158 19.74 -27.84 -14.50
CA PHE B 158 20.83 -28.62 -13.93
C PHE B 158 21.97 -27.70 -13.54
N ILE B 159 22.67 -27.18 -14.53
CA ILE B 159 23.76 -26.27 -14.25
C ILE B 159 23.34 -25.30 -13.15
N GLY B 160 22.06 -24.98 -13.11
CA GLY B 160 21.53 -24.03 -12.13
C GLY B 160 21.57 -24.50 -10.70
N GLY B 161 21.56 -25.80 -10.51
CA GLY B 161 21.59 -26.34 -9.17
C GLY B 161 20.62 -27.48 -8.97
N CYS B 162 19.79 -27.74 -9.97
CA CYS B 162 18.83 -28.83 -9.84
C CYS B 162 19.56 -30.14 -9.80
N ASP B 163 19.23 -30.94 -8.79
CA ASP B 163 19.85 -32.24 -8.62
C ASP B 163 19.53 -33.13 -9.79
N GLY B 164 18.26 -33.17 -10.18
CA GLY B 164 17.89 -34.04 -11.29
C GLY B 164 16.98 -33.41 -12.31
N VAL B 165 16.74 -34.14 -13.38
CA VAL B 165 15.92 -33.64 -14.46
C VAL B 165 14.87 -34.66 -14.91
N SER B 166 13.67 -34.17 -15.12
CA SER B 166 12.52 -34.97 -15.57
C SER B 166 12.66 -35.47 -17.00
N GLY B 167 13.22 -34.62 -17.86
CA GLY B 167 13.37 -34.95 -19.25
C GLY B 167 14.35 -36.05 -19.61
N VAL B 168 13.87 -37.03 -20.36
CA VAL B 168 14.70 -38.15 -20.80
C VAL B 168 15.83 -37.69 -21.73
N LEU B 169 15.47 -37.29 -22.94
CA LEU B 169 16.45 -36.84 -23.91
C LEU B 169 17.38 -35.79 -23.29
N GLY B 170 16.83 -34.96 -22.42
CA GLY B 170 17.64 -33.94 -21.78
C GLY B 170 18.65 -34.54 -20.80
N ALA B 171 18.22 -35.55 -20.07
CA ALA B 171 19.07 -36.21 -19.10
C ALA B 171 20.31 -36.72 -19.82
N GLU B 172 20.09 -37.57 -20.83
CA GLU B 172 21.16 -38.17 -21.64
C GLU B 172 22.21 -37.20 -22.19
N MET B 173 21.79 -36.34 -23.11
CA MET B 173 22.70 -35.38 -23.73
C MET B 173 23.69 -34.80 -22.72
N MET B 174 23.33 -34.86 -21.44
CA MET B 174 24.19 -34.35 -20.38
C MET B 174 25.05 -35.49 -19.82
N GLY B 175 24.44 -36.67 -19.70
CA GLY B 175 25.11 -37.83 -19.16
C GLY B 175 24.56 -38.02 -17.75
N GLU B 176 23.23 -37.98 -17.65
CA GLU B 176 22.55 -38.12 -16.37
C GLU B 176 21.32 -38.98 -16.50
N LYS B 177 20.80 -39.47 -15.39
CA LYS B 177 19.61 -40.30 -15.43
C LYS B 177 18.38 -39.47 -15.11
N ALA B 178 17.42 -39.46 -16.02
CA ALA B 178 16.20 -38.69 -15.80
C ALA B 178 15.39 -39.36 -14.70
N VAL B 179 15.19 -38.66 -13.59
CA VAL B 179 14.43 -39.20 -12.48
C VAL B 179 12.99 -38.74 -12.58
N GLY B 180 12.13 -39.30 -11.72
CA GLY B 180 10.73 -38.94 -11.72
C GLY B 180 9.98 -39.70 -10.65
N THR B 181 8.65 -39.64 -10.68
CA THR B 181 7.83 -40.33 -9.70
C THR B 181 6.62 -41.01 -10.35
N MET B 182 5.43 -40.68 -9.89
CA MET B 182 4.18 -41.27 -10.41
C MET B 182 3.19 -40.24 -10.91
N PRO B 183 2.54 -40.56 -12.03
CA PRO B 183 1.55 -39.66 -12.64
C PRO B 183 0.19 -39.93 -12.03
N HIS B 184 -0.74 -39.01 -12.24
CA HIS B 184 -2.08 -39.17 -11.73
C HIS B 184 -2.80 -40.14 -12.65
N ALA B 185 -2.36 -40.15 -13.91
CA ALA B 185 -2.95 -41.02 -14.91
C ALA B 185 -2.77 -42.48 -14.49
N LEU B 186 -1.58 -42.83 -14.04
CA LEU B 186 -1.34 -44.21 -13.64
C LEU B 186 -2.37 -44.67 -12.62
N ILE B 187 -2.43 -43.97 -11.50
CA ILE B 187 -3.37 -44.33 -10.46
C ILE B 187 -4.82 -44.34 -10.91
N ILE B 188 -5.20 -43.40 -11.78
CA ILE B 188 -6.58 -43.33 -12.25
C ILE B 188 -6.98 -44.42 -13.25
N THR B 189 -6.08 -44.78 -14.17
CA THR B 189 -6.41 -45.83 -15.16
C THR B 189 -6.42 -47.18 -14.42
N VAL B 190 -5.44 -47.40 -13.55
CA VAL B 190 -5.35 -48.63 -12.76
C VAL B 190 -6.59 -48.74 -11.87
N GLY B 191 -7.25 -47.61 -11.64
CA GLY B 191 -8.47 -47.60 -10.84
C GLY B 191 -8.38 -47.70 -9.33
N ASP B 192 -7.16 -47.85 -8.80
CA ASP B 192 -7.00 -47.95 -7.35
C ASP B 192 -5.65 -47.47 -6.88
N GLN B 193 -5.66 -46.58 -5.89
CA GLN B 193 -4.42 -46.03 -5.34
C GLN B 193 -3.42 -47.13 -4.95
N VAL B 194 -3.84 -47.97 -4.00
CA VAL B 194 -2.98 -49.03 -3.51
C VAL B 194 -2.48 -49.96 -4.61
N LYS B 195 -3.41 -50.46 -5.40
CA LYS B 195 -3.09 -51.37 -6.50
C LYS B 195 -2.07 -50.73 -7.43
N ALA B 196 -2.22 -49.42 -7.60
CA ALA B 196 -1.32 -48.64 -8.45
C ALA B 196 0.13 -48.63 -7.97
N TRP B 197 0.36 -48.08 -6.79
CA TRP B 197 1.73 -48.04 -6.31
C TRP B 197 2.28 -49.39 -5.92
N LYS B 198 1.45 -50.43 -6.02
CA LYS B 198 1.90 -51.79 -5.73
C LYS B 198 2.54 -52.24 -7.04
N TYR B 199 1.79 -52.04 -8.12
CA TYR B 199 2.25 -52.39 -9.45
C TYR B 199 3.56 -51.68 -9.76
N PHE B 200 3.65 -50.43 -9.32
CA PHE B 200 4.87 -49.67 -9.55
C PHE B 200 6.03 -50.30 -8.78
N ASP B 201 5.79 -50.69 -7.53
CA ASP B 201 6.82 -51.28 -6.68
C ASP B 201 7.40 -52.57 -7.27
N GLU B 202 6.56 -53.34 -7.96
CA GLU B 202 7.01 -54.59 -8.55
C GLU B 202 7.57 -54.45 -9.97
N VAL B 203 6.83 -53.78 -10.86
CA VAL B 203 7.27 -53.62 -12.24
C VAL B 203 8.53 -52.79 -12.48
N ILE B 204 8.67 -51.68 -11.79
CA ILE B 204 9.84 -50.82 -11.99
C ILE B 204 11.09 -51.33 -11.25
N GLU B 205 12.26 -51.01 -11.80
CA GLU B 205 13.52 -51.43 -11.22
C GLU B 205 13.59 -51.09 -9.74
N GLU B 206 14.55 -51.68 -9.05
CA GLU B 206 14.69 -51.43 -7.63
C GLU B 206 15.49 -50.19 -7.34
N GLU B 207 16.39 -49.84 -8.25
CA GLU B 207 17.22 -48.65 -8.08
C GLU B 207 16.41 -47.36 -8.14
N VAL B 208 15.15 -47.47 -8.53
CA VAL B 208 14.26 -46.31 -8.65
C VAL B 208 13.51 -46.01 -7.35
N PRO B 209 13.89 -44.93 -6.65
CA PRO B 209 13.22 -44.57 -5.40
C PRO B 209 11.73 -44.62 -5.63
N ARG B 210 10.99 -45.09 -4.65
CA ARG B 210 9.55 -45.18 -4.82
C ARG B 210 8.79 -44.14 -3.99
N ILE B 211 8.32 -43.11 -4.68
CA ILE B 211 7.56 -42.05 -4.05
C ILE B 211 6.11 -42.24 -4.48
N ALA B 212 5.21 -42.33 -3.52
CA ALA B 212 3.80 -42.52 -3.80
C ALA B 212 3.03 -41.23 -4.06
N LEU B 213 2.28 -41.21 -5.15
CA LEU B 213 1.49 -40.05 -5.49
C LEU B 213 0.21 -40.13 -4.67
N VAL B 214 0.22 -39.48 -3.52
CA VAL B 214 -0.89 -39.48 -2.59
C VAL B 214 -2.20 -38.87 -3.08
N ASP B 215 -2.35 -37.57 -2.87
CA ASP B 215 -3.57 -36.84 -3.26
C ASP B 215 -4.11 -37.21 -4.65
N THR B 216 -5.27 -37.87 -4.69
CA THR B 216 -5.89 -38.25 -5.98
C THR B 216 -7.42 -38.21 -5.87
N PHE B 217 -7.96 -38.97 -4.93
CA PHE B 217 -9.41 -39.02 -4.69
C PHE B 217 -9.67 -38.69 -3.23
N TYR B 218 -8.89 -39.32 -2.36
CA TYR B 218 -8.98 -39.13 -0.91
C TYR B 218 -8.07 -37.98 -0.51
N ASP B 219 -8.15 -37.54 0.74
CA ASP B 219 -7.29 -36.46 1.22
C ASP B 219 -5.84 -36.96 1.34
N GLU B 220 -4.88 -36.05 1.28
CA GLU B 220 -3.49 -36.45 1.38
C GLU B 220 -3.27 -37.20 2.68
N LYS B 221 -3.93 -36.72 3.72
CA LYS B 221 -3.82 -37.32 5.04
C LYS B 221 -4.19 -38.80 5.02
N VAL B 222 -5.31 -39.10 4.37
CA VAL B 222 -5.76 -40.49 4.30
C VAL B 222 -4.86 -41.34 3.41
N GLU B 223 -4.69 -40.94 2.15
CA GLU B 223 -3.87 -41.70 1.21
C GLU B 223 -2.41 -41.80 1.61
N ALA B 224 -1.94 -40.89 2.48
CA ALA B 224 -0.55 -40.94 2.90
C ALA B 224 -0.30 -42.21 3.72
N VAL B 225 -1.09 -42.44 4.76
CA VAL B 225 -0.92 -43.63 5.60
C VAL B 225 -1.14 -44.90 4.77
N MET B 226 -2.14 -44.88 3.88
CA MET B 226 -2.40 -46.03 3.02
C MET B 226 -1.09 -46.42 2.32
N ALA B 227 -0.49 -45.46 1.63
CA ALA B 227 0.76 -45.71 0.91
C ALA B 227 1.84 -46.23 1.86
N ALA B 228 1.72 -45.88 3.13
CA ALA B 228 2.69 -46.31 4.13
C ALA B 228 2.40 -47.76 4.44
N GLU B 229 1.14 -48.04 4.81
CA GLU B 229 0.72 -49.40 5.11
C GLU B 229 0.49 -50.10 3.77
N ALA B 230 1.59 -50.24 3.06
CA ALA B 230 1.67 -50.86 1.75
C ALA B 230 3.12 -50.55 1.42
N LEU B 231 3.87 -51.56 0.98
CA LEU B 231 5.29 -51.39 0.68
C LEU B 231 6.08 -50.86 1.88
N GLY B 232 5.38 -50.39 2.91
CA GLY B 232 6.00 -49.87 4.11
C GLY B 232 7.39 -49.27 3.96
N LYS B 233 8.42 -50.10 4.11
CA LYS B 233 9.81 -49.66 3.98
C LYS B 233 10.28 -49.58 2.54
N LYS B 234 9.35 -49.80 1.62
CA LYS B 234 9.63 -49.71 0.18
C LYS B 234 9.24 -48.28 -0.26
N LEU B 235 8.44 -47.63 0.57
CA LEU B 235 7.97 -46.28 0.32
C LEU B 235 9.05 -45.27 0.72
N PHE B 236 9.87 -44.88 -0.26
CA PHE B 236 10.93 -43.92 0.02
C PHE B 236 10.43 -42.54 0.42
N ALA B 237 9.33 -42.10 -0.20
CA ALA B 237 8.78 -40.81 0.11
C ALA B 237 7.35 -40.70 -0.39
N VAL B 238 6.68 -39.66 0.07
CA VAL B 238 5.31 -39.40 -0.35
C VAL B 238 5.31 -38.05 -1.06
N ARG B 239 4.57 -37.93 -2.16
CA ARG B 239 4.53 -36.66 -2.91
C ARG B 239 3.24 -35.89 -2.68
N LEU B 240 3.38 -34.61 -2.35
CA LEU B 240 2.24 -33.74 -2.14
C LEU B 240 2.24 -32.66 -3.22
N ASP B 241 1.15 -32.59 -3.97
CA ASP B 241 0.99 -31.62 -5.04
C ASP B 241 -0.44 -31.10 -5.00
N THR B 242 -0.91 -30.77 -3.80
CA THR B 242 -2.26 -30.26 -3.62
C THR B 242 -2.65 -29.24 -4.69
N PRO B 243 -3.81 -29.44 -5.34
CA PRO B 243 -4.29 -28.51 -6.36
C PRO B 243 -4.52 -27.15 -5.71
N SER B 244 -4.33 -26.08 -6.47
CA SER B 244 -4.51 -24.73 -5.96
C SER B 244 -5.87 -24.51 -5.30
N SER B 245 -6.90 -25.10 -5.87
CA SER B 245 -8.22 -24.94 -5.29
C SER B 245 -8.25 -25.57 -3.89
N ARG B 246 -7.29 -26.47 -3.64
CA ARG B 246 -7.25 -27.15 -2.35
C ARG B 246 -6.15 -26.68 -1.38
N ARG B 247 -5.17 -25.94 -1.88
CA ARG B 247 -4.10 -25.45 -1.01
C ARG B 247 -4.47 -24.27 -0.13
N GLY B 248 -5.16 -24.54 0.99
CA GLY B 248 -5.52 -23.47 1.91
C GLY B 248 -4.24 -22.97 2.58
N ASN B 249 -3.49 -23.90 3.16
CA ASN B 249 -2.23 -23.59 3.82
C ASN B 249 -1.33 -24.79 3.59
N PHE B 250 -0.53 -24.73 2.53
CA PHE B 250 0.33 -25.84 2.19
C PHE B 250 1.17 -26.26 3.39
N ARG B 251 1.79 -25.29 4.05
CA ARG B 251 2.62 -25.59 5.21
C ARG B 251 1.86 -26.50 6.17
N LYS B 252 0.71 -26.03 6.61
CA LYS B 252 -0.11 -26.79 7.54
C LYS B 252 -0.45 -28.16 6.98
N ILE B 253 -0.83 -28.23 5.71
CA ILE B 253 -1.16 -29.51 5.12
C ILE B 253 0.06 -30.43 5.19
N ILE B 254 1.25 -29.90 4.90
CA ILE B 254 2.47 -30.71 4.93
C ILE B 254 2.76 -31.25 6.32
N GLU B 255 2.49 -30.44 7.34
CA GLU B 255 2.73 -30.87 8.72
C GLU B 255 1.77 -31.99 9.11
N GLU B 256 0.49 -31.78 8.86
CA GLU B 256 -0.55 -32.77 9.17
C GLU B 256 -0.17 -34.14 8.61
N VAL B 257 0.40 -34.19 7.41
CA VAL B 257 0.80 -35.46 6.84
C VAL B 257 1.93 -36.06 7.68
N ARG B 258 2.93 -35.24 7.98
CA ARG B 258 4.05 -35.69 8.79
C ARG B 258 3.54 -36.24 10.10
N TRP B 259 2.52 -35.59 10.67
CA TRP B 259 1.99 -36.05 11.94
C TRP B 259 1.33 -37.40 11.80
N GLU B 260 0.27 -37.47 11.00
CA GLU B 260 -0.45 -38.72 10.79
C GLU B 260 0.48 -39.87 10.47
N LEU B 261 1.63 -39.58 9.90
CA LEU B 261 2.58 -40.62 9.60
C LEU B 261 3.39 -40.94 10.86
N LYS B 262 3.91 -39.90 11.50
CA LYS B 262 4.69 -40.06 12.72
C LYS B 262 3.91 -40.79 13.81
N VAL B 263 2.65 -40.38 14.03
CA VAL B 263 1.82 -41.01 15.05
C VAL B 263 1.67 -42.51 14.81
N ARG B 264 1.38 -42.88 13.56
CA ARG B 264 1.21 -44.28 13.22
C ARG B 264 2.54 -44.99 13.03
N GLY B 265 3.58 -44.46 13.67
CA GLY B 265 4.89 -45.06 13.60
C GLY B 265 5.67 -45.06 12.29
N TYR B 266 5.16 -44.45 11.23
CA TYR B 266 5.91 -44.41 9.98
C TYR B 266 6.81 -43.18 10.07
N ASP B 267 8.12 -43.39 10.11
CA ASP B 267 9.04 -42.26 10.26
C ASP B 267 10.18 -42.15 9.25
N TRP B 268 10.30 -43.12 8.36
CA TRP B 268 11.37 -43.07 7.38
C TRP B 268 10.90 -42.33 6.14
N VAL B 269 9.59 -42.41 5.88
CA VAL B 269 9.01 -41.76 4.71
C VAL B 269 9.17 -40.25 4.77
N LYS B 270 9.79 -39.71 3.71
CA LYS B 270 10.06 -38.29 3.56
C LYS B 270 8.92 -37.59 2.84
N ILE B 271 8.92 -36.26 2.91
CA ILE B 271 7.90 -35.46 2.24
C ILE B 271 8.47 -34.79 1.02
N PHE B 272 7.99 -35.23 -0.13
CA PHE B 272 8.43 -34.69 -1.39
C PHE B 272 7.26 -33.86 -1.97
N VAL B 273 7.52 -32.60 -2.30
CA VAL B 273 6.46 -31.76 -2.85
C VAL B 273 6.80 -31.14 -4.21
N SER B 274 5.75 -30.85 -4.95
CA SER B 274 5.90 -30.25 -6.26
C SER B 274 4.55 -29.62 -6.55
N GLY B 275 4.54 -28.65 -7.47
CA GLY B 275 3.29 -28.02 -7.81
C GLY B 275 3.31 -26.52 -7.67
N GLY B 276 3.36 -25.86 -8.81
CA GLY B 276 3.38 -24.42 -8.85
C GLY B 276 4.02 -23.75 -7.65
N LEU B 277 5.36 -23.75 -7.59
CA LEU B 277 6.00 -23.08 -6.49
C LEU B 277 7.26 -22.32 -6.88
N ASP B 278 7.45 -21.16 -6.27
CA ASP B 278 8.60 -20.30 -6.52
C ASP B 278 9.39 -20.13 -5.21
N GLU B 279 10.25 -19.11 -5.18
CA GLU B 279 11.06 -18.84 -4.00
C GLU B 279 10.25 -18.59 -2.74
N GLU B 280 9.42 -17.55 -2.77
CA GLU B 280 8.61 -17.20 -1.62
C GLU B 280 7.81 -18.38 -1.07
N LYS B 281 7.28 -19.20 -1.97
CA LYS B 281 6.48 -20.37 -1.58
C LYS B 281 7.34 -21.44 -0.91
N ILE B 282 8.54 -21.62 -1.44
CA ILE B 282 9.46 -22.61 -0.90
C ILE B 282 10.02 -22.13 0.43
N LYS B 283 10.33 -20.85 0.54
CA LYS B 283 10.88 -20.32 1.78
C LYS B 283 9.91 -20.58 2.91
N GLU B 284 8.62 -20.58 2.64
CA GLU B 284 7.68 -20.77 3.72
C GLU B 284 7.38 -22.24 3.98
N ILE B 285 8.23 -23.12 3.48
CA ILE B 285 7.94 -24.54 3.63
C ILE B 285 9.18 -25.45 3.61
N VAL B 286 10.36 -24.86 3.47
CA VAL B 286 11.62 -25.59 3.41
C VAL B 286 11.86 -26.53 4.57
N ASP B 287 11.75 -25.95 5.77
CA ASP B 287 12.01 -26.67 7.00
C ASP B 287 11.04 -27.79 7.33
N VAL B 288 10.23 -28.21 6.39
CA VAL B 288 9.27 -29.26 6.65
C VAL B 288 9.14 -30.18 5.44
N VAL B 289 9.93 -29.90 4.41
CA VAL B 289 9.89 -30.72 3.20
C VAL B 289 11.29 -31.27 2.92
N ASP B 290 11.34 -32.46 2.34
CA ASP B 290 12.59 -33.10 2.07
C ASP B 290 13.17 -32.81 0.71
N ALA B 291 12.32 -32.86 -0.31
CA ALA B 291 12.76 -32.58 -1.68
C ALA B 291 11.69 -31.84 -2.48
N PHE B 292 12.15 -30.95 -3.36
CA PHE B 292 11.25 -30.15 -4.17
C PHE B 292 11.20 -30.52 -5.64
N GLY B 293 9.98 -30.43 -6.17
CA GLY B 293 9.76 -30.67 -7.59
C GLY B 293 9.30 -29.33 -8.18
N VAL B 294 10.16 -28.66 -8.94
CA VAL B 294 9.78 -27.37 -9.51
C VAL B 294 9.58 -27.39 -11.01
N GLY B 295 8.50 -26.80 -11.46
CA GLY B 295 8.22 -26.75 -12.89
C GLY B 295 8.48 -25.41 -13.57
N GLY B 296 7.39 -24.71 -13.87
CA GLY B 296 7.43 -23.42 -14.55
C GLY B 296 8.33 -22.32 -14.04
N ALA B 297 8.46 -22.18 -12.73
CA ALA B 297 9.32 -21.15 -12.15
C ALA B 297 10.76 -21.24 -12.61
N ILE B 298 11.13 -22.37 -13.20
CA ILE B 298 12.49 -22.56 -13.70
C ILE B 298 12.51 -22.66 -15.23
N ALA B 299 11.64 -23.50 -15.79
CA ALA B 299 11.58 -23.68 -17.24
C ALA B 299 11.05 -22.45 -17.97
N SER B 300 10.01 -21.85 -17.39
CA SER B 300 9.36 -20.68 -17.95
C SER B 300 9.96 -19.44 -17.35
N ALA B 301 11.15 -19.57 -16.78
CA ALA B 301 11.80 -18.42 -16.19
C ALA B 301 11.99 -17.35 -17.29
N LYS B 302 12.15 -16.10 -16.89
CA LYS B 302 12.33 -15.02 -17.86
C LYS B 302 13.77 -14.92 -18.34
N PRO B 303 13.96 -14.66 -19.64
CA PRO B 303 15.28 -14.53 -20.24
C PRO B 303 16.03 -13.34 -19.65
N VAL B 304 17.35 -13.31 -19.85
CA VAL B 304 18.17 -12.21 -19.39
C VAL B 304 18.29 -11.29 -20.62
N ASP B 305 17.87 -10.04 -20.48
CA ASP B 305 17.90 -9.10 -21.61
C ASP B 305 19.33 -8.89 -22.08
N PHE B 306 19.91 -9.90 -22.74
CA PHE B 306 21.30 -9.83 -23.25
C PHE B 306 21.36 -9.12 -24.59
N ALA B 307 22.27 -8.17 -24.73
CA ALA B 307 22.39 -7.44 -25.99
C ALA B 307 23.84 -7.41 -26.51
N LEU B 308 23.98 -7.45 -27.84
CA LEU B 308 25.27 -7.41 -28.49
C LEU B 308 25.52 -5.99 -29.01
N ASP B 309 26.52 -5.30 -28.45
CA ASP B 309 26.79 -3.93 -28.88
C ASP B 309 28.27 -3.67 -29.16
N ILE B 310 28.57 -3.12 -30.34
CA ILE B 310 29.95 -2.79 -30.68
C ILE B 310 30.45 -1.66 -29.78
N VAL B 311 31.49 -1.97 -29.01
CA VAL B 311 32.07 -1.01 -28.07
C VAL B 311 33.41 -0.47 -28.55
N GLU B 312 33.87 -0.99 -29.69
CA GLU B 312 35.14 -0.57 -30.27
C GLU B 312 35.21 -0.92 -31.75
N VAL B 313 35.63 0.06 -32.56
CA VAL B 313 35.75 -0.14 -34.00
C VAL B 313 37.15 0.30 -34.45
N GLU B 314 37.94 -0.66 -34.91
CA GLU B 314 39.31 -0.40 -35.37
C GLU B 314 40.17 0.19 -34.24
N GLY B 315 40.17 -0.49 -33.10
CA GLY B 315 40.96 -0.02 -31.97
C GLY B 315 40.48 1.30 -31.40
N LYS B 316 39.37 1.81 -31.92
CA LYS B 316 38.81 3.08 -31.45
C LYS B 316 37.59 2.82 -30.57
N PRO B 317 37.58 3.39 -29.35
CA PRO B 317 36.48 3.24 -28.37
C PRO B 317 35.22 4.00 -28.78
N ILE B 318 34.19 3.25 -29.16
CA ILE B 318 32.91 3.84 -29.57
C ILE B 318 31.72 2.90 -29.39
N ALA B 319 30.68 3.38 -28.71
CA ALA B 319 29.47 2.62 -28.47
C ALA B 319 28.31 3.61 -28.39
N LYS B 320 27.10 3.17 -28.75
CA LYS B 320 25.93 4.05 -28.71
C LYS B 320 25.51 4.46 -27.29
N ARG B 321 24.47 5.31 -27.20
CA ARG B 321 23.96 5.82 -25.92
C ARG B 321 23.57 4.73 -24.90
N GLY B 322 23.94 4.96 -23.64
CA GLY B 322 23.61 4.00 -22.60
C GLY B 322 24.43 2.73 -22.64
N LYS B 323 25.45 2.70 -23.48
CA LYS B 323 26.31 1.53 -23.59
C LYS B 323 27.73 1.94 -23.26
N LEU B 324 28.44 1.06 -22.56
CA LEU B 324 29.82 1.34 -22.18
C LEU B 324 30.72 1.15 -23.38
N SER B 325 31.75 1.99 -23.47
CA SER B 325 32.67 1.94 -24.61
C SER B 325 34.05 1.33 -24.32
N GLY B 326 34.64 0.74 -25.35
CA GLY B 326 35.97 0.17 -25.20
C GLY B 326 36.07 -1.31 -24.93
N ARG B 327 37.28 -1.85 -25.16
CA ARG B 327 37.58 -3.27 -24.95
C ARG B 327 37.94 -3.43 -23.48
N LYS B 328 37.22 -4.29 -22.76
CA LYS B 328 37.54 -4.43 -21.35
C LYS B 328 37.57 -5.83 -20.77
N GLN B 329 37.99 -5.91 -19.51
CA GLN B 329 38.08 -7.16 -18.77
C GLN B 329 37.43 -7.01 -17.41
N VAL B 330 36.99 -8.14 -16.86
CA VAL B 330 36.35 -8.18 -15.55
C VAL B 330 37.18 -9.03 -14.60
N TYR B 331 37.68 -8.42 -13.54
CA TYR B 331 38.49 -9.13 -12.56
C TYR B 331 37.68 -9.52 -11.34
N ARG B 332 37.78 -10.79 -10.97
CA ARG B 332 37.05 -11.30 -9.83
C ARG B 332 38.02 -11.79 -8.77
N CYS B 333 37.78 -11.45 -7.51
CA CYS B 333 38.67 -11.94 -6.46
C CYS B 333 37.96 -13.16 -5.87
N GLU B 334 38.64 -13.87 -4.98
CA GLU B 334 38.07 -15.06 -4.37
C GLU B 334 36.92 -14.72 -3.43
N ASN B 335 36.70 -13.44 -3.19
CA ASN B 335 35.61 -13.03 -2.31
C ASN B 335 34.42 -12.48 -3.07
N GLY B 336 34.28 -12.91 -4.32
CA GLY B 336 33.16 -12.49 -5.15
C GLY B 336 33.12 -11.02 -5.56
N HIS B 337 34.10 -10.22 -5.15
CA HIS B 337 34.14 -8.81 -5.51
C HIS B 337 34.54 -8.69 -6.97
N TYR B 338 33.66 -8.14 -7.80
CA TYR B 338 33.97 -7.99 -9.22
C TYR B 338 34.45 -6.59 -9.55
N HIS B 339 35.14 -6.45 -10.67
CA HIS B 339 35.64 -5.16 -11.09
C HIS B 339 35.80 -5.08 -12.60
N VAL B 340 35.01 -4.25 -13.27
CA VAL B 340 35.15 -4.11 -14.71
C VAL B 340 36.08 -2.95 -14.98
N VAL B 341 37.18 -3.21 -15.67
CA VAL B 341 38.15 -2.16 -16.00
C VAL B 341 38.57 -2.26 -17.45
N PRO B 342 39.17 -1.19 -17.97
CA PRO B 342 39.62 -1.15 -19.37
C PRO B 342 40.76 -2.15 -19.55
N ALA B 343 40.80 -2.81 -20.71
CA ALA B 343 41.84 -3.78 -21.00
C ALA B 343 43.23 -3.13 -21.01
N ASN B 344 43.27 -1.82 -21.25
CA ASN B 344 44.51 -1.04 -21.30
C ASN B 344 45.21 -1.04 -19.94
N LYS B 345 44.55 -1.62 -18.94
CA LYS B 345 45.10 -1.68 -17.59
C LYS B 345 44.95 -3.11 -17.07
N LYS B 346 45.68 -3.46 -16.03
CA LYS B 346 45.60 -4.81 -15.48
C LYS B 346 45.62 -4.85 -13.96
N LEU B 347 44.62 -5.50 -13.38
CA LEU B 347 44.50 -5.63 -11.94
C LEU B 347 45.26 -6.83 -11.39
N GLU B 348 45.58 -6.77 -10.11
CA GLU B 348 46.29 -7.86 -9.44
C GLU B 348 45.81 -7.87 -8.00
N ARG B 349 45.60 -6.67 -7.47
CA ARG B 349 45.12 -6.48 -6.11
C ARG B 349 43.62 -6.26 -6.24
N CYS B 350 42.87 -6.66 -5.22
CA CYS B 350 41.43 -6.45 -5.25
C CYS B 350 41.14 -5.10 -4.62
N PRO B 351 40.73 -4.12 -5.43
CA PRO B 351 40.43 -2.76 -4.94
C PRO B 351 39.86 -2.77 -3.52
N VAL B 352 38.95 -3.70 -3.26
CA VAL B 352 38.35 -3.81 -1.93
C VAL B 352 39.28 -4.68 -1.07
N CYS B 353 38.74 -5.66 -0.35
CA CYS B 353 39.58 -6.52 0.49
C CYS B 353 40.74 -7.08 -0.31
N ASN B 354 41.90 -6.44 -0.18
CA ASN B 354 43.10 -6.84 -0.90
C ASN B 354 43.25 -8.36 -1.01
N ALA B 355 43.05 -8.86 -2.22
CA ALA B 355 43.15 -10.28 -2.50
C ALA B 355 43.57 -10.43 -3.95
N LYS B 356 43.94 -11.64 -4.32
CA LYS B 356 44.37 -11.91 -5.69
C LYS B 356 43.13 -11.97 -6.59
N VAL B 357 43.19 -11.27 -7.71
CA VAL B 357 42.07 -11.25 -8.64
C VAL B 357 42.46 -11.86 -9.99
N GLU B 358 41.56 -12.64 -10.58
CA GLU B 358 41.85 -13.28 -11.85
C GLU B 358 40.87 -12.87 -12.96
N PRO B 359 41.38 -12.67 -14.18
CA PRO B 359 40.60 -12.28 -15.37
C PRO B 359 39.52 -13.31 -15.70
N LEU B 360 38.38 -12.84 -16.21
CA LEU B 360 37.30 -13.75 -16.55
C LEU B 360 37.11 -13.96 -18.04
N LEU B 361 37.32 -12.91 -18.83
CA LEU B 361 37.19 -13.04 -20.29
C LEU B 361 38.39 -13.81 -20.81
N LYS B 362 38.16 -15.02 -21.31
CA LYS B 362 39.23 -15.87 -21.85
C LYS B 362 38.90 -16.28 -23.28
N PRO B 363 39.93 -16.42 -24.13
CA PRO B 363 39.72 -16.82 -25.52
C PRO B 363 39.11 -18.22 -25.65
N ILE B 364 38.07 -18.34 -26.46
CA ILE B 364 37.42 -19.64 -26.67
C ILE B 364 37.36 -19.98 -28.15
N ILE B 365 37.46 -18.97 -29.01
CA ILE B 365 37.45 -19.18 -30.45
C ILE B 365 38.43 -18.26 -31.15
N GLU B 366 39.48 -18.87 -31.71
CA GLU B 366 40.50 -18.13 -32.43
C GLU B 366 40.25 -18.31 -33.92
N ASN B 367 39.82 -17.23 -34.56
CA ASN B 367 39.52 -17.22 -35.97
C ASN B 367 38.70 -18.43 -36.41
N GLY B 368 37.49 -18.54 -35.86
CA GLY B 368 36.61 -19.65 -36.21
C GLY B 368 37.06 -20.97 -35.66
N GLU B 369 38.13 -20.98 -34.89
CA GLU B 369 38.65 -22.23 -34.32
C GLU B 369 38.42 -22.28 -32.83
N ILE B 370 37.65 -23.26 -32.37
CA ILE B 370 37.38 -23.39 -30.94
C ILE B 370 38.58 -23.94 -30.17
N VAL B 371 39.36 -23.02 -29.62
CA VAL B 371 40.56 -23.34 -28.86
C VAL B 371 40.27 -23.88 -27.47
N VAL B 372 39.10 -24.46 -27.25
CA VAL B 372 38.77 -24.97 -25.92
C VAL B 372 37.98 -26.27 -25.88
N GLU B 373 38.17 -27.00 -24.77
CA GLU B 373 37.48 -28.25 -24.53
C GLU B 373 36.35 -27.83 -23.59
N PHE B 374 35.13 -28.23 -23.90
CA PHE B 374 34.01 -27.82 -23.06
C PHE B 374 33.58 -28.83 -22.01
N PRO B 375 33.65 -28.43 -20.73
CA PRO B 375 33.28 -29.26 -19.58
C PRO B 375 31.90 -29.87 -19.70
N LYS B 376 31.73 -31.05 -19.12
CA LYS B 376 30.44 -31.70 -19.16
C LYS B 376 29.55 -31.02 -18.12
N ALA B 377 28.26 -31.01 -18.39
CA ALA B 377 27.28 -30.36 -17.52
C ALA B 377 27.56 -30.41 -16.01
N ARG B 378 27.54 -31.62 -15.44
CA ARG B 378 27.71 -31.80 -14.00
C ARG B 378 28.91 -31.08 -13.36
N GLU B 379 30.01 -30.92 -14.10
CA GLU B 379 31.17 -30.27 -13.50
C GLU B 379 30.94 -28.76 -13.50
N ILE B 380 30.18 -28.27 -14.50
CA ILE B 380 29.88 -26.84 -14.56
C ILE B 380 29.01 -26.56 -13.34
N ARG B 381 27.96 -27.37 -13.20
CA ARG B 381 27.06 -27.26 -12.07
C ARG B 381 27.86 -27.23 -10.75
N GLU B 382 28.94 -28.01 -10.72
CA GLU B 382 29.82 -28.08 -9.57
C GLU B 382 30.30 -26.65 -9.33
N TYR B 383 30.65 -25.99 -10.43
CA TYR B 383 31.16 -24.62 -10.43
C TYR B 383 30.19 -23.56 -9.93
N VAL B 384 28.92 -23.72 -10.27
CA VAL B 384 27.91 -22.76 -9.87
C VAL B 384 27.72 -22.81 -8.36
N LEU B 385 27.37 -23.99 -7.85
CA LEU B 385 27.15 -24.19 -6.41
C LEU B 385 28.35 -23.76 -5.57
N GLU B 386 29.57 -23.97 -6.07
CA GLU B 386 30.77 -23.59 -5.32
C GLU B 386 30.79 -22.07 -5.20
N GLN B 387 30.48 -21.38 -6.29
CA GLN B 387 30.45 -19.91 -6.31
C GLN B 387 29.36 -19.42 -5.36
N ALA B 388 28.18 -20.04 -5.47
CA ALA B 388 27.05 -19.69 -4.64
C ALA B 388 27.47 -19.62 -3.17
N LYS B 389 28.13 -20.69 -2.72
CA LYS B 389 28.59 -20.82 -1.35
C LYS B 389 29.79 -19.93 -1.01
N LYS B 390 30.81 -19.95 -1.85
CA LYS B 390 32.01 -19.16 -1.59
C LYS B 390 31.65 -17.67 -1.52
N PHE B 391 30.90 -17.19 -2.51
CA PHE B 391 30.50 -15.78 -2.58
C PHE B 391 29.32 -15.45 -1.67
N ASN B 392 28.72 -16.47 -1.08
CA ASN B 392 27.61 -16.26 -0.16
C ASN B 392 26.44 -15.48 -0.82
N LEU B 393 25.99 -15.98 -1.98
CA LEU B 393 24.90 -15.36 -2.74
C LEU B 393 23.62 -15.33 -1.93
N GLU B 394 22.89 -14.22 -2.03
CA GLU B 394 21.66 -14.04 -1.27
C GLU B 394 20.38 -13.92 -2.12
N ILE B 395 19.32 -14.60 -1.71
CA ILE B 395 18.07 -14.55 -2.44
C ILE B 395 17.14 -13.52 -1.83
N MET C 7 3.78 54.84 -8.33
CA MET C 7 4.64 54.98 -7.12
C MET C 7 5.63 53.80 -7.02
N LYS C 8 5.19 52.72 -6.37
CA LYS C 8 6.00 51.52 -6.18
C LYS C 8 5.68 50.57 -7.33
N ARG C 9 6.72 50.07 -8.00
CA ARG C 9 6.52 49.16 -9.13
C ARG C 9 6.47 47.68 -8.81
N PHE C 10 6.81 47.32 -7.58
CA PHE C 10 6.80 45.93 -7.17
C PHE C 10 6.04 45.77 -5.86
N TYR C 11 5.19 44.74 -5.78
CA TYR C 11 4.40 44.51 -4.58
C TYR C 11 5.21 43.97 -3.43
N ILE C 12 6.21 44.73 -2.99
CA ILE C 12 7.05 44.31 -1.87
C ILE C 12 6.89 45.33 -0.78
N ALA C 13 7.51 45.07 0.37
CA ALA C 13 7.42 46.00 1.49
C ALA C 13 8.78 46.63 1.64
N ASN C 14 8.80 47.94 1.90
CA ASN C 14 10.06 48.65 2.10
C ASN C 14 10.57 48.42 3.52
N GLU C 15 11.88 48.47 3.69
CA GLU C 15 12.48 48.24 4.98
C GLU C 15 11.76 49.03 6.08
N ASP C 16 11.30 50.23 5.77
CA ASP C 16 10.59 51.05 6.75
C ASP C 16 9.20 50.53 7.11
N GLU C 17 8.42 50.21 6.09
CA GLU C 17 7.06 49.70 6.30
C GLU C 17 7.07 48.47 7.20
N ILE C 18 8.11 47.66 7.06
CA ILE C 18 8.25 46.44 7.85
C ILE C 18 8.62 46.81 9.27
N LYS C 19 9.63 47.67 9.42
CA LYS C 19 10.06 48.08 10.75
C LYS C 19 8.90 48.80 11.41
N ALA C 20 8.06 49.42 10.59
CA ALA C 20 6.88 50.14 11.07
C ALA C 20 5.85 49.18 11.66
N GLY C 21 5.49 48.15 10.89
CA GLY C 21 4.51 47.19 11.35
C GLY C 21 3.30 47.22 10.42
N LYS C 22 3.49 47.90 9.28
CA LYS C 22 2.46 48.05 8.26
C LYS C 22 2.10 46.73 7.55
N THR C 23 2.94 45.71 7.76
CA THR C 23 2.73 44.40 7.13
C THR C 23 2.08 43.36 8.02
N THR C 24 1.40 43.79 9.08
CA THR C 24 0.80 42.81 9.95
C THR C 24 -0.64 42.50 9.61
N ASP C 25 -1.20 41.54 10.34
CA ASP C 25 -2.58 41.12 10.17
C ASP C 25 -3.44 42.14 10.94
N VAL C 26 -4.41 42.76 10.28
CA VAL C 26 -5.25 43.76 10.94
C VAL C 26 -5.69 43.42 12.33
N TYR C 27 -6.19 42.21 12.53
CA TYR C 27 -6.67 41.85 13.85
C TYR C 27 -5.66 42.02 14.97
N PHE C 28 -4.43 42.41 14.63
CA PHE C 28 -3.42 42.66 15.65
C PHE C 28 -3.48 44.15 15.99
N LEU C 29 -3.80 44.96 14.98
CA LEU C 29 -3.93 46.41 15.15
C LEU C 29 -5.12 46.62 16.06
N ARG C 30 -6.22 45.96 15.71
CA ARG C 30 -7.45 46.03 16.47
C ARG C 30 -7.20 45.57 17.89
N THR C 31 -6.24 44.66 18.07
CA THR C 31 -5.91 44.20 19.42
C THR C 31 -5.22 45.31 20.19
N LYS C 32 -4.42 46.12 19.51
CA LYS C 32 -3.74 47.21 20.19
C LYS C 32 -4.79 48.24 20.58
N LYS C 33 -5.78 48.46 19.71
CA LYS C 33 -6.87 49.40 19.99
C LYS C 33 -7.57 49.02 21.30
N ILE C 34 -8.22 47.85 21.30
CA ILE C 34 -8.93 47.38 22.49
C ILE C 34 -8.10 47.61 23.76
N LEU C 35 -6.86 47.13 23.72
CA LEU C 35 -5.93 47.25 24.85
C LEU C 35 -5.57 48.68 25.22
N GLU C 36 -5.28 49.50 24.21
CA GLU C 36 -4.89 50.88 24.42
C GLU C 36 -6.07 51.72 24.92
N VAL C 37 -7.17 51.69 24.17
CA VAL C 37 -8.37 52.46 24.54
C VAL C 37 -8.89 52.02 25.91
N LYS C 38 -9.43 50.81 25.99
CA LYS C 38 -9.96 50.28 27.24
C LYS C 38 -8.79 50.17 28.23
N ASN C 39 -7.64 50.70 27.79
CA ASN C 39 -6.39 50.71 28.56
C ASN C 39 -6.13 49.48 29.43
N ILE C 40 -5.63 48.43 28.80
CA ILE C 40 -5.33 47.18 29.48
C ILE C 40 -3.83 46.90 29.31
N ARG C 41 -3.01 47.76 29.88
CA ARG C 41 -1.58 47.60 29.77
C ARG C 41 -1.06 46.62 30.84
N LYS C 42 -0.19 45.72 30.43
CA LYS C 42 0.39 44.75 31.34
C LYS C 42 1.55 43.98 30.74
N LYS C 43 2.49 43.57 31.59
CA LYS C 43 3.68 42.83 31.19
C LYS C 43 3.39 41.35 30.92
N VAL C 44 3.87 40.87 29.79
CA VAL C 44 3.69 39.48 29.39
C VAL C 44 4.97 38.93 28.76
N LEU C 45 5.12 37.62 28.85
CA LEU C 45 6.28 36.96 28.28
C LEU C 45 5.72 36.04 27.20
N ALA C 46 6.13 36.27 25.96
CA ALA C 46 5.67 35.46 24.85
C ALA C 46 6.80 34.51 24.40
N ASP C 47 6.40 33.32 23.97
CA ASP C 47 7.30 32.26 23.52
C ASP C 47 7.15 32.05 22.01
N VAL C 48 8.23 31.62 21.37
CA VAL C 48 8.20 31.31 19.95
C VAL C 48 8.66 29.86 19.80
N THR C 49 7.77 29.01 19.29
CA THR C 49 8.05 27.58 19.13
C THR C 49 7.28 27.02 17.95
N THR C 50 7.39 25.70 17.77
CA THR C 50 6.66 24.99 16.73
C THR C 50 6.29 23.69 17.39
N THR C 51 5.17 23.14 17.00
CA THR C 51 4.70 21.88 17.56
C THR C 51 5.16 20.79 16.62
N SER C 52 5.73 21.19 15.49
CA SER C 52 6.20 20.23 14.50
C SER C 52 7.15 20.93 13.55
N LEU C 53 7.91 20.13 12.82
CA LEU C 53 8.84 20.64 11.82
C LEU C 53 8.33 20.04 10.54
N PRO C 54 8.68 20.64 9.40
CA PRO C 54 8.22 20.10 8.11
C PRO C 54 8.50 18.61 7.96
N ASN C 55 7.58 17.91 7.29
CA ASN C 55 7.71 16.48 7.03
C ASN C 55 7.96 15.66 8.28
N ASN C 56 7.65 16.25 9.43
CA ASN C 56 7.87 15.60 10.70
C ASN C 56 9.33 15.24 10.91
N TRP C 57 10.19 16.20 10.56
CA TRP C 57 11.62 16.02 10.72
C TRP C 57 11.88 16.09 12.21
N ARG C 58 13.00 15.53 12.64
CA ARG C 58 13.36 15.51 14.05
C ARG C 58 13.96 16.82 14.56
N TRP C 59 14.75 17.50 13.73
CA TRP C 59 15.40 18.74 14.12
C TRP C 59 15.32 19.76 12.99
N GLY C 60 15.68 21.00 13.31
CA GLY C 60 15.68 22.06 12.34
C GLY C 60 16.81 23.02 12.68
N VAL C 61 17.14 23.93 11.75
CA VAL C 61 18.21 24.90 11.95
C VAL C 61 17.67 26.30 12.17
N LEU C 62 17.87 26.85 13.36
CA LEU C 62 17.37 28.18 13.67
C LEU C 62 18.02 29.26 12.82
N VAL C 63 17.20 30.12 12.20
CA VAL C 63 17.69 31.21 11.37
C VAL C 63 16.81 32.45 11.39
N GLY C 64 17.44 33.62 11.43
CA GLY C 64 16.71 34.88 11.43
C GLY C 64 16.74 35.67 12.73
N VAL C 65 17.41 35.14 13.74
CA VAL C 65 17.49 35.83 15.03
C VAL C 65 18.00 37.26 14.81
N GLU C 66 18.85 37.44 13.80
CA GLU C 66 19.39 38.75 13.49
C GLU C 66 18.28 39.72 13.11
N GLU C 67 17.69 39.52 11.93
CA GLU C 67 16.62 40.39 11.46
C GLU C 67 15.58 40.69 12.52
N VAL C 68 15.28 39.71 13.38
CA VAL C 68 14.28 39.95 14.41
C VAL C 68 14.75 40.99 15.41
N ALA C 69 16.04 40.96 15.73
CA ALA C 69 16.58 41.94 16.66
C ALA C 69 16.50 43.31 15.99
N LYS C 70 16.90 43.37 14.73
CA LYS C 70 16.87 44.61 13.96
C LYS C 70 15.45 45.13 13.75
N LEU C 71 14.46 44.34 14.15
CA LEU C 71 13.06 44.74 13.98
C LEU C 71 12.44 45.26 15.28
N LEU C 72 12.70 44.52 16.37
CA LEU C 72 12.18 44.90 17.68
C LEU C 72 13.10 45.95 18.30
N GLU C 73 14.10 46.37 17.52
CA GLU C 73 15.06 47.38 17.97
C GLU C 73 14.35 48.70 18.25
N GLY C 74 14.60 49.26 19.42
CA GLY C 74 13.98 50.52 19.78
C GLY C 74 12.52 50.33 20.13
N ILE C 75 12.25 49.28 20.88
CA ILE C 75 10.90 48.98 21.30
C ILE C 75 10.89 48.46 22.74
N PRO C 76 9.99 48.99 23.58
CA PRO C 76 9.76 48.70 25.00
C PRO C 76 9.78 47.25 25.46
N VAL C 77 10.70 46.44 24.95
CA VAL C 77 10.73 45.03 25.34
C VAL C 77 12.12 44.38 25.42
N ASN C 78 12.15 43.21 26.04
CA ASN C 78 13.37 42.41 26.15
C ASN C 78 13.22 41.25 25.18
N VAL C 79 14.33 40.83 24.59
CA VAL C 79 14.28 39.73 23.64
C VAL C 79 15.41 38.74 23.88
N TYR C 80 15.07 37.59 24.46
CA TYR C 80 16.06 36.56 24.70
C TYR C 80 15.99 35.59 23.53
N ALA C 81 17.09 34.92 23.21
CA ALA C 81 17.08 34.01 22.07
C ALA C 81 18.20 33.01 22.11
N MET C 82 18.18 32.11 21.14
CA MET C 82 19.21 31.10 20.99
C MET C 82 20.11 31.68 19.91
N PRO C 83 21.39 31.30 19.91
CA PRO C 83 22.26 31.84 18.87
C PRO C 83 21.84 31.38 17.47
N GLU C 84 21.76 32.31 16.53
CA GLU C 84 21.36 31.95 15.18
C GLU C 84 22.18 30.73 14.72
N GLY C 85 21.49 29.76 14.11
CA GLY C 85 22.17 28.56 13.62
C GLY C 85 22.04 27.41 14.57
N THR C 86 21.51 27.64 15.77
CA THR C 86 21.35 26.56 16.74
C THR C 86 20.38 25.47 16.23
N ILE C 87 20.70 24.23 16.54
CA ILE C 87 19.84 23.13 16.16
C ILE C 87 18.76 23.16 17.21
N PHE C 88 17.50 23.08 16.80
CA PHE C 88 16.42 23.10 17.77
C PHE C 88 15.36 22.01 17.54
N HIS C 89 14.36 21.99 18.41
CA HIS C 89 13.30 21.00 18.31
C HIS C 89 11.93 21.58 18.64
N PRO C 90 10.89 20.78 18.43
CA PRO C 90 9.54 21.25 18.72
C PRO C 90 9.38 21.50 20.23
N TYR C 91 8.50 22.41 20.58
CA TYR C 91 8.23 22.73 21.98
C TYR C 91 9.34 23.47 22.73
N GLU C 92 10.46 23.67 22.06
CA GLU C 92 11.57 24.39 22.66
C GLU C 92 11.55 25.83 22.16
N PRO C 93 11.36 26.80 23.07
CA PRO C 93 11.34 28.20 22.67
C PRO C 93 12.67 28.60 22.03
N VAL C 94 12.62 29.13 20.82
CA VAL C 94 13.83 29.54 20.15
C VAL C 94 14.06 31.05 20.36
N LEU C 95 13.03 31.74 20.87
CA LEU C 95 13.10 33.18 21.12
C LEU C 95 11.93 33.62 21.99
N GLN C 96 12.20 34.48 22.96
CA GLN C 96 11.16 34.97 23.86
C GLN C 96 11.10 36.50 23.81
N ILE C 97 9.98 37.06 24.27
CA ILE C 97 9.84 38.50 24.29
C ILE C 97 9.08 38.91 25.52
N GLU C 98 9.57 39.94 26.19
CA GLU C 98 8.92 40.42 27.39
C GLU C 98 8.52 41.88 27.28
N GLY C 99 7.32 42.19 27.77
CA GLY C 99 6.84 43.55 27.71
C GLY C 99 5.33 43.66 27.60
N ASP C 100 4.86 44.88 27.33
CA ASP C 100 3.44 45.12 27.19
C ASP C 100 3.05 44.60 25.81
N TYR C 101 2.17 43.61 25.77
CA TYR C 101 1.75 43.06 24.48
C TYR C 101 1.31 44.20 23.58
N ALA C 102 0.72 45.23 24.19
CA ALA C 102 0.24 46.37 23.44
C ALA C 102 1.35 47.02 22.61
N ASP C 103 2.60 46.82 23.01
CA ASP C 103 3.74 47.42 22.30
C ASP C 103 4.29 46.60 21.11
N PHE C 104 4.64 45.34 21.35
CA PHE C 104 5.21 44.49 20.30
C PHE C 104 4.26 43.58 19.54
N GLY C 105 3.11 43.27 20.14
CA GLY C 105 2.14 42.39 19.50
C GLY C 105 1.88 42.63 18.03
N ILE C 106 2.15 43.83 17.56
CA ILE C 106 1.92 44.19 16.18
C ILE C 106 3.12 43.80 15.34
N TYR C 107 3.99 42.96 15.89
CA TYR C 107 5.17 42.52 15.16
C TYR C 107 5.28 41.03 14.95
N GLU C 108 4.18 40.32 15.20
CA GLU C 108 4.19 38.87 15.01
C GLU C 108 4.33 38.55 13.54
N THR C 109 3.40 39.07 12.74
CA THR C 109 3.40 38.83 11.31
C THR C 109 4.78 38.96 10.66
N ALA C 110 5.58 39.88 11.18
CA ALA C 110 6.89 40.11 10.63
C ALA C 110 7.96 39.20 11.22
N LEU C 111 8.06 39.18 12.56
CA LEU C 111 9.06 38.35 13.21
C LEU C 111 8.92 36.87 12.91
N LEU C 112 7.72 36.32 13.03
CA LEU C 112 7.53 34.90 12.74
C LEU C 112 7.93 34.60 11.31
N GLY C 113 7.53 35.45 10.37
CA GLY C 113 7.91 35.21 8.98
C GLY C 113 9.42 35.18 8.81
N MET C 114 10.09 36.06 9.54
CA MET C 114 11.54 36.13 9.48
C MET C 114 12.21 34.84 9.99
N LEU C 115 11.72 34.28 11.08
CA LEU C 115 12.31 33.06 11.60
C LEU C 115 11.87 31.84 10.77
N SER C 116 10.58 31.78 10.47
CA SER C 116 9.97 30.68 9.73
C SER C 116 10.55 30.23 8.41
N GLN C 117 10.59 31.12 7.42
CA GLN C 117 11.07 30.73 6.11
C GLN C 117 12.59 30.49 6.07
N ALA C 118 13.33 31.31 6.81
CA ALA C 118 14.79 31.18 6.88
C ALA C 118 15.08 29.82 7.51
N SER C 119 14.55 29.61 8.71
CA SER C 119 14.74 28.34 9.39
C SER C 119 14.36 27.18 8.46
N GLY C 120 13.28 27.38 7.71
CA GLY C 120 12.87 26.36 6.78
C GLY C 120 13.95 26.05 5.76
N ILE C 121 14.41 27.08 5.03
CA ILE C 121 15.43 26.88 4.02
C ILE C 121 16.71 26.28 4.61
N ALA C 122 17.10 26.78 5.77
CA ALA C 122 18.33 26.28 6.42
C ALA C 122 18.25 24.78 6.69
N THR C 123 17.24 24.40 7.46
CA THR C 123 17.03 22.98 7.79
C THR C 123 17.09 22.14 6.50
N ALA C 124 16.40 22.61 5.47
CA ALA C 124 16.40 21.91 4.22
C ALA C 124 17.84 21.70 3.79
N ALA C 125 18.55 22.81 3.71
CA ALA C 125 19.94 22.81 3.30
C ALA C 125 20.81 21.82 4.06
N LEU C 126 20.83 21.96 5.39
CA LEU C 126 21.64 21.08 6.20
C LEU C 126 21.37 19.64 5.91
N ARG C 127 20.10 19.26 5.74
CA ARG C 127 19.73 17.87 5.45
C ARG C 127 20.32 17.44 4.13
N ILE C 128 20.35 18.35 3.15
CA ILE C 128 20.91 18.04 1.83
C ILE C 128 22.41 17.83 2.02
N LYS C 129 23.02 18.70 2.79
CA LYS C 129 24.43 18.62 3.07
C LYS C 129 24.68 17.20 3.56
N ILE C 130 24.03 16.85 4.68
CA ILE C 130 24.19 15.52 5.25
C ILE C 130 23.99 14.44 4.20
N ALA C 131 22.87 14.46 3.49
CA ALA C 131 22.64 13.45 2.47
C ALA C 131 23.75 13.37 1.42
N ALA C 132 24.43 14.49 1.20
CA ALA C 132 25.51 14.55 0.20
C ALA C 132 26.87 14.19 0.79
N LYS C 133 26.85 13.59 1.99
CA LYS C 133 28.08 13.18 2.68
C LYS C 133 28.98 14.41 2.79
N PHE C 134 28.38 15.51 3.24
CA PHE C 134 29.07 16.78 3.40
C PHE C 134 29.92 17.27 2.22
N LYS C 135 29.72 16.68 1.05
CA LYS C 135 30.45 17.09 -0.14
C LYS C 135 30.00 18.50 -0.46
N PRO C 136 30.58 19.13 -1.48
CA PRO C 136 30.10 20.49 -1.73
C PRO C 136 28.71 20.58 -2.37
N VAL C 137 27.97 21.61 -1.95
CA VAL C 137 26.60 21.86 -2.44
C VAL C 137 26.39 23.35 -2.62
N TYR C 138 25.94 23.75 -3.81
CA TYR C 138 25.73 25.16 -4.08
C TYR C 138 24.29 25.54 -4.34
N SER C 139 23.82 26.55 -3.61
CA SER C 139 22.45 27.04 -3.75
C SER C 139 22.24 27.69 -5.13
N PHE C 140 21.20 27.25 -5.82
CA PHE C 140 20.88 27.75 -7.16
C PHE C 140 19.40 28.11 -7.28
N GLY C 141 18.66 27.92 -6.21
CA GLY C 141 17.22 28.14 -6.26
C GLY C 141 16.51 29.47 -6.28
N ILE C 142 17.18 30.58 -6.00
CA ILE C 142 16.47 31.85 -5.99
C ILE C 142 15.64 32.18 -7.22
N ARG C 143 15.80 31.44 -8.31
CA ARG C 143 14.99 31.73 -9.49
C ARG C 143 13.55 31.28 -9.30
N HIS C 144 13.30 30.45 -8.29
CA HIS C 144 11.94 29.99 -8.08
C HIS C 144 11.17 30.82 -7.06
N MET C 145 11.79 31.88 -6.53
CA MET C 145 11.09 32.71 -5.56
C MET C 145 11.25 34.18 -5.93
N HIS C 146 10.52 35.05 -5.24
CA HIS C 146 10.58 36.49 -5.48
C HIS C 146 11.96 37.06 -5.19
N PRO C 147 12.51 37.85 -6.13
CA PRO C 147 13.83 38.48 -6.00
C PRO C 147 13.99 39.30 -4.73
N ALA C 148 12.91 39.92 -4.29
CA ALA C 148 12.99 40.72 -3.08
C ALA C 148 13.67 39.92 -1.95
N ILE C 149 13.44 38.61 -1.88
CA ILE C 149 14.02 37.81 -0.82
C ILE C 149 15.26 37.00 -1.26
N ALA C 150 15.70 37.22 -2.50
CA ALA C 150 16.84 36.52 -3.06
C ALA C 150 17.98 36.36 -2.06
N PRO C 151 18.32 37.44 -1.34
CA PRO C 151 19.39 37.34 -0.37
C PRO C 151 19.04 36.52 0.88
N MET C 152 17.93 36.84 1.55
CA MET C 152 17.60 36.07 2.75
C MET C 152 17.76 34.59 2.44
N ILE C 153 17.30 34.19 1.26
CA ILE C 153 17.40 32.80 0.88
C ILE C 153 18.83 32.30 0.77
N ASP C 154 19.62 32.88 -0.13
CA ASP C 154 21.00 32.44 -0.28
C ASP C 154 21.76 32.48 1.06
N ARG C 155 21.41 33.42 1.93
CA ARG C 155 22.07 33.54 3.22
C ARG C 155 21.67 32.37 4.12
N ALA C 156 20.49 31.83 3.88
CA ALA C 156 19.95 30.72 4.65
C ALA C 156 20.50 29.40 4.13
N ALA C 157 20.63 29.30 2.81
CA ALA C 157 21.16 28.10 2.19
C ALA C 157 22.57 27.96 2.68
N PHE C 158 23.22 29.11 2.84
CA PHE C 158 24.61 29.21 3.30
C PHE C 158 24.70 28.71 4.73
N ILE C 159 24.18 29.48 5.66
CA ILE C 159 24.18 29.09 7.05
C ILE C 159 23.80 27.61 7.16
N GLY C 160 22.97 27.15 6.23
CA GLY C 160 22.52 25.77 6.24
C GLY C 160 23.58 24.74 5.93
N GLY C 161 24.63 25.16 5.24
CA GLY C 161 25.70 24.24 4.90
C GLY C 161 26.14 24.33 3.46
N CYS C 162 25.44 25.14 2.67
CA CYS C 162 25.78 25.31 1.26
C CYS C 162 27.13 26.01 1.19
N ASP C 163 28.04 25.43 0.43
CA ASP C 163 29.37 25.99 0.29
C ASP C 163 29.29 27.33 -0.42
N GLY C 164 28.49 27.38 -1.49
CA GLY C 164 28.40 28.63 -2.21
C GLY C 164 27.01 29.05 -2.60
N VAL C 165 26.89 30.27 -3.11
CA VAL C 165 25.60 30.80 -3.49
C VAL C 165 25.62 31.41 -4.89
N SER C 166 24.56 31.12 -5.63
CA SER C 166 24.37 31.60 -6.99
C SER C 166 24.10 33.10 -7.04
N GLY C 167 23.32 33.58 -6.08
CA GLY C 167 22.94 34.99 -6.04
C GLY C 167 24.04 36.00 -5.78
N VAL C 168 24.14 36.99 -6.67
CA VAL C 168 25.14 38.05 -6.54
C VAL C 168 24.92 38.89 -5.30
N LEU C 169 23.87 39.71 -5.32
CA LEU C 169 23.55 40.57 -4.20
C LEU C 169 23.54 39.79 -2.88
N GLY C 170 23.11 38.53 -2.96
CA GLY C 170 23.06 37.70 -1.76
C GLY C 170 24.46 37.34 -1.28
N ALA C 171 25.35 37.05 -2.23
CA ALA C 171 26.72 36.70 -1.92
C ALA C 171 27.33 37.83 -1.10
N GLU C 172 27.35 39.02 -1.68
CA GLU C 172 27.91 40.21 -1.04
C GLU C 172 27.43 40.48 0.37
N MET C 173 26.15 40.84 0.53
CA MET C 173 25.60 41.13 1.84
C MET C 173 26.16 40.22 2.93
N MET C 174 26.65 39.04 2.53
CA MET C 174 27.24 38.08 3.46
C MET C 174 28.74 38.30 3.55
N GLY C 175 29.34 38.59 2.41
CA GLY C 175 30.77 38.78 2.33
C GLY C 175 31.33 37.52 1.70
N GLU C 176 30.71 37.11 0.60
CA GLU C 176 31.10 35.91 -0.13
C GLU C 176 31.07 36.14 -1.64
N LYS C 177 31.74 35.28 -2.39
CA LYS C 177 31.75 35.43 -3.84
C LYS C 177 30.70 34.51 -4.46
N ALA C 178 29.76 35.09 -5.19
CA ALA C 178 28.75 34.27 -5.82
C ALA C 178 29.38 33.44 -6.93
N VAL C 179 29.30 32.12 -6.79
CA VAL C 179 29.88 31.23 -7.78
C VAL C 179 28.80 30.78 -8.77
N GLY C 180 29.22 30.09 -9.83
CA GLY C 180 28.28 29.63 -10.82
C GLY C 180 28.99 28.88 -11.92
N THR C 181 28.28 28.58 -13.01
CA THR C 181 28.87 27.85 -14.13
C THR C 181 28.45 28.46 -15.48
N MET C 182 27.85 27.66 -16.35
CA MET C 182 27.43 28.09 -17.67
C MET C 182 25.97 27.87 -17.94
N PRO C 183 25.30 28.84 -18.59
CA PRO C 183 23.88 28.74 -18.91
C PRO C 183 23.73 28.02 -20.24
N HIS C 184 22.51 27.59 -20.55
CA HIS C 184 22.23 26.92 -21.81
C HIS C 184 22.13 27.99 -22.87
N ALA C 185 21.73 29.18 -22.44
CA ALA C 185 21.57 30.31 -23.35
C ALA C 185 22.91 30.62 -24.00
N LEU C 186 23.97 30.67 -23.20
CA LEU C 186 25.29 30.96 -23.72
C LEU C 186 25.64 30.06 -24.89
N ILE C 187 25.63 28.76 -24.64
CA ILE C 187 25.95 27.82 -25.69
C ILE C 187 25.04 27.90 -26.89
N ILE C 188 23.74 28.16 -26.67
CA ILE C 188 22.80 28.23 -27.78
C ILE C 188 22.92 29.50 -28.64
N THR C 189 23.14 30.65 -28.01
CA THR C 189 23.26 31.89 -28.79
C THR C 189 24.58 31.84 -29.55
N VAL C 190 25.65 31.40 -28.88
CA VAL C 190 26.97 31.28 -29.51
C VAL C 190 26.88 30.28 -30.67
N GLY C 191 25.86 29.44 -30.64
CA GLY C 191 25.65 28.46 -31.71
C GLY C 191 26.52 27.22 -31.77
N ASP C 192 27.47 27.08 -30.85
CA ASP C 192 28.34 25.92 -30.86
C ASP C 192 28.88 25.60 -29.48
N GLN C 193 28.71 24.34 -29.06
CA GLN C 193 29.19 23.89 -27.75
C GLN C 193 30.64 24.24 -27.51
N VAL C 194 31.51 23.72 -28.37
CA VAL C 194 32.95 23.95 -28.22
C VAL C 194 33.34 25.42 -28.23
N LYS C 195 32.85 26.13 -29.24
CA LYS C 195 33.13 27.56 -29.40
C LYS C 195 32.72 28.30 -28.13
N ALA C 196 31.60 27.87 -27.56
CA ALA C 196 31.05 28.46 -26.35
C ALA C 196 31.97 28.35 -25.14
N TRP C 197 32.28 27.12 -24.72
CA TRP C 197 33.14 26.98 -23.57
C TRP C 197 34.59 27.35 -23.84
N LYS C 198 34.88 27.71 -25.09
CA LYS C 198 36.23 28.17 -25.44
C LYS C 198 36.22 29.65 -25.06
N TYR C 199 35.19 30.34 -25.55
CA TYR C 199 35.01 31.75 -25.26
C TYR C 199 34.99 31.98 -23.76
N PHE C 200 34.34 31.08 -23.04
CA PHE C 200 34.26 31.20 -21.59
C PHE C 200 35.65 31.08 -20.98
N ASP C 201 36.43 30.11 -21.46
CA ASP C 201 37.79 29.86 -20.97
C ASP C 201 38.70 31.07 -21.11
N GLU C 202 38.52 31.81 -22.21
CA GLU C 202 39.34 32.99 -22.45
C GLU C 202 38.81 34.28 -21.82
N VAL C 203 37.53 34.59 -22.04
CA VAL C 203 36.95 35.81 -21.50
C VAL C 203 36.85 35.94 -19.99
N ILE C 204 36.45 34.88 -19.31
CA ILE C 204 36.29 34.92 -17.86
C ILE C 204 37.61 34.79 -17.10
N GLU C 205 37.68 35.39 -15.92
CA GLU C 205 38.88 35.34 -15.10
C GLU C 205 39.41 33.92 -14.96
N GLU C 206 40.64 33.80 -14.49
CA GLU C 206 41.26 32.48 -14.32
C GLU C 206 40.88 31.86 -12.99
N GLU C 207 40.61 32.70 -11.99
CA GLU C 207 40.23 32.21 -10.68
C GLU C 207 38.88 31.49 -10.68
N VAL C 208 38.14 31.62 -11.79
CA VAL C 208 36.81 31.01 -11.91
C VAL C 208 36.86 29.58 -12.47
N PRO C 209 36.61 28.57 -11.61
CA PRO C 209 36.65 27.19 -12.05
C PRO C 209 35.85 27.09 -13.32
N ARG C 210 36.30 26.26 -14.25
CA ARG C 210 35.59 26.13 -15.51
C ARG C 210 34.88 24.80 -15.66
N ILE C 211 33.58 24.84 -15.47
CA ILE C 211 32.74 23.66 -15.59
C ILE C 211 31.96 23.79 -16.89
N ALA C 212 32.07 22.77 -17.74
CA ALA C 212 31.39 22.80 -19.03
C ALA C 212 29.95 22.29 -18.98
N LEU C 213 29.05 23.07 -19.55
CA LEU C 213 27.65 22.68 -19.58
C LEU C 213 27.50 21.73 -20.76
N VAL C 214 27.59 20.44 -20.47
CA VAL C 214 27.51 19.38 -21.47
C VAL C 214 26.19 19.24 -22.23
N ASP C 215 25.27 18.45 -21.68
CA ASP C 215 23.97 18.21 -22.29
C ASP C 215 23.30 19.46 -22.88
N THR C 216 23.20 19.54 -24.20
CA THR C 216 22.54 20.68 -24.86
C THR C 216 21.82 20.22 -26.13
N PHE C 217 22.58 19.61 -27.04
CA PHE C 217 22.02 19.13 -28.30
C PHE C 217 22.37 17.64 -28.44
N TYR C 218 23.64 17.33 -28.16
CA TYR C 218 24.16 15.98 -28.23
C TYR C 218 23.98 15.33 -26.85
N ASP C 219 24.23 14.04 -26.76
CA ASP C 219 24.10 13.33 -25.49
C ASP C 219 25.21 13.78 -24.54
N GLU C 220 25.00 13.63 -23.24
CA GLU C 220 26.02 14.04 -22.27
C GLU C 220 27.30 13.26 -22.55
N LYS C 221 27.14 12.01 -22.93
CA LYS C 221 28.28 11.15 -23.22
C LYS C 221 29.15 11.73 -24.31
N VAL C 222 28.52 12.20 -25.38
CA VAL C 222 29.25 12.77 -26.50
C VAL C 222 29.87 14.12 -26.12
N GLU C 223 29.05 15.06 -25.71
CA GLU C 223 29.54 16.39 -25.35
C GLU C 223 30.52 16.42 -24.19
N ALA C 224 30.53 15.37 -23.38
CA ALA C 224 31.44 15.33 -22.26
C ALA C 224 32.87 15.24 -22.77
N VAL C 225 33.15 14.25 -23.61
CA VAL C 225 34.50 14.10 -24.14
C VAL C 225 34.90 15.33 -24.95
N MET C 226 33.99 15.86 -25.74
CA MET C 226 34.26 17.07 -26.52
C MET C 226 34.84 18.15 -25.59
N ALA C 227 34.12 18.46 -24.52
CA ALA C 227 34.53 19.46 -23.55
C ALA C 227 35.90 19.11 -22.96
N ALA C 228 36.22 17.82 -22.95
CA ALA C 228 37.50 17.35 -22.42
C ALA C 228 38.58 17.65 -23.46
N GLU C 229 38.35 17.18 -24.68
CA GLU C 229 39.27 17.43 -25.78
C GLU C 229 38.98 18.85 -26.27
N ALA C 230 39.29 19.79 -25.38
CA ALA C 230 39.12 21.22 -25.56
C ALA C 230 39.44 21.69 -24.15
N LEU C 231 40.31 22.69 -24.03
CA LEU C 231 40.72 23.18 -22.72
C LEU C 231 41.30 22.07 -21.83
N GLY C 232 41.12 20.81 -22.25
CA GLY C 232 41.64 19.67 -21.51
C GLY C 232 41.81 19.85 -20.01
N LYS C 233 42.98 20.30 -19.58
CA LYS C 233 43.26 20.51 -18.15
C LYS C 233 42.72 21.85 -17.64
N LYS C 234 41.98 22.54 -18.49
CA LYS C 234 41.38 23.80 -18.12
C LYS C 234 39.96 23.48 -17.68
N LEU C 235 39.51 22.28 -18.05
CA LEU C 235 38.17 21.79 -17.71
C LEU C 235 38.15 21.24 -16.30
N PHE C 236 37.79 22.09 -15.33
CA PHE C 236 37.74 21.68 -13.94
C PHE C 236 36.69 20.61 -13.66
N ALA C 237 35.54 20.71 -14.32
CA ALA C 237 34.48 19.76 -14.13
C ALA C 237 33.46 19.83 -15.24
N VAL C 238 32.62 18.81 -15.30
CA VAL C 238 31.56 18.75 -16.29
C VAL C 238 30.24 18.77 -15.53
N ARG C 239 29.25 19.52 -16.03
CA ARG C 239 27.96 19.59 -15.35
C ARG C 239 26.89 18.77 -16.05
N LEU C 240 26.18 17.95 -15.27
CA LEU C 240 25.10 17.14 -15.80
C LEU C 240 23.81 17.61 -15.18
N ASP C 241 22.85 17.97 -16.04
CA ASP C 241 21.55 18.44 -15.60
C ASP C 241 20.49 17.85 -16.52
N THR C 242 20.60 16.56 -16.80
CA THR C 242 19.67 15.90 -17.68
C THR C 242 18.21 16.30 -17.41
N PRO C 243 17.48 16.69 -18.46
CA PRO C 243 16.07 17.07 -18.30
C PRO C 243 15.30 15.85 -17.82
N SER C 244 14.23 16.08 -17.06
CA SER C 244 13.42 14.98 -16.54
C SER C 244 12.93 14.01 -17.59
N SER C 245 12.59 14.52 -18.77
CA SER C 245 12.11 13.66 -19.83
C SER C 245 13.23 12.72 -20.27
N ARG C 246 14.46 13.09 -19.94
CA ARG C 246 15.61 12.28 -20.33
C ARG C 246 16.27 11.48 -19.22
N ARG C 247 15.98 11.82 -17.97
CA ARG C 247 16.59 11.09 -16.84
C ARG C 247 15.97 9.72 -16.56
N GLY C 248 16.39 8.71 -17.34
CA GLY C 248 15.88 7.37 -17.12
C GLY C 248 16.49 6.86 -15.81
N ASN C 249 17.81 6.90 -15.72
CA ASN C 249 18.50 6.48 -14.53
C ASN C 249 19.68 7.43 -14.40
N PHE C 250 19.51 8.50 -13.65
CA PHE C 250 20.58 9.46 -13.48
C PHE C 250 21.88 8.78 -13.04
N ARG C 251 21.80 7.93 -12.02
CA ARG C 251 22.99 7.24 -11.55
C ARG C 251 23.74 6.64 -12.74
N LYS C 252 23.06 5.77 -13.47
CA LYS C 252 23.66 5.13 -14.62
C LYS C 252 24.24 6.16 -15.58
N ILE C 253 23.49 7.21 -15.88
CA ILE C 253 23.97 8.22 -16.80
C ILE C 253 25.25 8.84 -16.27
N ILE C 254 25.30 9.11 -14.98
CA ILE C 254 26.49 9.71 -14.38
C ILE C 254 27.69 8.80 -14.52
N GLU C 255 27.47 7.50 -14.35
CA GLU C 255 28.57 6.54 -14.46
C GLU C 255 29.11 6.49 -15.88
N GLU C 256 28.21 6.35 -16.84
CA GLU C 256 28.58 6.28 -18.26
C GLU C 256 29.48 7.44 -18.63
N VAL C 257 29.20 8.62 -18.10
CA VAL C 257 30.04 9.77 -18.41
C VAL C 257 31.43 9.54 -17.83
N ARG C 258 31.47 9.16 -16.56
CA ARG C 258 32.73 8.90 -15.90
C ARG C 258 33.55 7.88 -16.69
N TRP C 259 32.88 6.88 -17.25
CA TRP C 259 33.56 5.87 -18.02
C TRP C 259 34.15 6.44 -19.30
N GLU C 260 33.29 6.94 -20.18
CA GLU C 260 33.74 7.50 -21.44
C GLU C 260 34.87 8.49 -21.24
N LEU C 261 34.93 9.11 -20.07
CA LEU C 261 36.01 10.05 -19.80
C LEU C 261 37.23 9.28 -19.37
N LYS C 262 37.06 8.37 -18.42
CA LYS C 262 38.15 7.55 -17.90
C LYS C 262 38.84 6.75 -19.01
N VAL C 263 38.04 6.10 -19.87
CA VAL C 263 38.58 5.31 -20.97
C VAL C 263 39.48 6.17 -21.86
N ARG C 264 38.98 7.33 -22.25
CA ARG C 264 39.75 8.23 -23.10
C ARG C 264 40.82 9.00 -22.33
N GLY C 265 41.24 8.44 -21.21
CA GLY C 265 42.28 9.05 -20.42
C GLY C 265 42.03 10.36 -19.68
N TYR C 266 40.81 10.88 -19.74
CA TYR C 266 40.54 12.13 -19.01
C TYR C 266 40.13 11.71 -17.61
N ASP C 267 40.94 12.05 -16.60
CA ASP C 267 40.63 11.63 -15.24
C ASP C 267 40.60 12.70 -14.15
N TRP C 268 40.95 13.93 -14.50
CA TRP C 268 40.95 15.01 -13.52
C TRP C 268 39.58 15.65 -13.47
N VAL C 269 38.88 15.61 -14.60
CA VAL C 269 37.56 16.21 -14.70
C VAL C 269 36.56 15.54 -13.75
N LYS C 270 35.97 16.35 -12.89
CA LYS C 270 34.99 15.90 -11.91
C LYS C 270 33.56 15.97 -12.45
N ILE C 271 32.65 15.34 -11.75
CA ILE C 271 31.25 15.33 -12.15
C ILE C 271 30.44 16.24 -11.25
N PHE C 272 29.95 17.33 -11.82
CA PHE C 272 29.14 18.28 -11.08
C PHE C 272 27.71 18.16 -11.61
N VAL C 273 26.75 17.94 -10.70
CA VAL C 273 25.36 17.80 -11.13
C VAL C 273 24.40 18.78 -10.46
N SER C 274 23.32 19.06 -11.15
CA SER C 274 22.32 19.95 -10.63
C SER C 274 21.06 19.62 -11.41
N GLY C 275 19.91 20.01 -10.87
CA GLY C 275 18.68 19.75 -11.59
C GLY C 275 17.67 18.96 -10.77
N GLY C 276 16.67 19.68 -10.30
CA GLY C 276 15.60 19.09 -9.52
C GLY C 276 16.01 17.90 -8.69
N LEU C 277 16.67 18.13 -7.56
CA LEU C 277 17.05 17.02 -6.71
C LEU C 277 16.92 17.30 -5.23
N ASP C 278 16.47 16.30 -4.50
CA ASP C 278 16.29 16.38 -3.06
C ASP C 278 17.19 15.34 -2.37
N GLU C 279 16.89 15.05 -1.10
CA GLU C 279 17.66 14.09 -0.32
C GLU C 279 17.70 12.71 -0.94
N GLU C 280 16.54 12.11 -1.10
CA GLU C 280 16.45 10.78 -1.68
C GLU C 280 17.19 10.66 -3.01
N LYS C 281 17.09 11.69 -3.85
CA LYS C 281 17.74 11.69 -5.15
C LYS C 281 19.26 11.76 -5.05
N ILE C 282 19.74 12.55 -4.10
CA ILE C 282 21.16 12.71 -3.87
C ILE C 282 21.74 11.48 -3.21
N LYS C 283 21.01 10.89 -2.28
CA LYS C 283 21.47 9.70 -1.60
C LYS C 283 21.75 8.60 -2.60
N GLU C 284 21.00 8.57 -3.69
CA GLU C 284 21.22 7.50 -4.66
C GLU C 284 22.27 7.86 -5.70
N ILE C 285 23.08 8.87 -5.42
CA ILE C 285 24.02 9.31 -6.41
C ILE C 285 25.29 9.98 -5.84
N VAL C 286 25.34 10.13 -4.52
CA VAL C 286 26.47 10.78 -3.85
C VAL C 286 27.83 10.22 -4.19
N ASP C 287 27.95 8.91 -4.06
CA ASP C 287 29.21 8.22 -4.28
C ASP C 287 29.71 8.22 -5.72
N VAL C 288 29.13 9.05 -6.57
CA VAL C 288 29.56 9.08 -7.95
C VAL C 288 29.58 10.49 -8.49
N VAL C 289 29.23 11.45 -7.63
CA VAL C 289 29.22 12.85 -8.03
C VAL C 289 30.15 13.63 -7.12
N ASP C 290 30.77 14.67 -7.67
CA ASP C 290 31.72 15.47 -6.93
C ASP C 290 31.11 16.64 -6.22
N ALA C 291 30.22 17.36 -6.89
CA ALA C 291 29.57 18.52 -6.30
C ALA C 291 28.13 18.65 -6.76
N PHE C 292 27.29 19.15 -5.87
CA PHE C 292 25.87 19.32 -6.13
C PHE C 292 25.38 20.73 -6.30
N GLY C 293 24.47 20.89 -7.25
CA GLY C 293 23.84 22.18 -7.50
C GLY C 293 22.36 22.01 -7.14
N VAL C 294 21.93 22.59 -6.04
CA VAL C 294 20.55 22.41 -5.66
C VAL C 294 19.71 23.67 -5.76
N GLY C 295 18.52 23.53 -6.35
CA GLY C 295 17.64 24.69 -6.46
C GLY C 295 16.46 24.76 -5.48
N GLY C 296 15.28 24.47 -6.01
CA GLY C 296 14.04 24.52 -5.25
C GLY C 296 13.93 23.79 -3.94
N ALA C 297 14.53 22.61 -3.82
CA ALA C 297 14.47 21.83 -2.60
C ALA C 297 14.97 22.60 -1.40
N ILE C 298 15.72 23.68 -1.65
CA ILE C 298 16.27 24.50 -0.57
C ILE C 298 15.63 25.87 -0.53
N ALA C 299 15.53 26.53 -1.68
CA ALA C 299 14.92 27.85 -1.74
C ALA C 299 13.41 27.83 -1.50
N SER C 300 12.76 26.84 -2.10
CA SER C 300 11.32 26.65 -1.99
C SER C 300 11.00 25.72 -0.85
N ALA C 301 11.93 25.54 0.06
CA ALA C 301 11.72 24.67 1.19
C ALA C 301 10.50 25.18 1.97
N LYS C 302 9.86 24.32 2.73
CA LYS C 302 8.70 24.73 3.52
C LYS C 302 9.11 25.43 4.80
N PRO C 303 8.36 26.47 5.19
CA PRO C 303 8.61 27.25 6.41
C PRO C 303 8.42 26.38 7.66
N VAL C 304 8.92 26.84 8.80
CA VAL C 304 8.77 26.10 10.05
C VAL C 304 7.58 26.79 10.72
N ASP C 305 6.53 26.01 11.01
CA ASP C 305 5.31 26.58 11.60
C ASP C 305 5.62 27.21 12.95
N PHE C 306 6.32 28.35 12.93
CA PHE C 306 6.68 29.07 14.16
C PHE C 306 5.50 29.93 14.66
N ALA C 307 5.22 29.85 15.96
CA ALA C 307 4.13 30.64 16.51
C ALA C 307 4.54 31.40 17.78
N LEU C 308 3.99 32.59 17.96
CA LEU C 308 4.27 33.43 19.12
C LEU C 308 3.10 33.32 20.10
N ASP C 309 3.36 32.74 21.27
CA ASP C 309 2.30 32.57 22.27
C ASP C 309 2.69 33.02 23.68
N ILE C 310 1.87 33.88 24.28
CA ILE C 310 2.13 34.33 25.64
C ILE C 310 1.99 33.16 26.61
N VAL C 311 3.10 32.84 27.28
CA VAL C 311 3.15 31.72 28.23
C VAL C 311 3.17 32.21 29.68
N GLU C 312 3.21 33.52 29.85
CA GLU C 312 3.24 34.11 31.19
C GLU C 312 2.80 35.58 31.15
N VAL C 313 1.89 35.93 32.05
CA VAL C 313 1.38 37.30 32.14
C VAL C 313 1.52 37.81 33.58
N GLU C 314 2.38 38.81 33.77
CA GLU C 314 2.62 39.40 35.09
C GLU C 314 3.17 38.34 36.07
N GLY C 315 4.23 37.66 35.65
CA GLY C 315 4.83 36.64 36.50
C GLY C 315 3.93 35.45 36.76
N LYS C 316 2.76 35.44 36.13
CA LYS C 316 1.80 34.36 36.28
C LYS C 316 1.81 33.43 35.07
N PRO C 317 2.01 32.12 35.29
CA PRO C 317 2.05 31.10 34.25
C PRO C 317 0.70 30.84 33.60
N ILE C 318 0.55 31.25 32.34
CA ILE C 318 -0.69 31.05 31.60
C ILE C 318 -0.47 31.05 30.09
N ALA C 319 -1.00 30.02 29.43
CA ALA C 319 -0.92 29.86 27.98
C ALA C 319 -2.16 29.12 27.50
N LYS C 320 -2.61 29.37 26.28
CA LYS C 320 -3.80 28.69 25.75
C LYS C 320 -3.61 27.18 25.53
N ARG C 321 -4.68 26.50 25.09
CA ARG C 321 -4.66 25.05 24.85
C ARG C 321 -3.58 24.56 23.89
N GLY C 322 -2.95 23.45 24.24
CA GLY C 322 -1.91 22.89 23.39
C GLY C 322 -0.60 23.67 23.42
N LYS C 323 -0.51 24.64 24.32
CA LYS C 323 0.70 25.45 24.45
C LYS C 323 1.27 25.28 25.87
N LEU C 324 2.59 25.23 25.98
CA LEU C 324 3.26 25.08 27.26
C LEU C 324 3.24 26.40 27.99
N SER C 325 3.09 26.33 29.30
CA SER C 325 3.00 27.54 30.11
C SER C 325 4.25 27.87 30.92
N GLY C 326 4.47 29.15 31.17
CA GLY C 326 5.59 29.57 31.98
C GLY C 326 6.87 30.02 31.28
N ARG C 327 7.70 30.73 32.03
CA ARG C 327 8.99 31.23 31.53
C ARG C 327 9.99 30.11 31.67
N LYS C 328 10.61 29.69 30.57
CA LYS C 328 11.57 28.61 30.67
C LYS C 328 12.90 28.73 29.93
N GLN C 329 13.76 27.75 30.16
CA GLN C 329 15.07 27.69 29.54
C GLN C 329 15.33 26.29 28.99
N VAL C 330 16.19 26.22 27.98
CA VAL C 330 16.55 24.97 27.34
C VAL C 330 18.04 24.71 27.55
N TYR C 331 18.36 23.61 28.24
CA TYR C 331 19.76 23.26 28.50
C TYR C 331 20.25 22.21 27.54
N ARG C 332 21.40 22.46 26.94
CA ARG C 332 21.98 21.53 25.98
C ARG C 332 23.33 21.05 26.49
N CYS C 333 23.59 19.76 26.39
CA CYS C 333 24.88 19.26 26.80
C CYS C 333 25.72 19.14 25.53
N GLU C 334 26.99 18.81 25.68
CA GLU C 334 27.86 18.70 24.53
C GLU C 334 27.53 17.49 23.69
N ASN C 335 26.60 16.65 24.16
CA ASN C 335 26.23 15.47 23.41
C ASN C 335 24.88 15.62 22.73
N GLY C 336 24.50 16.86 22.48
CA GLY C 336 23.25 17.15 21.82
C GLY C 336 21.97 16.86 22.57
N HIS C 337 22.09 16.37 23.80
CA HIS C 337 20.90 16.05 24.58
C HIS C 337 20.30 17.37 25.07
N TYR C 338 19.06 17.65 24.66
CA TYR C 338 18.39 18.88 25.08
C TYR C 338 17.44 18.64 26.23
N HIS C 339 17.11 19.70 26.96
CA HIS C 339 16.21 19.60 28.09
C HIS C 339 15.51 20.92 28.37
N VAL C 340 14.20 20.97 28.17
CA VAL C 340 13.46 22.19 28.45
C VAL C 340 12.94 22.11 29.87
N VAL C 341 13.30 23.07 30.69
CA VAL C 341 12.87 23.10 32.08
C VAL C 341 12.41 24.48 32.47
N PRO C 342 11.68 24.59 33.57
CA PRO C 342 11.19 25.88 34.06
C PRO C 342 12.37 26.75 34.50
N ALA C 343 12.29 28.06 34.24
CA ALA C 343 13.37 28.96 34.64
C ALA C 343 13.57 28.99 36.16
N ASN C 344 12.51 28.65 36.90
CA ASN C 344 12.53 28.61 38.36
C ASN C 344 13.53 27.59 38.88
N LYS C 345 14.13 26.82 37.96
CA LYS C 345 15.10 25.80 38.31
C LYS C 345 16.31 25.94 37.39
N LYS C 346 17.43 25.35 37.78
CA LYS C 346 18.64 25.46 36.96
C LYS C 346 19.43 24.16 36.88
N LEU C 347 19.71 23.73 35.65
CA LEU C 347 20.45 22.49 35.40
C LEU C 347 21.96 22.73 35.38
N GLU C 348 22.70 21.65 35.61
CA GLU C 348 24.15 21.70 35.59
C GLU C 348 24.64 20.36 35.10
N ARG C 349 23.93 19.33 35.52
CA ARG C 349 24.23 17.95 35.14
C ARG C 349 23.29 17.63 33.99
N CYS C 350 23.72 16.75 33.09
CA CYS C 350 22.84 16.38 31.99
C CYS C 350 22.03 15.17 32.43
N PRO C 351 20.71 15.36 32.63
CA PRO C 351 19.84 14.26 33.06
C PRO C 351 20.26 12.91 32.51
N VAL C 352 20.62 12.89 31.23
CA VAL C 352 21.07 11.65 30.60
C VAL C 352 22.57 11.49 30.88
N CYS C 353 23.37 11.17 29.87
CA CYS C 353 24.81 11.00 30.07
C CYS C 353 25.40 12.20 30.81
N ASN C 354 25.56 12.06 32.12
CA ASN C 354 26.09 13.13 32.97
C ASN C 354 27.19 13.94 32.30
N ALA C 355 26.86 15.16 31.93
CA ALA C 355 27.80 16.06 31.27
C ALA C 355 27.39 17.48 31.62
N LYS C 356 28.27 18.43 31.32
CA LYS C 356 27.99 19.82 31.62
C LYS C 356 27.01 20.36 30.60
N VAL C 357 25.98 21.05 31.08
CA VAL C 357 24.96 21.61 30.19
C VAL C 357 24.93 23.13 30.28
N GLU C 358 24.77 23.80 29.14
CA GLU C 358 24.75 25.24 29.12
C GLU C 358 23.43 25.79 28.57
N PRO C 359 22.93 26.89 29.15
CA PRO C 359 21.69 27.57 28.77
C PRO C 359 21.74 28.08 27.33
N LEU C 360 20.61 28.06 26.64
CA LEU C 360 20.57 28.52 25.26
C LEU C 360 19.88 29.87 25.09
N LEU C 361 18.83 30.13 25.86
CA LEU C 361 18.15 31.42 25.76
C LEU C 361 19.04 32.49 26.40
N LYS C 362 19.55 33.41 25.58
CA LYS C 362 20.42 34.48 26.07
C LYS C 362 19.87 35.82 25.65
N PRO C 363 20.05 36.85 26.49
CA PRO C 363 19.56 38.21 26.18
C PRO C 363 20.21 38.81 24.94
N ILE C 364 19.38 39.32 24.03
CA ILE C 364 19.90 39.94 22.80
C ILE C 364 19.39 41.38 22.66
N ILE C 365 18.28 41.70 23.32
CA ILE C 365 17.73 43.04 23.28
C ILE C 365 17.18 43.45 24.64
N GLU C 366 17.85 44.42 25.24
CA GLU C 366 17.47 44.95 26.54
C GLU C 366 16.74 46.27 26.33
N ASN C 367 15.43 46.25 26.55
CA ASN C 367 14.60 47.43 26.39
C ASN C 367 14.87 48.16 25.06
N GLY C 368 14.64 47.46 23.96
CA GLY C 368 14.83 48.05 22.66
C GLY C 368 16.29 48.27 22.28
N GLU C 369 17.19 47.84 23.15
CA GLU C 369 18.62 48.01 22.91
C GLU C 369 19.28 46.68 22.59
N ILE C 370 19.84 46.56 21.40
CA ILE C 370 20.50 45.31 21.02
C ILE C 370 21.86 45.15 21.70
N VAL C 371 21.85 44.44 22.83
CA VAL C 371 23.03 44.19 23.63
C VAL C 371 23.98 43.15 23.03
N VAL C 372 23.93 42.96 21.70
CA VAL C 372 24.81 41.97 21.09
C VAL C 372 25.35 42.32 19.72
N GLU C 373 26.52 41.74 19.44
CA GLU C 373 27.21 41.92 18.17
C GLU C 373 26.83 40.66 17.39
N PHE C 374 26.35 40.83 16.17
CA PHE C 374 25.93 39.67 15.40
C PHE C 374 26.95 39.12 14.44
N PRO C 375 27.33 37.86 14.64
CA PRO C 375 28.32 37.15 13.83
C PRO C 375 28.04 37.20 12.33
N LYS C 376 29.09 37.19 11.53
CA LYS C 376 28.93 37.23 10.10
C LYS C 376 28.49 35.83 9.66
N ALA C 377 27.75 35.77 8.57
CA ALA C 377 27.23 34.51 8.04
C ALA C 377 28.15 33.30 8.14
N ARG C 378 29.30 33.34 7.47
CA ARG C 378 30.22 32.20 7.45
C ARG C 378 30.60 31.60 8.81
N GLU C 379 30.66 32.42 9.85
CA GLU C 379 31.03 31.87 11.15
C GLU C 379 29.82 31.13 11.75
N ILE C 380 28.61 31.60 11.44
CA ILE C 380 27.39 30.95 11.92
C ILE C 380 27.37 29.58 11.26
N ARG C 381 27.53 29.59 9.94
CA ARG C 381 27.57 28.35 9.19
C ARG C 381 28.59 27.39 9.82
N GLU C 382 29.68 27.94 10.33
CA GLU C 382 30.73 27.16 10.97
C GLU C 382 30.05 26.42 12.13
N TYR C 383 29.19 27.16 12.83
CA TYR C 383 28.44 26.67 13.99
C TYR C 383 27.44 25.57 13.69
N VAL C 384 26.78 25.65 12.54
CA VAL C 384 25.80 24.66 12.16
C VAL C 384 26.48 23.33 11.89
N LEU C 385 27.44 23.34 10.97
CA LEU C 385 28.16 22.14 10.60
C LEU C 385 28.85 21.46 11.78
N GLU C 386 29.36 22.25 12.74
CA GLU C 386 30.03 21.67 13.91
C GLU C 386 29.01 20.89 14.73
N GLN C 387 27.81 21.46 14.91
CA GLN C 387 26.73 20.83 15.64
C GLN C 387 26.32 19.55 14.91
N ALA C 388 26.12 19.68 13.61
CA ALA C 388 25.74 18.54 12.77
C ALA C 388 26.62 17.34 13.10
N LYS C 389 27.94 17.56 13.05
CA LYS C 389 28.93 16.52 13.30
C LYS C 389 29.06 16.10 14.77
N LYS C 390 29.12 17.08 15.65
CA LYS C 390 29.24 16.78 17.08
C LYS C 390 28.04 15.97 17.56
N PHE C 391 26.84 16.45 17.24
CA PHE C 391 25.58 15.81 17.63
C PHE C 391 25.22 14.60 16.77
N ASN C 392 25.97 14.39 15.70
CA ASN C 392 25.73 13.26 14.81
C ASN C 392 24.29 13.24 14.27
N LEU C 393 23.86 14.37 13.69
CA LEU C 393 22.51 14.51 13.14
C LEU C 393 22.27 13.50 12.04
N GLU C 394 21.05 12.97 11.99
CA GLU C 394 20.68 11.94 11.02
C GLU C 394 19.57 12.37 10.07
N ILE C 395 19.75 12.05 8.79
CA ILE C 395 18.74 12.38 7.77
C ILE C 395 17.84 11.17 7.49
N MET D 7 24.11 49.71 7.50
CA MET D 7 23.44 50.21 6.27
C MET D 7 22.00 49.67 6.15
N LYS D 8 21.86 48.50 5.54
CA LYS D 8 20.55 47.84 5.36
C LYS D 8 20.36 46.87 6.53
N ARG D 9 19.21 46.95 7.20
CA ARG D 9 18.96 46.08 8.36
C ARG D 9 18.27 44.76 8.08
N PHE D 10 17.81 44.57 6.85
CA PHE D 10 17.13 43.33 6.48
C PHE D 10 17.71 42.80 5.17
N TYR D 11 17.95 41.50 5.11
CA TYR D 11 18.52 40.90 3.92
C TYR D 11 17.54 40.79 2.78
N ILE D 12 17.04 41.93 2.32
CA ILE D 12 16.11 41.97 1.20
C ILE D 12 16.75 42.76 0.07
N ALA D 13 16.08 42.82 -1.07
CA ALA D 13 16.60 43.57 -2.20
C ALA D 13 15.71 44.77 -2.39
N ASN D 14 16.33 45.92 -2.67
CA ASN D 14 15.59 47.18 -2.88
C ASN D 14 15.03 47.18 -4.29
N GLU D 15 13.91 47.86 -4.47
CA GLU D 15 13.27 47.93 -5.77
C GLU D 15 14.28 48.25 -6.89
N ASP D 16 15.27 49.08 -6.59
CA ASP D 16 16.29 49.44 -7.58
C ASP D 16 17.24 48.30 -7.93
N GLU D 17 17.78 47.65 -6.90
CA GLU D 17 18.72 46.56 -7.08
C GLU D 17 18.09 45.46 -7.94
N ILE D 18 16.79 45.28 -7.79
CA ILE D 18 16.09 44.26 -8.57
C ILE D 18 15.94 44.73 -10.01
N LYS D 19 15.47 45.97 -10.17
CA LYS D 19 15.29 46.52 -11.52
C LYS D 19 16.65 46.57 -12.18
N ALA D 20 17.69 46.70 -11.37
CA ALA D 20 19.05 46.75 -11.86
C ALA D 20 19.48 45.38 -12.42
N GLY D 21 19.31 44.33 -11.63
CA GLY D 21 19.70 43.00 -12.06
C GLY D 21 20.76 42.49 -11.13
N LYS D 22 20.91 43.18 -10.00
CA LYS D 22 21.90 42.83 -8.98
C LYS D 22 21.57 41.51 -8.25
N THR D 23 20.35 41.02 -8.44
CA THR D 23 19.90 39.80 -7.79
C THR D 23 19.95 38.57 -8.68
N THR D 24 20.76 38.58 -9.73
CA THR D 24 20.81 37.41 -10.58
C THR D 24 21.92 36.45 -10.22
N ASP D 25 21.93 35.33 -10.93
CA ASP D 25 22.94 34.29 -10.74
C ASP D 25 24.17 34.76 -11.54
N VAL D 26 25.32 34.83 -10.86
CA VAL D 26 26.54 35.29 -11.53
C VAL D 26 26.75 34.74 -12.92
N TYR D 27 26.59 33.43 -13.10
CA TYR D 27 26.83 32.86 -14.41
C TYR D 27 26.03 33.49 -15.55
N PHE D 28 25.16 34.44 -15.22
CA PHE D 28 24.38 35.15 -16.24
C PHE D 28 25.17 36.42 -16.61
N LEU D 29 25.84 36.99 -15.61
CA LEU D 29 26.67 38.17 -15.81
C LEU D 29 27.81 37.75 -16.71
N ARG D 30 28.47 36.66 -16.33
CA ARG D 30 29.56 36.12 -17.10
C ARG D 30 29.11 35.81 -18.52
N THR D 31 27.83 35.49 -18.69
CA THR D 31 27.32 35.21 -20.03
C THR D 31 27.26 36.49 -20.83
N LYS D 32 26.97 37.60 -20.15
CA LYS D 32 26.90 38.88 -20.85
C LYS D 32 28.32 39.25 -21.25
N LYS D 33 29.28 38.98 -20.38
CA LYS D 33 30.69 39.28 -20.67
C LYS D 33 31.12 38.56 -21.97
N ILE D 34 31.12 37.24 -21.94
CA ILE D 34 31.51 36.44 -23.11
C ILE D 34 30.89 37.04 -24.39
N LEU D 35 29.58 37.22 -24.37
CA LEU D 35 28.82 37.75 -25.49
C LEU D 35 29.19 39.17 -25.89
N GLU D 36 29.34 40.03 -24.90
CA GLU D 36 29.68 41.43 -25.13
C GLU D 36 31.11 41.58 -25.64
N VAL D 37 32.06 41.04 -24.89
CA VAL D 37 33.47 41.10 -25.27
C VAL D 37 33.71 40.45 -26.62
N LYS D 38 33.61 39.14 -26.67
CA LYS D 38 33.80 38.39 -27.93
C LYS D 38 32.72 38.85 -28.92
N ASN D 39 31.99 39.88 -28.51
CA ASN D 39 30.90 40.49 -29.26
C ASN D 39 30.06 39.52 -30.11
N ILE D 40 29.11 38.86 -29.47
CA ILE D 40 28.24 37.91 -30.14
C ILE D 40 26.80 38.41 -29.96
N ARG D 41 26.50 39.54 -30.57
CA ARG D 41 25.17 40.11 -30.47
C ARG D 41 24.25 39.49 -31.51
N LYS D 42 23.04 39.12 -31.09
CA LYS D 42 22.05 38.54 -31.99
C LYS D 42 20.66 38.45 -31.37
N LYS D 43 19.64 38.55 -32.23
CA LYS D 43 18.25 38.49 -31.82
C LYS D 43 17.79 37.07 -31.54
N VAL D 44 17.13 36.90 -30.39
CA VAL D 44 16.60 35.60 -29.98
C VAL D 44 15.22 35.75 -29.37
N LEU D 45 14.45 34.67 -29.43
CA LEU D 45 13.13 34.64 -28.85
C LEU D 45 13.17 33.60 -27.74
N ALA D 46 12.93 34.02 -26.52
CA ALA D 46 12.93 33.12 -25.38
C ALA D 46 11.49 32.85 -24.93
N ASP D 47 11.26 31.63 -24.47
CA ASP D 47 9.96 31.16 -24.01
C ASP D 47 9.99 30.93 -22.50
N VAL D 48 8.84 31.10 -21.86
CA VAL D 48 8.74 30.82 -20.44
C VAL D 48 7.63 29.76 -20.29
N THR D 49 7.99 28.59 -19.76
CA THR D 49 7.03 27.51 -19.56
C THR D 49 7.42 26.69 -18.34
N THR D 50 6.72 25.56 -18.15
CA THR D 50 6.99 24.61 -17.08
C THR D 50 6.68 23.30 -17.73
N THR D 51 7.39 22.26 -17.31
CA THR D 51 7.17 20.94 -17.85
C THR D 51 6.25 20.20 -16.90
N SER D 52 5.92 20.87 -15.80
CA SER D 52 5.05 20.29 -14.81
C SER D 52 4.53 21.36 -13.88
N LEU D 53 3.49 21.03 -13.15
CA LEU D 53 2.94 21.94 -12.15
C LEU D 53 3.09 21.21 -10.83
N PRO D 54 3.08 21.92 -9.71
CA PRO D 54 3.23 21.25 -8.42
C PRO D 54 2.26 20.10 -8.27
N ASN D 55 2.72 19.06 -7.56
CA ASN D 55 1.91 17.87 -7.28
C ASN D 55 1.28 17.26 -8.51
N ASN D 56 1.85 17.62 -9.67
CA ASN D 56 1.34 17.12 -10.94
C ASN D 56 -0.10 17.53 -11.16
N TRP D 57 -0.39 18.76 -10.78
CA TRP D 57 -1.72 19.29 -10.96
C TRP D 57 -1.92 19.45 -12.46
N ARG D 58 -3.18 19.51 -12.89
CA ARG D 58 -3.49 19.64 -14.31
C ARG D 58 -3.39 21.07 -14.84
N TRP D 59 -3.76 22.06 -14.04
CA TRP D 59 -3.70 23.46 -14.46
C TRP D 59 -3.12 24.32 -13.37
N GLY D 60 -2.81 25.58 -13.71
CA GLY D 60 -2.28 26.52 -12.74
C GLY D 60 -2.81 27.90 -13.06
N VAL D 61 -2.67 28.87 -12.16
CA VAL D 61 -3.14 30.23 -12.41
C VAL D 61 -1.97 31.17 -12.64
N LEU D 62 -1.89 31.75 -13.82
CA LEU D 62 -0.79 32.67 -14.16
C LEU D 62 -0.82 33.94 -13.32
N VAL D 63 0.32 34.30 -12.72
CA VAL D 63 0.41 35.50 -11.91
C VAL D 63 1.77 36.16 -11.94
N GLY D 64 1.80 37.49 -12.00
CA GLY D 64 3.07 38.20 -12.03
C GLY D 64 3.40 38.89 -13.34
N VAL D 65 2.56 38.75 -14.36
CA VAL D 65 2.80 39.39 -15.65
C VAL D 65 3.07 40.88 -15.45
N GLU D 66 2.42 41.48 -14.47
CA GLU D 66 2.60 42.91 -14.18
C GLU D 66 4.04 43.21 -13.79
N GLU D 67 4.44 42.78 -12.59
CA GLU D 67 5.81 43.02 -12.13
C GLU D 67 6.85 42.75 -13.22
N VAL D 68 6.65 41.72 -14.04
CA VAL D 68 7.63 41.42 -15.07
C VAL D 68 7.72 42.55 -16.09
N ALA D 69 6.58 43.14 -16.42
CA ALA D 69 6.59 44.23 -17.38
C ALA D 69 7.32 45.41 -16.73
N LYS D 70 7.00 45.69 -15.46
CA LYS D 70 7.63 46.78 -14.73
C LYS D 70 9.14 46.54 -14.52
N LEU D 71 9.61 45.36 -14.88
CA LEU D 71 11.04 45.02 -14.71
C LEU D 71 11.82 45.15 -16.02
N LEU D 72 11.25 44.62 -17.09
CA LEU D 72 11.87 44.67 -18.41
C LEU D 72 11.60 46.02 -19.04
N GLU D 73 10.90 46.88 -18.30
CA GLU D 73 10.56 48.21 -18.76
C GLU D 73 11.83 49.01 -19.05
N GLY D 74 11.88 49.64 -20.23
CA GLY D 74 13.05 50.42 -20.59
C GLY D 74 14.22 49.52 -20.94
N ILE D 75 13.93 48.45 -21.67
CA ILE D 75 14.97 47.52 -22.08
C ILE D 75 14.71 47.06 -23.50
N PRO D 76 15.75 47.05 -24.34
CA PRO D 76 15.81 46.67 -25.77
C PRO D 76 15.08 45.41 -26.24
N VAL D 77 13.89 45.14 -25.70
CA VAL D 77 13.17 43.93 -26.08
C VAL D 77 11.65 44.03 -26.15
N ASN D 78 11.05 43.01 -26.75
CA ASN D 78 9.60 42.92 -26.84
C ASN D 78 9.16 41.86 -25.85
N VAL D 79 7.99 42.04 -25.26
CA VAL D 79 7.49 41.09 -24.29
C VAL D 79 6.03 40.76 -24.53
N TYR D 80 5.76 39.59 -25.09
CA TYR D 80 4.39 39.16 -25.33
C TYR D 80 3.99 38.28 -24.13
N ALA D 81 2.70 38.25 -23.80
CA ALA D 81 2.27 37.46 -22.66
C ALA D 81 0.79 37.14 -22.67
N MET D 82 0.38 36.35 -21.69
CA MET D 82 -1.01 35.97 -21.52
C MET D 82 -1.51 36.93 -20.46
N PRO D 83 -2.81 37.24 -20.47
CA PRO D 83 -3.31 38.17 -19.44
C PRO D 83 -3.18 37.58 -18.03
N GLU D 84 -2.64 38.36 -17.10
CA GLU D 84 -2.47 37.88 -15.75
C GLU D 84 -3.76 37.21 -15.27
N GLY D 85 -3.65 36.05 -14.65
CA GLY D 85 -4.81 35.37 -14.16
C GLY D 85 -5.27 34.25 -15.08
N THR D 86 -4.69 34.18 -16.26
CA THR D 86 -5.07 33.14 -17.20
C THR D 86 -4.77 31.74 -16.68
N ILE D 87 -5.66 30.81 -16.97
CA ILE D 87 -5.44 29.43 -16.58
C ILE D 87 -4.48 28.91 -17.63
N PHE D 88 -3.41 28.24 -17.21
CA PHE D 88 -2.45 27.71 -18.18
C PHE D 88 -2.06 26.26 -17.91
N HIS D 89 -1.21 25.73 -18.78
CA HIS D 89 -0.77 24.34 -18.66
C HIS D 89 0.70 24.16 -18.99
N PRO D 90 1.21 22.95 -18.78
CA PRO D 90 2.63 22.70 -19.08
C PRO D 90 2.88 22.81 -20.57
N TYR D 91 4.09 23.19 -20.92
CA TYR D 91 4.50 23.32 -22.32
C TYR D 91 3.90 24.49 -23.08
N GLU D 92 3.01 25.23 -22.42
CA GLU D 92 2.39 26.39 -23.04
C GLU D 92 3.10 27.64 -22.57
N PRO D 93 3.72 28.38 -23.51
CA PRO D 93 4.42 29.60 -23.13
C PRO D 93 3.44 30.60 -22.51
N VAL D 94 3.77 31.08 -21.33
CA VAL D 94 2.93 32.04 -20.66
C VAL D 94 3.47 33.45 -20.89
N LEU D 95 4.69 33.52 -21.41
CA LEU D 95 5.34 34.81 -21.68
C LEU D 95 6.57 34.61 -22.55
N GLN D 96 6.75 35.48 -23.55
CA GLN D 96 7.90 35.40 -24.44
C GLN D 96 8.69 36.70 -24.42
N ILE D 97 9.95 36.63 -24.85
CA ILE D 97 10.78 37.81 -24.89
C ILE D 97 11.64 37.79 -26.15
N GLU D 98 11.72 38.93 -26.82
CA GLU D 98 12.51 38.99 -28.04
C GLU D 98 13.57 40.07 -27.94
N GLY D 99 14.77 39.75 -28.43
CA GLY D 99 15.85 40.70 -28.38
C GLY D 99 17.21 40.07 -28.27
N ASP D 100 18.21 40.90 -28.00
CA ASP D 100 19.58 40.43 -27.86
C ASP D 100 19.67 39.81 -26.48
N TYR D 101 19.97 38.51 -26.42
CA TYR D 101 20.07 37.85 -25.12
C TYR D 101 21.00 38.65 -24.23
N ALA D 102 22.02 39.25 -24.85
CA ALA D 102 22.99 40.03 -24.11
C ALA D 102 22.35 41.14 -23.30
N ASP D 103 21.16 41.57 -23.71
CA ASP D 103 20.46 42.65 -23.01
C ASP D 103 19.58 42.25 -21.81
N PHE D 104 18.66 41.31 -22.02
CA PHE D 104 17.74 40.88 -20.97
C PHE D 104 18.14 39.62 -20.18
N GLY D 105 18.98 38.79 -20.77
CA GLY D 105 19.42 37.55 -20.12
C GLY D 105 19.77 37.66 -18.64
N ILE D 106 20.10 38.85 -18.21
CA ILE D 106 20.48 39.07 -16.83
C ILE D 106 19.23 39.32 -16.00
N TYR D 107 18.07 39.02 -16.56
CA TYR D 107 16.82 39.23 -15.81
C TYR D 107 16.00 37.97 -15.58
N GLU D 108 16.61 36.81 -15.80
CA GLU D 108 15.92 35.56 -15.57
C GLU D 108 15.64 35.37 -14.10
N THR D 109 16.71 35.38 -13.32
CA THR D 109 16.59 35.19 -11.89
C THR D 109 15.47 36.00 -11.25
N ALA D 110 15.21 37.17 -11.80
CA ALA D 110 14.17 38.02 -11.25
C ALA D 110 12.80 37.75 -11.85
N LEU D 111 12.71 37.75 -13.16
CA LEU D 111 11.43 37.51 -13.81
C LEU D 111 10.82 36.14 -13.47
N LEU D 112 11.61 35.08 -13.60
CA LEU D 112 11.09 33.75 -13.27
C LEU D 112 10.59 33.69 -11.82
N GLY D 113 11.34 34.25 -10.89
CA GLY D 113 10.88 34.22 -9.52
C GLY D 113 9.55 34.95 -9.36
N MET D 114 9.39 36.03 -10.11
CA MET D 114 8.17 36.83 -10.05
C MET D 114 6.96 36.04 -10.55
N LEU D 115 7.13 35.27 -11.61
CA LEU D 115 6.02 34.49 -12.15
C LEU D 115 5.79 33.24 -11.31
N SER D 116 6.89 32.55 -10.98
CA SER D 116 6.89 31.31 -10.22
C SER D 116 6.18 31.22 -8.86
N GLN D 117 6.56 32.06 -7.92
CA GLN D 117 5.95 31.96 -6.61
C GLN D 117 4.52 32.49 -6.58
N ALA D 118 4.27 33.54 -7.37
CA ALA D 118 2.93 34.12 -7.43
C ALA D 118 2.00 33.09 -8.04
N SER D 119 2.38 32.60 -9.20
CA SER D 119 1.59 31.59 -9.87
C SER D 119 1.34 30.42 -8.94
N GLY D 120 2.36 30.08 -8.16
CA GLY D 120 2.24 29.00 -7.21
C GLY D 120 1.17 29.28 -6.18
N ILE D 121 1.29 30.40 -5.49
CA ILE D 121 0.29 30.76 -4.47
C ILE D 121 -1.13 30.85 -5.05
N ALA D 122 -1.26 31.48 -6.22
CA ALA D 122 -2.56 31.61 -6.87
C ALA D 122 -3.21 30.25 -7.12
N THR D 123 -2.55 29.41 -7.89
CA THR D 123 -3.06 28.08 -8.21
C THR D 123 -3.51 27.40 -6.91
N ALA D 124 -2.68 27.47 -5.89
CA ALA D 124 -3.01 26.87 -4.63
C ALA D 124 -4.35 27.41 -4.21
N ALA D 125 -4.45 28.73 -4.10
CA ALA D 125 -5.66 29.40 -3.68
C ALA D 125 -6.89 28.93 -4.47
N LEU D 126 -6.85 29.07 -5.79
CA LEU D 126 -7.99 28.69 -6.60
C LEU D 126 -8.46 27.28 -6.28
N ARG D 127 -7.51 26.35 -6.09
CA ARG D 127 -7.86 24.96 -5.79
C ARG D 127 -8.58 24.90 -4.45
N ILE D 128 -8.16 25.73 -3.51
CA ILE D 128 -8.80 25.75 -2.20
C ILE D 128 -10.21 26.28 -2.39
N LYS D 129 -10.32 27.34 -3.19
CA LYS D 129 -11.61 27.94 -3.46
C LYS D 129 -12.53 26.82 -3.94
N ILE D 130 -12.16 26.19 -5.04
CA ILE D 130 -12.95 25.10 -5.58
C ILE D 130 -13.30 24.07 -4.48
N ALA D 131 -12.30 23.54 -3.78
CA ALA D 131 -12.58 22.56 -2.74
C ALA D 131 -13.58 23.07 -1.70
N ALA D 132 -13.63 24.37 -1.50
CA ALA D 132 -14.54 24.93 -0.50
C ALA D 132 -15.91 25.27 -1.09
N LYS D 133 -16.17 24.75 -2.28
CA LYS D 133 -17.46 24.99 -2.97
C LYS D 133 -17.63 26.50 -3.08
N PHE D 134 -16.59 27.14 -3.60
CA PHE D 134 -16.57 28.61 -3.77
C PHE D 134 -17.06 29.45 -2.59
N LYS D 135 -17.20 28.84 -1.43
CA LYS D 135 -17.60 29.59 -0.25
C LYS D 135 -16.51 30.64 0.06
N PRO D 136 -16.71 31.47 1.09
CA PRO D 136 -15.63 32.44 1.32
C PRO D 136 -14.38 31.84 1.96
N VAL D 137 -13.22 32.36 1.54
CA VAL D 137 -11.91 31.92 2.03
C VAL D 137 -11.00 33.13 2.19
N TYR D 138 -10.42 33.28 3.36
CA TYR D 138 -9.54 34.41 3.60
C TYR D 138 -8.09 34.03 3.86
N SER D 139 -7.20 34.68 3.12
CA SER D 139 -5.76 34.45 3.24
C SER D 139 -5.25 34.93 4.60
N PHE D 140 -4.55 34.04 5.33
CA PHE D 140 -4.03 34.33 6.66
C PHE D 140 -2.55 33.93 6.79
N GLY D 141 -2.00 33.38 5.70
CA GLY D 141 -0.64 32.87 5.73
C GLY D 141 0.63 33.69 5.76
N ILE D 142 0.60 34.98 5.46
CA ILE D 142 1.84 35.75 5.44
C ILE D 142 2.72 35.66 6.67
N ARG D 143 2.22 35.11 7.76
CA ARG D 143 3.07 35.00 8.95
C ARG D 143 4.11 33.89 8.78
N HIS D 144 3.93 33.04 7.78
CA HIS D 144 4.88 31.97 7.61
C HIS D 144 5.95 32.30 6.58
N MET D 145 5.92 33.51 6.02
CA MET D 145 6.93 33.89 5.05
C MET D 145 7.53 35.26 5.40
N HIS D 146 8.57 35.64 4.66
CA HIS D 146 9.23 36.92 4.89
C HIS D 146 8.30 38.11 4.58
N PRO D 147 8.20 39.06 5.51
CA PRO D 147 7.35 40.25 5.37
C PRO D 147 7.60 41.04 4.09
N ALA D 148 8.84 40.98 3.61
CA ALA D 148 9.16 41.71 2.39
C ALA D 148 8.18 41.35 1.28
N ILE D 149 7.77 40.09 1.23
CA ILE D 149 6.84 39.66 0.19
C ILE D 149 5.39 39.55 0.65
N ALA D 150 5.11 40.00 1.87
CA ALA D 150 3.76 39.97 2.44
C ALA D 150 2.68 40.36 1.43
N PRO D 151 2.91 41.46 0.71
CA PRO D 151 1.92 41.89 -0.28
C PRO D 151 1.84 40.99 -1.49
N MET D 152 2.95 40.69 -2.14
CA MET D 152 2.85 39.86 -3.36
C MET D 152 2.00 38.65 -3.06
N ILE D 153 2.19 38.09 -1.87
CA ILE D 153 1.45 36.92 -1.46
C ILE D 153 -0.04 37.21 -1.35
N ASP D 154 -0.44 38.10 -0.45
CA ASP D 154 -1.86 38.40 -0.30
C ASP D 154 -2.51 38.79 -1.62
N ARG D 155 -1.76 39.44 -2.50
CA ARG D 155 -2.27 39.85 -3.81
C ARG D 155 -2.50 38.60 -4.67
N ALA D 156 -1.70 37.56 -4.43
CA ALA D 156 -1.80 36.31 -5.18
C ALA D 156 -2.93 35.44 -4.66
N ALA D 157 -3.09 35.42 -3.34
CA ALA D 157 -4.13 34.64 -2.68
C ALA D 157 -5.45 35.20 -3.18
N PHE D 158 -5.43 36.53 -3.38
CA PHE D 158 -6.58 37.27 -3.85
C PHE D 158 -6.90 36.84 -5.28
N ILE D 159 -6.07 37.26 -6.21
CA ILE D 159 -6.28 36.89 -7.58
C ILE D 159 -6.69 35.41 -7.67
N GLY D 160 -6.18 34.63 -6.73
CA GLY D 160 -6.45 33.19 -6.70
C GLY D 160 -7.88 32.81 -6.38
N GLY D 161 -8.59 33.70 -5.69
CA GLY D 161 -9.96 33.43 -5.36
C GLY D 161 -10.29 33.75 -3.92
N CYS D 162 -9.29 34.15 -3.16
CA CYS D 162 -9.53 34.48 -1.76
C CYS D 162 -10.35 35.74 -1.69
N ASP D 163 -11.44 35.67 -0.93
CA ASP D 163 -12.31 36.82 -0.79
C ASP D 163 -11.58 37.95 -0.11
N GLY D 164 -10.88 37.67 0.97
CA GLY D 164 -10.17 38.73 1.66
C GLY D 164 -8.75 38.41 2.04
N VAL D 165 -8.06 39.42 2.54
CA VAL D 165 -6.67 39.27 2.91
C VAL D 165 -6.35 39.83 4.29
N SER D 166 -5.58 39.07 5.04
CA SER D 166 -5.18 39.43 6.41
C SER D 166 -4.20 40.61 6.45
N GLY D 167 -3.30 40.63 5.47
CA GLY D 167 -2.30 41.68 5.44
C GLY D 167 -2.77 43.09 5.15
N VAL D 168 -2.35 44.02 6.00
CA VAL D 168 -2.71 45.42 5.85
C VAL D 168 -2.11 46.02 4.59
N LEU D 169 -0.80 46.19 4.61
CA LEU D 169 -0.10 46.77 3.48
C LEU D 169 -0.48 46.06 2.17
N GLY D 170 -0.72 44.75 2.27
CA GLY D 170 -1.10 43.99 1.10
C GLY D 170 -2.49 44.34 0.61
N ALA D 171 -3.40 44.55 1.56
CA ALA D 171 -4.78 44.90 1.24
C ALA D 171 -4.77 46.18 0.41
N GLU D 172 -4.19 47.24 0.96
CA GLU D 172 -4.08 48.55 0.30
C GLU D 172 -3.55 48.56 -1.13
N MET D 173 -2.27 48.22 -1.28
CA MET D 173 -1.64 48.19 -2.60
C MET D 173 -2.57 47.63 -3.68
N MET D 174 -3.57 46.85 -3.25
CA MET D 174 -4.54 46.28 -4.18
C MET D 174 -5.77 47.21 -4.28
N GLY D 175 -6.15 47.78 -3.15
CA GLY D 175 -7.31 48.64 -3.07
C GLY D 175 -8.39 47.82 -2.42
N GLU D 176 -8.06 47.20 -1.30
CA GLU D 176 -9.00 46.35 -0.55
C GLU D 176 -8.84 46.56 0.93
N LYS D 177 -9.84 46.13 1.69
CA LYS D 177 -9.77 46.29 3.15
C LYS D 177 -9.30 44.99 3.79
N ALA D 178 -8.21 45.05 4.54
CA ALA D 178 -7.71 43.86 5.20
C ALA D 178 -8.65 43.45 6.32
N VAL D 179 -9.25 42.27 6.17
CA VAL D 179 -10.18 41.78 7.17
C VAL D 179 -9.44 40.90 8.17
N GLY D 180 -10.14 40.52 9.25
CA GLY D 180 -9.54 39.68 10.26
C GLY D 180 -10.53 39.38 11.38
N THR D 181 -10.05 38.80 12.47
CA THR D 181 -10.92 38.46 13.60
C THR D 181 -10.25 38.80 14.92
N MET D 182 -10.13 37.82 15.81
CA MET D 182 -9.53 38.01 17.13
C MET D 182 -8.36 37.10 17.41
N PRO D 183 -7.32 37.64 18.05
CA PRO D 183 -6.13 36.87 18.40
C PRO D 183 -6.33 36.18 19.74
N HIS D 184 -5.48 35.22 20.04
CA HIS D 184 -5.54 34.52 21.31
C HIS D 184 -4.93 35.42 22.35
N ALA D 185 -4.01 36.27 21.90
CA ALA D 185 -3.33 37.20 22.78
C ALA D 185 -4.34 38.14 23.44
N LEU D 186 -5.25 38.69 22.62
CA LEU D 186 -6.24 39.61 23.16
C LEU D 186 -6.98 38.99 24.34
N ILE D 187 -7.61 37.85 24.11
CA ILE D 187 -8.36 37.20 25.16
C ILE D 187 -7.51 36.84 26.37
N ILE D 188 -6.27 36.42 26.15
CA ILE D 188 -5.40 36.05 27.26
C ILE D 188 -4.87 37.22 28.09
N THR D 189 -4.51 38.34 27.44
CA THR D 189 -4.02 39.49 28.21
C THR D 189 -5.18 40.10 28.98
N VAL D 190 -6.33 40.24 28.31
CA VAL D 190 -7.54 40.79 28.93
C VAL D 190 -7.95 39.89 30.11
N GLY D 191 -7.48 38.66 30.10
CA GLY D 191 -7.76 37.73 31.18
C GLY D 191 -9.12 37.06 31.25
N ASP D 192 -10.02 37.39 30.32
CA ASP D 192 -11.35 36.79 30.33
C ASP D 192 -11.99 36.76 28.96
N GLN D 193 -12.46 35.57 28.57
CA GLN D 193 -13.10 35.38 27.27
C GLN D 193 -14.20 36.41 27.02
N VAL D 194 -15.22 36.38 27.88
CA VAL D 194 -16.36 37.29 27.74
C VAL D 194 -15.97 38.75 27.71
N LYS D 195 -15.19 39.15 28.72
CA LYS D 195 -14.73 40.54 28.83
C LYS D 195 -14.01 40.96 27.57
N ALA D 196 -13.26 40.01 27.00
CA ALA D 196 -12.50 40.25 25.79
C ALA D 196 -13.36 40.59 24.58
N TRP D 197 -14.23 39.66 24.18
CA TRP D 197 -15.05 39.95 23.02
C TRP D 197 -16.12 41.00 23.28
N LYS D 198 -16.20 41.46 24.51
CA LYS D 198 -17.15 42.52 24.85
C LYS D 198 -16.43 43.80 24.45
N TYR D 199 -15.20 43.90 24.91
CA TYR D 199 -14.35 45.04 24.61
C TYR D 199 -14.22 45.21 23.12
N PHE D 200 -14.10 44.09 22.41
CA PHE D 200 -13.98 44.14 20.96
C PHE D 200 -15.26 44.69 20.34
N ASP D 201 -16.40 44.24 20.83
CA ASP D 201 -17.71 44.68 20.32
C ASP D 201 -17.91 46.18 20.45
N GLU D 202 -17.38 46.76 21.53
CA GLU D 202 -17.52 48.19 21.75
C GLU D 202 -16.45 49.05 21.11
N VAL D 203 -15.18 48.70 21.32
CA VAL D 203 -14.07 49.48 20.78
C VAL D 203 -13.93 49.52 19.26
N ILE D 204 -14.10 48.37 18.61
CA ILE D 204 -13.95 48.33 17.16
C ILE D 204 -15.18 48.84 16.41
N GLU D 205 -14.95 49.38 15.21
CA GLU D 205 -16.03 49.90 14.38
C GLU D 205 -17.17 48.92 14.25
N GLU D 206 -18.30 49.39 13.78
CA GLU D 206 -19.46 48.54 13.64
C GLU D 206 -19.45 47.78 12.32
N GLU D 207 -18.82 48.36 11.31
CA GLU D 207 -18.74 47.73 9.99
C GLU D 207 -17.90 46.45 10.02
N VAL D 208 -17.20 46.23 11.13
CA VAL D 208 -16.34 45.05 11.27
C VAL D 208 -17.07 43.84 11.85
N PRO D 209 -17.36 42.83 11.00
CA PRO D 209 -18.06 41.64 11.48
C PRO D 209 -17.40 41.18 12.76
N ARG D 210 -18.19 40.70 13.70
CA ARG D 210 -17.63 40.27 14.96
C ARG D 210 -17.67 38.76 15.14
N ILE D 211 -16.51 38.14 14.95
CA ILE D 211 -16.37 36.71 15.09
C ILE D 211 -15.61 36.47 16.38
N ALA D 212 -16.19 35.66 17.27
CA ALA D 212 -15.58 35.37 18.56
C ALA D 212 -14.57 34.23 18.52
N LEU D 213 -13.40 34.46 19.10
CA LEU D 213 -12.38 33.44 19.14
C LEU D 213 -12.70 32.56 20.34
N VAL D 214 -13.42 31.47 20.07
CA VAL D 214 -13.87 30.53 21.08
C VAL D 214 -12.79 29.78 21.85
N ASP D 215 -12.36 28.65 21.32
CA ASP D 215 -11.33 27.79 21.93
C ASP D 215 -10.13 28.56 22.49
N THR D 216 -9.99 28.60 23.82
CA THR D 216 -8.85 29.29 24.45
C THR D 216 -8.44 28.57 25.74
N PHE D 217 -9.39 28.43 26.67
CA PHE D 217 -9.16 27.74 27.93
C PHE D 217 -10.19 26.62 28.08
N TYR D 218 -11.44 26.98 27.81
CA TYR D 218 -12.55 26.04 27.89
C TYR D 218 -12.72 25.36 26.53
N ASP D 219 -13.57 24.34 26.46
CA ASP D 219 -13.81 23.64 25.20
C ASP D 219 -14.58 24.56 24.23
N GLU D 220 -14.45 24.31 22.94
CA GLU D 220 -15.15 25.14 21.96
C GLU D 220 -16.64 25.10 22.25
N LYS D 221 -17.13 23.93 22.64
CA LYS D 221 -18.54 23.74 22.94
C LYS D 221 -19.01 24.70 24.02
N VAL D 222 -18.23 24.82 25.08
CA VAL D 222 -18.58 25.69 26.19
C VAL D 222 -18.47 27.17 25.80
N GLU D 223 -17.28 27.59 25.36
CA GLU D 223 -17.06 28.98 24.98
C GLU D 223 -17.90 29.46 23.82
N ALA D 224 -18.43 28.52 23.03
CA ALA D 224 -19.25 28.91 21.89
C ALA D 224 -20.55 29.54 22.38
N VAL D 225 -21.28 28.84 23.25
CA VAL D 225 -22.54 29.37 23.78
C VAL D 225 -22.29 30.66 24.58
N MET D 226 -21.22 30.70 25.35
CA MET D 226 -20.86 31.89 26.12
C MET D 226 -20.85 33.09 25.16
N ALA D 227 -20.05 32.99 24.10
CA ALA D 227 -19.94 34.06 23.11
C ALA D 227 -21.31 34.40 22.51
N ALA D 228 -22.22 33.44 22.51
CA ALA D 228 -23.54 33.65 21.98
C ALA D 228 -24.33 34.45 23.01
N GLU D 229 -24.36 33.95 24.25
CA GLU D 229 -25.04 34.63 25.34
C GLU D 229 -24.11 35.74 25.81
N ALA D 230 -23.91 36.69 24.89
CA ALA D 230 -23.07 37.86 25.06
C ALA D 230 -23.13 38.40 23.64
N LEU D 231 -23.40 39.69 23.49
CA LEU D 231 -23.53 40.31 22.17
C LEU D 231 -24.59 39.60 21.30
N GLY D 232 -25.05 38.43 21.73
CA GLY D 232 -26.06 37.68 21.02
C GLY D 232 -26.12 37.90 19.51
N LYS D 233 -26.94 38.86 19.07
CA LYS D 233 -27.08 39.16 17.64
C LYS D 233 -25.96 40.05 17.11
N LYS D 234 -24.97 40.31 17.95
CA LYS D 234 -23.80 41.10 17.58
C LYS D 234 -22.71 40.11 17.14
N LEU D 235 -22.90 38.85 17.54
CA LEU D 235 -21.98 37.78 17.22
C LEU D 235 -22.24 37.28 15.81
N PHE D 236 -21.50 37.81 14.84
CA PHE D 236 -21.67 37.40 13.45
C PHE D 236 -21.28 35.95 13.19
N ALA D 237 -20.24 35.49 13.86
CA ALA D 237 -19.78 34.13 13.67
C ALA D 237 -18.86 33.71 14.81
N VAL D 238 -18.60 32.42 14.87
CA VAL D 238 -17.70 31.87 15.88
C VAL D 238 -16.55 31.23 15.11
N ARG D 239 -15.32 31.41 15.63
CA ARG D 239 -14.15 30.83 14.96
C ARG D 239 -13.60 29.60 15.66
N LEU D 240 -13.42 28.52 14.89
CA LEU D 240 -12.87 27.29 15.43
C LEU D 240 -11.49 27.04 14.81
N ASP D 241 -10.47 26.92 15.64
CA ASP D 241 -9.11 26.69 15.20
C ASP D 241 -8.47 25.67 16.15
N THR D 242 -9.20 24.63 16.47
CA THR D 242 -8.72 23.60 17.37
C THR D 242 -7.26 23.22 17.11
N PRO D 243 -6.43 23.23 18.16
CA PRO D 243 -5.01 22.87 18.00
C PRO D 243 -4.94 21.41 17.54
N SER D 244 -3.90 21.09 16.78
CA SER D 244 -3.72 19.74 16.27
C SER D 244 -3.76 18.66 17.35
N SER D 245 -3.20 18.97 18.51
CA SER D 245 -3.21 17.99 19.60
C SER D 245 -4.64 17.73 20.04
N ARG D 246 -5.54 18.66 19.70
CA ARG D 246 -6.94 18.52 20.10
C ARG D 246 -7.90 18.11 18.99
N ARG D 247 -7.50 18.25 17.73
CA ARG D 247 -8.38 17.88 16.63
C ARG D 247 -8.52 16.38 16.40
N GLY D 248 -9.37 15.72 17.18
CA GLY D 248 -9.57 14.30 16.98
C GLY D 248 -10.33 14.11 15.69
N ASN D 249 -11.46 14.81 15.56
CA ASN D 249 -12.31 14.76 14.38
C ASN D 249 -12.89 16.15 14.23
N PHE D 250 -12.24 16.97 13.43
CA PHE D 250 -12.68 18.35 13.26
C PHE D 250 -14.13 18.41 12.84
N ARG D 251 -14.50 17.59 11.85
CA ARG D 251 -15.87 17.55 11.38
C ARG D 251 -16.82 17.42 12.57
N LYS D 252 -16.64 16.33 13.32
CA LYS D 252 -17.47 16.09 14.49
C LYS D 252 -17.46 17.29 15.44
N ILE D 253 -16.28 17.82 15.73
CA ILE D 253 -16.22 18.96 16.63
C ILE D 253 -17.05 20.14 16.08
N ILE D 254 -16.94 20.39 14.77
CA ILE D 254 -17.69 21.48 14.16
C ILE D 254 -19.20 21.28 14.30
N GLU D 255 -19.66 20.03 14.14
CA GLU D 255 -21.08 19.73 14.26
C GLU D 255 -21.58 19.97 15.69
N GLU D 256 -20.88 19.40 16.66
CA GLU D 256 -21.22 19.55 18.07
C GLU D 256 -21.42 21.02 18.42
N VAL D 257 -20.60 21.91 17.87
CA VAL D 257 -20.78 23.33 18.15
C VAL D 257 -22.09 23.80 17.56
N ARG D 258 -22.32 23.45 16.29
CA ARG D 258 -23.55 23.84 15.63
C ARG D 258 -24.73 23.36 16.45
N TRP D 259 -24.62 22.16 17.01
CA TRP D 259 -25.73 21.62 17.79
C TRP D 259 -25.97 22.44 19.05
N GLU D 260 -24.98 22.47 19.93
CA GLU D 260 -25.08 23.20 21.19
C GLU D 260 -25.60 24.61 20.98
N LEU D 261 -25.34 25.18 19.80
CA LEU D 261 -25.83 26.51 19.50
C LEU D 261 -27.29 26.43 19.07
N LYS D 262 -27.58 25.52 18.14
CA LYS D 262 -28.93 25.34 17.62
C LYS D 262 -29.91 24.99 18.74
N VAL D 263 -29.54 24.06 19.61
CA VAL D 263 -30.40 23.64 20.72
C VAL D 263 -30.76 24.85 21.61
N ARG D 264 -29.76 25.64 21.96
CA ARG D 264 -29.99 26.80 22.81
C ARG D 264 -30.53 27.98 22.01
N GLY D 265 -31.19 27.69 20.91
CA GLY D 265 -31.80 28.73 20.09
C GLY D 265 -30.93 29.71 19.35
N TYR D 266 -29.62 29.59 19.41
CA TYR D 266 -28.77 30.52 18.66
C TYR D 266 -28.63 29.93 17.26
N ASP D 267 -29.17 30.61 16.25
CA ASP D 267 -29.13 30.08 14.89
C ASP D 267 -28.57 30.97 13.78
N TRP D 268 -28.27 32.22 14.12
CA TRP D 268 -27.75 33.13 13.12
C TRP D 268 -26.24 33.03 13.07
N VAL D 269 -25.63 32.68 14.20
CA VAL D 269 -24.19 32.56 14.29
C VAL D 269 -23.64 31.46 13.38
N LYS D 270 -22.73 31.86 12.49
CA LYS D 270 -22.11 30.98 11.52
C LYS D 270 -20.84 30.35 12.09
N ILE D 271 -20.34 29.34 11.40
CA ILE D 271 -19.12 28.66 11.81
C ILE D 271 -17.97 29.03 10.88
N PHE D 272 -17.01 29.76 11.44
CA PHE D 272 -15.85 30.19 10.71
C PHE D 272 -14.66 29.38 11.24
N VAL D 273 -13.93 28.71 10.35
CA VAL D 273 -12.78 27.92 10.77
C VAL D 273 -11.48 28.30 10.07
N SER D 274 -10.38 28.05 10.76
CA SER D 274 -9.08 28.34 10.24
C SER D 274 -8.12 27.46 11.03
N GLY D 275 -6.94 27.19 10.47
CA GLY D 275 -6.00 26.38 11.19
C GLY D 275 -5.51 25.19 10.42
N GLY D 276 -4.27 25.30 9.96
CA GLY D 276 -3.65 24.24 9.21
C GLY D 276 -4.59 23.39 8.39
N LEU D 277 -5.06 23.90 7.25
CA LEU D 277 -5.93 23.11 6.42
C LEU D 277 -5.70 23.28 4.92
N ASP D 278 -5.80 22.17 4.20
CA ASP D 278 -5.60 22.12 2.77
C ASP D 278 -6.89 21.65 2.09
N GLU D 279 -6.77 21.21 0.84
CA GLU D 279 -7.91 20.74 0.08
C GLU D 279 -8.62 19.58 0.74
N GLU D 280 -7.90 18.48 0.87
CA GLU D 280 -8.47 17.28 1.47
C GLU D 280 -9.18 17.56 2.80
N LYS D 281 -8.60 18.42 3.63
CA LYS D 281 -9.16 18.75 4.93
C LYS D 281 -10.44 19.57 4.82
N ILE D 282 -10.47 20.45 3.82
CA ILE D 282 -11.63 21.30 3.60
C ILE D 282 -12.75 20.52 2.96
N LYS D 283 -12.40 19.62 2.04
CA LYS D 283 -13.41 18.81 1.38
C LYS D 283 -14.17 18.02 2.42
N GLU D 284 -13.52 17.63 3.50
CA GLU D 284 -14.23 16.82 4.48
C GLU D 284 -14.94 17.65 5.52
N ILE D 285 -15.17 18.92 5.21
CA ILE D 285 -15.79 19.79 6.20
C ILE D 285 -16.55 20.98 5.63
N VAL D 286 -16.54 21.12 4.31
CA VAL D 286 -17.21 22.23 3.60
C VAL D 286 -18.67 22.40 3.95
N ASP D 287 -19.41 21.30 3.82
CA ASP D 287 -20.84 21.31 4.06
C ASP D 287 -21.27 21.58 5.48
N VAL D 288 -20.38 22.06 6.33
CA VAL D 288 -20.74 22.31 7.72
C VAL D 288 -20.04 23.57 8.21
N VAL D 289 -19.30 24.22 7.33
CA VAL D 289 -18.60 25.43 7.71
C VAL D 289 -19.05 26.56 6.79
N ASP D 290 -19.05 27.77 7.33
CA ASP D 290 -19.49 28.92 6.58
C ASP D 290 -18.38 29.65 5.83
N ALA D 291 -17.27 29.86 6.50
CA ALA D 291 -16.12 30.55 5.89
C ALA D 291 -14.78 29.97 6.36
N PHE D 292 -13.82 29.94 5.45
CA PHE D 292 -12.51 29.40 5.76
C PHE D 292 -11.38 30.41 5.89
N GLY D 293 -10.51 30.13 6.86
CA GLY D 293 -9.32 30.95 7.09
C GLY D 293 -8.13 30.05 6.75
N VAL D 294 -7.50 30.27 5.60
CA VAL D 294 -6.35 29.45 5.20
C VAL D 294 -5.00 30.18 5.26
N GLY D 295 -4.01 29.53 5.85
CA GLY D 295 -2.70 30.12 5.96
C GLY D 295 -1.66 29.54 5.02
N GLY D 296 -0.76 28.74 5.60
CA GLY D 296 0.33 28.14 4.87
C GLY D 296 0.07 27.45 3.54
N ALA D 297 -1.02 26.70 3.45
CA ALA D 297 -1.37 25.98 2.22
C ALA D 297 -1.47 26.89 1.00
N ILE D 298 -1.54 28.19 1.24
CA ILE D 298 -1.63 29.14 0.14
C ILE D 298 -0.38 30.01 0.07
N ALA D 299 0.03 30.59 1.19
CA ALA D 299 1.21 31.45 1.23
C ALA D 299 2.52 30.68 1.00
N SER D 300 2.61 29.52 1.64
CA SER D 300 3.79 28.68 1.54
C SER D 300 3.60 27.69 0.41
N ALA D 301 2.68 28.00 -0.50
CA ALA D 301 2.44 27.10 -1.61
C ALA D 301 3.75 26.92 -2.39
N LYS D 302 3.88 25.83 -3.13
CA LYS D 302 5.09 25.59 -3.91
C LYS D 302 5.08 26.36 -5.22
N PRO D 303 6.23 26.94 -5.59
CA PRO D 303 6.38 27.70 -6.83
C PRO D 303 6.12 26.80 -8.05
N VAL D 304 5.91 27.43 -9.20
CA VAL D 304 5.69 26.72 -10.46
C VAL D 304 7.07 26.73 -11.11
N ASP D 305 7.62 25.55 -11.39
CA ASP D 305 8.96 25.43 -11.98
C ASP D 305 8.99 26.10 -13.35
N PHE D 306 8.94 27.43 -13.36
CA PHE D 306 8.96 28.22 -14.60
C PHE D 306 10.39 28.39 -15.13
N ALA D 307 10.60 28.16 -16.41
CA ALA D 307 11.94 28.31 -16.96
C ALA D 307 11.94 29.16 -18.26
N LEU D 308 13.01 29.92 -18.43
CA LEU D 308 13.18 30.77 -19.61
C LEU D 308 14.12 30.06 -20.59
N ASP D 309 13.62 29.68 -21.75
CA ASP D 309 14.46 29.00 -22.73
C ASP D 309 14.33 29.56 -24.15
N ILE D 310 15.47 29.89 -24.76
CA ILE D 310 15.47 30.39 -26.13
C ILE D 310 15.01 29.28 -27.08
N VAL D 311 13.89 29.53 -27.76
CA VAL D 311 13.29 28.58 -28.69
C VAL D 311 13.50 28.99 -30.14
N GLU D 312 14.11 30.16 -30.33
CA GLU D 312 14.38 30.66 -31.67
C GLU D 312 15.48 31.72 -31.65
N VAL D 313 16.43 31.59 -32.57
CA VAL D 313 17.55 32.53 -32.67
C VAL D 313 17.67 33.00 -34.12
N GLU D 314 17.41 34.30 -34.33
CA GLU D 314 17.47 34.90 -35.66
C GLU D 314 16.48 34.24 -36.62
N GLY D 315 15.24 34.16 -36.20
CA GLY D 315 14.21 33.55 -37.03
C GLY D 315 14.41 32.07 -37.28
N LYS D 316 15.43 31.50 -36.65
CA LYS D 316 15.74 30.07 -36.78
C LYS D 316 15.26 29.31 -35.55
N PRO D 317 14.46 28.25 -35.75
CA PRO D 317 13.92 27.40 -34.68
C PRO D 317 14.98 26.52 -34.01
N ILE D 318 15.32 26.85 -32.76
CA ILE D 318 16.32 26.08 -32.02
C ILE D 318 16.16 26.20 -30.50
N ALA D 319 16.11 25.06 -29.83
CA ALA D 319 15.98 25.00 -28.37
C ALA D 319 16.70 23.73 -27.90
N LYS D 320 17.20 23.74 -26.66
CA LYS D 320 17.89 22.58 -26.13
C LYS D 320 16.99 21.35 -25.89
N ARG D 321 17.59 20.25 -25.43
CA ARG D 321 16.87 19.00 -25.16
C ARG D 321 15.69 19.13 -24.20
N GLY D 322 14.58 18.48 -24.56
CA GLY D 322 13.41 18.50 -23.70
C GLY D 322 12.66 19.81 -23.73
N LYS D 323 13.04 20.70 -24.65
CA LYS D 323 12.37 21.98 -24.79
C LYS D 323 11.80 22.10 -26.19
N LEU D 324 10.61 22.69 -26.30
CA LEU D 324 9.97 22.85 -27.59
C LEU D 324 10.62 23.99 -28.35
N SER D 325 10.72 23.83 -29.65
CA SER D 325 11.39 24.83 -30.49
C SER D 325 10.45 25.72 -31.33
N GLY D 326 10.89 26.94 -31.60
CA GLY D 326 10.11 27.84 -32.42
C GLY D 326 9.23 28.85 -31.73
N ARG D 327 8.82 29.87 -32.48
CA ARG D 327 7.95 30.95 -32.00
C ARG D 327 6.52 30.46 -32.12
N LYS D 328 5.78 30.42 -31.03
CA LYS D 328 4.41 29.93 -31.14
C LYS D 328 3.32 30.70 -30.39
N GLN D 329 2.08 30.27 -30.63
CA GLN D 329 0.91 30.87 -30.02
C GLN D 329 0.02 29.78 -29.44
N VAL D 330 -0.77 30.15 -28.43
CA VAL D 330 -1.70 29.24 -27.78
C VAL D 330 -3.13 29.73 -27.99
N TYR D 331 -3.95 28.92 -28.66
CA TYR D 331 -5.33 29.28 -28.91
C TYR D 331 -6.27 28.60 -27.94
N ARG D 332 -7.15 29.40 -27.34
CA ARG D 332 -8.10 28.90 -26.38
C ARG D 332 -9.52 29.13 -26.87
N CYS D 333 -10.37 28.12 -26.77
CA CYS D 333 -11.75 28.31 -27.20
C CYS D 333 -12.53 28.63 -25.94
N GLU D 334 -13.81 28.96 -26.09
CA GLU D 334 -14.64 29.31 -24.93
C GLU D 334 -14.92 28.10 -24.06
N ASN D 335 -14.53 26.93 -24.53
CA ASN D 335 -14.77 25.72 -23.76
C ASN D 335 -13.51 25.21 -23.08
N GLY D 336 -12.57 26.12 -22.82
CA GLY D 336 -11.33 25.77 -22.15
C GLY D 336 -10.37 24.85 -22.89
N HIS D 337 -10.70 24.46 -24.11
CA HIS D 337 -9.83 23.60 -24.89
C HIS D 337 -8.67 24.43 -25.40
N TYR D 338 -7.45 24.09 -24.98
CA TYR D 338 -6.26 24.84 -25.41
C TYR D 338 -5.56 24.14 -26.57
N HIS D 339 -4.77 24.90 -27.31
CA HIS D 339 -4.03 24.35 -28.44
C HIS D 339 -2.77 25.16 -28.74
N VAL D 340 -1.60 24.56 -28.53
CA VAL D 340 -0.36 25.26 -28.81
C VAL D 340 0.06 24.91 -30.23
N VAL D 341 0.20 25.93 -31.07
CA VAL D 341 0.59 25.71 -32.46
C VAL D 341 1.66 26.71 -32.86
N PRO D 342 2.36 26.43 -33.97
CA PRO D 342 3.42 27.31 -34.47
C PRO D 342 2.80 28.63 -34.93
N ALA D 343 3.51 29.74 -34.70
CA ALA D 343 3.03 31.05 -35.11
C ALA D 343 2.86 31.16 -36.63
N ASN D 344 3.60 30.31 -37.36
CA ASN D 344 3.55 30.27 -38.82
C ASN D 344 2.18 29.84 -39.34
N LYS D 345 1.30 29.48 -38.41
CA LYS D 345 -0.06 29.05 -38.75
C LYS D 345 -1.04 29.79 -37.84
N LYS D 346 -2.32 29.82 -38.22
CA LYS D 346 -3.31 30.51 -37.41
C LYS D 346 -4.63 29.76 -37.33
N LEU D 347 -5.08 29.55 -36.09
CA LEU D 347 -6.33 28.83 -35.81
C LEU D 347 -7.54 29.77 -35.80
N GLU D 348 -8.71 29.20 -36.03
CA GLU D 348 -9.95 29.95 -36.02
C GLU D 348 -11.03 29.02 -35.50
N ARG D 349 -10.91 27.76 -35.92
CA ARG D 349 -11.84 26.73 -35.51
C ARG D 349 -11.17 26.00 -34.35
N CYS D 350 -11.96 25.45 -33.43
CA CYS D 350 -11.39 24.73 -32.32
C CYS D 350 -11.27 23.26 -32.74
N PRO D 351 -10.04 22.77 -32.96
CA PRO D 351 -9.81 21.38 -33.36
C PRO D 351 -10.84 20.42 -32.78
N VAL D 352 -11.16 20.59 -31.51
CA VAL D 352 -12.15 19.74 -30.85
C VAL D 352 -13.55 20.34 -31.14
N CYS D 353 -14.39 20.48 -30.12
CA CYS D 353 -15.73 21.02 -30.33
C CYS D 353 -15.66 22.35 -31.08
N ASN D 354 -15.87 22.28 -32.40
CA ASN D 354 -15.80 23.46 -33.26
C ASN D 354 -16.38 24.70 -32.61
N ALA D 355 -15.48 25.63 -32.25
CA ALA D 355 -15.87 26.88 -31.62
C ALA D 355 -14.82 27.91 -32.00
N LYS D 356 -15.13 29.17 -31.71
CA LYS D 356 -14.20 30.25 -32.02
C LYS D 356 -13.09 30.25 -31.00
N VAL D 357 -11.85 30.33 -31.48
CA VAL D 357 -10.68 30.34 -30.60
C VAL D 357 -9.91 31.65 -30.72
N GLU D 358 -9.44 32.16 -29.60
CA GLU D 358 -8.71 33.43 -29.59
C GLU D 358 -7.29 33.28 -29.05
N PRO D 359 -6.33 33.99 -29.65
CA PRO D 359 -4.91 34.00 -29.27
C PRO D 359 -4.70 34.48 -27.84
N LEU D 360 -3.72 33.92 -27.14
CA LEU D 360 -3.46 34.33 -25.77
C LEU D 360 -2.20 35.19 -25.60
N LEU D 361 -1.17 34.90 -26.37
CA LEU D 361 0.06 35.68 -26.30
C LEU D 361 -0.20 37.04 -26.95
N LYS D 362 -0.21 38.10 -26.16
CA LYS D 362 -0.43 39.44 -26.67
C LYS D 362 0.72 40.36 -26.27
N PRO D 363 1.05 41.33 -27.13
CA PRO D 363 2.15 42.27 -26.84
C PRO D 363 1.88 43.12 -25.60
N ILE D 364 2.86 43.20 -24.70
CA ILE D 364 2.71 44.01 -23.50
C ILE D 364 3.85 45.02 -23.37
N ILE D 365 4.97 44.74 -24.04
CA ILE D 365 6.10 45.65 -24.01
C ILE D 365 6.77 45.74 -25.37
N GLU D 366 6.66 46.91 -25.99
CA GLU D 366 7.26 47.14 -27.29
C GLU D 366 8.54 47.95 -27.09
N ASN D 367 9.66 47.30 -27.33
CA ASN D 367 10.96 47.90 -27.17
C ASN D 367 11.10 48.70 -25.86
N GLY D 368 10.98 47.98 -24.75
CA GLY D 368 11.09 48.62 -23.44
C GLY D 368 9.93 49.52 -23.10
N GLU D 369 8.91 49.57 -23.96
CA GLU D 369 7.76 50.43 -23.72
C GLU D 369 6.53 49.59 -23.40
N ILE D 370 5.97 49.78 -22.21
CA ILE D 370 4.79 49.02 -21.81
C ILE D 370 3.54 49.53 -22.49
N VAL D 371 3.20 48.88 -23.60
CA VAL D 371 2.04 49.23 -24.40
C VAL D 371 0.71 48.79 -23.79
N VAL D 372 0.66 48.62 -22.47
CA VAL D 372 -0.58 48.18 -21.85
C VAL D 372 -0.90 48.81 -20.48
N GLU D 373 -2.20 48.86 -20.20
CA GLU D 373 -2.71 49.38 -18.95
C GLU D 373 -2.98 48.11 -18.14
N PHE D 374 -2.49 48.06 -16.91
CA PHE D 374 -2.68 46.86 -16.11
C PHE D 374 -3.86 46.89 -15.15
N PRO D 375 -4.80 45.96 -15.34
CA PRO D 375 -6.00 45.84 -14.51
C PRO D 375 -5.72 45.79 -13.03
N LYS D 376 -6.64 46.29 -12.23
CA LYS D 376 -6.46 46.27 -10.80
C LYS D 376 -6.79 44.84 -10.33
N ALA D 377 -6.15 44.44 -9.24
CA ALA D 377 -6.32 43.10 -8.67
C ALA D 377 -7.71 42.47 -8.78
N ARG D 378 -8.69 43.07 -8.11
CA ARG D 378 -10.06 42.54 -8.08
C ARG D 378 -10.67 42.18 -9.43
N GLU D 379 -10.33 42.91 -10.49
CA GLU D 379 -10.94 42.58 -11.78
C GLU D 379 -10.24 41.35 -12.38
N ILE D 380 -8.95 41.18 -12.06
CA ILE D 380 -8.20 40.01 -12.53
C ILE D 380 -8.86 38.82 -11.85
N ARG D 381 -8.99 38.92 -10.53
CA ARG D 381 -9.61 37.87 -9.75
C ARG D 381 -10.97 37.50 -10.36
N GLU D 382 -11.66 38.51 -10.87
CA GLU D 382 -12.97 38.34 -11.51
C GLU D 382 -12.72 37.34 -12.65
N TYR D 383 -11.62 37.56 -13.36
CA TYR D 383 -11.22 36.75 -14.51
C TYR D 383 -10.90 35.29 -14.19
N VAL D 384 -10.26 35.07 -13.05
CA VAL D 384 -9.88 33.72 -12.65
C VAL D 384 -11.13 32.90 -12.36
N LEU D 385 -11.95 33.37 -11.42
CA LEU D 385 -13.18 32.69 -11.02
C LEU D 385 -14.12 32.42 -12.20
N GLU D 386 -14.16 33.35 -13.17
CA GLU D 386 -15.03 33.17 -14.36
C GLU D 386 -14.52 31.99 -15.16
N GLN D 387 -13.19 31.90 -15.31
CA GLN D 387 -12.56 30.81 -16.05
C GLN D 387 -12.83 29.49 -15.32
N ALA D 388 -12.61 29.52 -14.00
CA ALA D 388 -12.82 28.35 -13.17
C ALA D 388 -14.18 27.72 -13.45
N LYS D 389 -15.21 28.56 -13.44
CA LYS D 389 -16.59 28.11 -13.67
C LYS D 389 -16.88 27.77 -15.12
N LYS D 390 -16.50 28.65 -16.03
CA LYS D 390 -16.76 28.43 -17.46
C LYS D 390 -16.09 27.15 -17.93
N PHE D 391 -14.81 26.98 -17.60
CA PHE D 391 -14.04 25.80 -17.98
C PHE D 391 -14.30 24.60 -17.09
N ASN D 392 -15.05 24.79 -16.02
CA ASN D 392 -15.39 23.70 -15.11
C ASN D 392 -14.13 22.98 -14.56
N LEU D 393 -13.21 23.76 -14.01
CA LEU D 393 -11.96 23.24 -13.45
C LEU D 393 -12.23 22.27 -12.31
N GLU D 394 -11.46 21.19 -12.28
CA GLU D 394 -11.64 20.14 -11.27
C GLU D 394 -10.46 19.97 -10.30
N ILE D 395 -10.76 19.82 -9.02
CA ILE D 395 -9.71 19.64 -8.03
C ILE D 395 -9.50 18.16 -7.73
N MET E 7 -20.81 -23.11 46.13
CA MET E 7 -22.09 -22.40 45.94
C MET E 7 -22.49 -22.36 44.44
N LYS E 8 -21.99 -21.35 43.73
CA LYS E 8 -22.26 -21.18 42.30
C LYS E 8 -21.11 -21.81 41.54
N ARG E 9 -21.41 -22.67 40.57
CA ARG E 9 -20.36 -23.37 39.81
C ARG E 9 -19.88 -22.67 38.54
N PHE E 10 -20.56 -21.61 38.13
CA PHE E 10 -20.19 -20.88 36.92
C PHE E 10 -20.13 -19.39 37.22
N TYR E 11 -19.09 -18.73 36.73
CA TYR E 11 -18.93 -17.30 36.97
C TYR E 11 -19.89 -16.44 36.19
N ILE E 12 -21.18 -16.64 36.40
CA ILE E 12 -22.19 -15.86 35.72
C ILE E 12 -22.98 -15.09 36.77
N ALA E 13 -23.89 -14.24 36.32
CA ALA E 13 -24.69 -13.47 37.25
C ALA E 13 -26.11 -14.00 37.16
N ASN E 14 -26.77 -14.12 38.31
CA ASN E 14 -28.14 -14.62 38.37
C ASN E 14 -29.10 -13.49 38.01
N GLU E 15 -30.24 -13.85 37.45
CA GLU E 15 -31.23 -12.87 37.05
C GLU E 15 -31.48 -11.83 38.13
N ASP E 16 -31.43 -12.25 39.39
CA ASP E 16 -31.64 -11.34 40.51
C ASP E 16 -30.49 -10.34 40.72
N GLU E 17 -29.27 -10.86 40.74
CA GLU E 17 -28.09 -10.04 40.95
C GLU E 17 -28.02 -8.93 39.92
N ILE E 18 -28.47 -9.24 38.70
CA ILE E 18 -28.46 -8.27 37.62
C ILE E 18 -29.55 -7.24 37.86
N LYS E 19 -30.76 -7.71 38.14
CA LYS E 19 -31.87 -6.80 38.38
C LYS E 19 -31.54 -5.95 39.60
N ALA E 20 -30.73 -6.52 40.48
CA ALA E 20 -30.29 -5.84 41.70
C ALA E 20 -29.35 -4.67 41.37
N GLY E 21 -28.32 -4.95 40.60
CA GLY E 21 -27.35 -3.91 40.25
C GLY E 21 -26.00 -4.31 40.81
N LYS E 22 -25.89 -5.56 41.23
CA LYS E 22 -24.66 -6.12 41.79
C LYS E 22 -23.55 -6.25 40.75
N THR E 23 -23.90 -6.11 39.48
CA THR E 23 -22.92 -6.25 38.40
C THR E 23 -22.42 -4.94 37.85
N THR E 24 -22.52 -3.85 38.61
CA THR E 24 -22.04 -2.59 38.08
C THR E 24 -20.62 -2.27 38.46
N ASP E 25 -20.14 -1.17 37.93
CA ASP E 25 -18.79 -0.68 38.20
C ASP E 25 -18.89 0.06 39.55
N VAL E 26 -18.04 -0.33 40.51
CA VAL E 26 -18.06 0.30 41.82
C VAL E 26 -18.22 1.80 41.80
N TYR E 27 -17.43 2.48 40.97
CA TYR E 27 -17.51 3.93 40.97
C TYR E 27 -18.91 4.51 40.74
N PHE E 28 -19.88 3.63 40.47
CA PHE E 28 -21.25 4.07 40.28
C PHE E 28 -21.95 4.01 41.64
N LEU E 29 -21.57 3.01 42.44
CA LEU E 29 -22.10 2.84 43.78
C LEU E 29 -21.65 4.05 44.59
N ARG E 30 -20.35 4.32 44.52
CA ARG E 30 -19.76 5.45 45.21
C ARG E 30 -20.43 6.74 44.77
N THR E 31 -20.92 6.77 43.54
CA THR E 31 -21.59 7.97 43.05
C THR E 31 -22.94 8.10 43.74
N LYS E 32 -23.57 6.97 44.04
CA LYS E 32 -24.86 7.01 44.71
C LYS E 32 -24.61 7.50 46.14
N LYS E 33 -23.51 7.04 46.74
CA LYS E 33 -23.15 7.46 48.10
C LYS E 33 -23.03 8.98 48.16
N ILE E 34 -22.05 9.54 47.47
CA ILE E 34 -21.85 10.99 47.46
C ILE E 34 -23.18 11.73 47.35
N LEU E 35 -23.97 11.35 46.36
CA LEU E 35 -25.26 11.97 46.08
C LEU E 35 -26.29 11.79 47.18
N GLU E 36 -26.37 10.57 47.70
CA GLU E 36 -27.33 10.23 48.74
C GLU E 36 -26.96 10.91 50.05
N VAL E 37 -25.74 10.67 50.52
CA VAL E 37 -25.25 11.26 51.76
C VAL E 37 -25.29 12.78 51.72
N LYS E 38 -24.42 13.38 50.93
CA LYS E 38 -24.37 14.84 50.77
C LYS E 38 -25.71 15.31 50.18
N ASN E 39 -26.63 14.35 50.09
CA ASN E 39 -27.98 14.53 49.56
C ASN E 39 -28.10 15.52 48.41
N ILE E 40 -27.79 15.05 47.20
CA ILE E 40 -27.86 15.85 46.00
C ILE E 40 -28.85 15.20 45.04
N ARG E 41 -30.11 15.21 45.44
CA ARG E 41 -31.16 14.60 44.63
C ARG E 41 -31.67 15.61 43.60
N LYS E 42 -31.81 15.16 42.36
CA LYS E 42 -32.31 16.01 41.28
C LYS E 42 -32.65 15.23 40.02
N LYS E 43 -33.62 15.75 39.27
CA LYS E 43 -34.09 15.13 38.04
C LYS E 43 -33.16 15.39 36.86
N VAL E 44 -32.83 14.33 36.14
CA VAL E 44 -31.96 14.42 34.98
C VAL E 44 -32.46 13.54 33.85
N LEU E 45 -32.11 13.90 32.63
CA LEU E 45 -32.49 13.13 31.46
C LEU E 45 -31.18 12.61 30.85
N ALA E 46 -31.04 11.29 30.80
CA ALA E 46 -29.85 10.69 30.23
C ALA E 46 -30.16 10.13 28.84
N ASP E 47 -29.17 10.22 27.96
CA ASP E 47 -29.27 9.76 26.58
C ASP E 47 -28.38 8.54 26.36
N VAL E 48 -28.79 7.68 25.44
CA VAL E 48 -27.98 6.52 25.09
C VAL E 48 -27.69 6.60 23.58
N THR E 49 -26.41 6.73 23.24
CA THR E 49 -26.00 6.83 21.83
C THR E 49 -24.63 6.18 21.60
N THR E 50 -24.12 6.34 20.38
CA THR E 50 -22.78 5.88 20.04
C THR E 50 -22.29 6.95 19.12
N THR E 51 -20.98 7.18 19.14
CA THR E 51 -20.38 8.20 18.29
C THR E 51 -19.88 7.49 17.05
N SER E 52 -20.00 6.17 17.06
CA SER E 52 -19.54 5.36 15.95
C SER E 52 -20.11 3.96 16.00
N LEU E 53 -20.07 3.27 14.89
CA LEU E 53 -20.54 1.90 14.84
C LEU E 53 -19.31 1.08 14.48
N PRO E 54 -19.31 -0.22 14.78
CA PRO E 54 -18.14 -1.04 14.46
C PRO E 54 -17.70 -0.85 13.03
N ASN E 55 -16.40 -0.97 12.80
CA ASN E 55 -15.83 -0.85 11.46
C ASN E 55 -16.28 0.39 10.69
N ASN E 56 -16.80 1.37 11.43
CA ASN E 56 -17.28 2.60 10.84
C ASN E 56 -18.40 2.32 9.86
N TRP E 57 -19.26 1.40 10.24
CA TRP E 57 -20.41 1.07 9.43
C TRP E 57 -21.34 2.29 9.46
N ARG E 58 -22.24 2.37 8.47
CA ARG E 58 -23.15 3.50 8.38
C ARG E 58 -24.37 3.38 9.27
N TRP E 59 -24.87 2.16 9.43
CA TRP E 59 -26.06 1.92 10.25
C TRP E 59 -25.90 0.69 11.12
N GLY E 60 -26.81 0.54 12.08
CA GLY E 60 -26.78 -0.62 12.96
C GLY E 60 -28.22 -1.01 13.28
N VAL E 61 -28.42 -2.20 13.84
CA VAL E 61 -29.76 -2.69 14.21
C VAL E 61 -29.96 -2.65 15.71
N LEU E 62 -30.90 -1.85 16.18
CA LEU E 62 -31.18 -1.73 17.62
C LEU E 62 -31.71 -3.02 18.22
N VAL E 63 -31.12 -3.46 19.32
CA VAL E 63 -31.57 -4.68 19.97
C VAL E 63 -31.36 -4.66 21.49
N GLY E 64 -32.35 -5.14 22.22
CA GLY E 64 -32.22 -5.17 23.68
C GLY E 64 -33.16 -4.25 24.43
N VAL E 65 -33.97 -3.47 23.72
CA VAL E 65 -34.91 -2.57 24.36
C VAL E 65 -35.77 -3.32 25.37
N GLU E 66 -36.06 -4.60 25.08
CA GLU E 66 -36.86 -5.43 25.97
C GLU E 66 -36.16 -5.62 27.31
N GLU E 67 -35.10 -6.41 27.33
CA GLU E 67 -34.39 -6.63 28.57
C GLU E 67 -34.18 -5.36 29.38
N VAL E 68 -33.93 -4.23 28.72
CA VAL E 68 -33.70 -3.00 29.47
C VAL E 68 -34.95 -2.56 30.21
N ALA E 69 -36.11 -2.76 29.61
CA ALA E 69 -37.34 -2.40 30.27
C ALA E 69 -37.53 -3.34 31.45
N LYS E 70 -37.26 -4.62 31.25
CA LYS E 70 -37.41 -5.62 32.31
C LYS E 70 -36.39 -5.41 33.43
N LEU E 71 -35.46 -4.47 33.24
CA LEU E 71 -34.42 -4.18 34.24
C LEU E 71 -34.73 -2.93 35.05
N LEU E 72 -35.13 -1.87 34.36
CA LEU E 72 -35.47 -0.62 35.02
C LEU E 72 -36.90 -0.70 35.56
N GLU E 73 -37.52 -1.87 35.38
CA GLU E 73 -38.88 -2.11 35.84
C GLU E 73 -38.95 -1.94 37.36
N GLY E 74 -39.93 -1.15 37.81
CA GLY E 74 -40.09 -0.93 39.23
C GLY E 74 -39.01 -0.01 39.78
N ILE E 75 -38.72 1.04 39.03
CA ILE E 75 -37.72 2.00 39.43
C ILE E 75 -38.19 3.40 39.07
N PRO E 76 -38.04 4.35 39.99
CA PRO E 76 -38.39 5.78 39.95
C PRO E 76 -38.06 6.57 38.68
N VAL E 77 -38.24 5.98 37.50
CA VAL E 77 -37.88 6.70 36.27
C VAL E 77 -38.76 6.42 35.05
N ASN E 78 -38.61 7.28 34.04
CA ASN E 78 -39.32 7.11 32.78
C ASN E 78 -38.31 6.60 31.77
N VAL E 79 -38.75 5.76 30.84
CA VAL E 79 -37.85 5.23 29.84
C VAL E 79 -38.46 5.28 28.45
N TYR E 80 -38.00 6.24 27.65
CA TYR E 80 -38.49 6.35 26.28
C TYR E 80 -37.50 5.60 25.40
N ALA E 81 -37.97 5.06 24.28
CA ALA E 81 -37.09 4.31 23.40
C ALA E 81 -37.61 4.16 21.97
N MET E 82 -36.77 3.56 21.14
CA MET E 82 -37.12 3.30 19.75
C MET E 82 -37.56 1.85 19.76
N PRO E 83 -38.45 1.47 18.84
CA PRO E 83 -38.89 0.08 18.85
C PRO E 83 -37.73 -0.87 18.57
N GLU E 84 -37.61 -1.93 19.35
CA GLU E 84 -36.53 -2.88 19.12
C GLU E 84 -36.48 -3.28 17.65
N GLY E 85 -35.28 -3.29 17.08
CA GLY E 85 -35.13 -3.68 15.68
C GLY E 85 -34.97 -2.48 14.77
N THR E 86 -35.22 -1.30 15.29
CA THR E 86 -35.10 -0.08 14.50
C THR E 86 -33.67 0.13 13.97
N ILE E 87 -33.57 0.61 12.73
CA ILE E 87 -32.27 0.88 12.16
C ILE E 87 -31.91 2.22 12.76
N PHE E 88 -30.69 2.37 13.25
CA PHE E 88 -30.29 3.63 13.85
C PHE E 88 -28.91 4.09 13.40
N HIS E 89 -28.50 5.26 13.87
CA HIS E 89 -27.22 5.85 13.51
C HIS E 89 -26.50 6.51 14.68
N PRO E 90 -25.26 6.96 14.44
CA PRO E 90 -24.53 7.61 15.53
C PRO E 90 -25.18 8.90 15.88
N TYR E 91 -25.00 9.30 17.13
CA TYR E 91 -25.54 10.57 17.65
C TYR E 91 -27.05 10.62 17.83
N GLU E 92 -27.72 9.53 17.43
CA GLU E 92 -29.16 9.46 17.58
C GLU E 92 -29.49 8.65 18.82
N PRO E 93 -30.16 9.26 19.80
CA PRO E 93 -30.52 8.54 21.02
C PRO E 93 -31.45 7.38 20.71
N VAL E 94 -31.06 6.18 21.13
CA VAL E 94 -31.89 5.02 20.89
C VAL E 94 -32.74 4.72 22.11
N LEU E 95 -32.43 5.40 23.23
CA LEU E 95 -33.15 5.20 24.49
C LEU E 95 -32.79 6.29 25.48
N GLN E 96 -33.80 6.83 26.16
CA GLN E 96 -33.59 7.90 27.14
C GLN E 96 -34.10 7.46 28.50
N ILE E 97 -33.65 8.14 29.55
CA ILE E 97 -34.10 7.83 30.90
C ILE E 97 -34.24 9.11 31.71
N GLU E 98 -35.34 9.23 32.43
CA GLU E 98 -35.57 10.42 33.20
C GLU E 98 -35.78 10.09 34.68
N GLY E 99 -35.17 10.88 35.54
CA GLY E 99 -35.30 10.67 36.96
C GLY E 99 -34.09 11.11 37.75
N ASP E 100 -34.07 10.72 39.02
CA ASP E 100 -32.97 11.07 39.90
C ASP E 100 -31.82 10.14 39.54
N TYR E 101 -30.71 10.69 39.09
CA TYR E 101 -29.58 9.87 38.73
C TYR E 101 -29.27 8.92 39.87
N ALA E 102 -29.47 9.41 41.10
CA ALA E 102 -29.20 8.62 42.30
C ALA E 102 -29.95 7.30 42.31
N ASP E 103 -31.05 7.23 41.55
CA ASP E 103 -31.86 6.02 41.50
C ASP E 103 -31.44 4.97 40.46
N PHE E 104 -31.34 5.37 39.19
CA PHE E 104 -30.98 4.45 38.11
C PHE E 104 -29.50 4.37 37.73
N GLY E 105 -28.74 5.42 38.03
CA GLY E 105 -27.33 5.47 37.67
C GLY E 105 -26.53 4.19 37.91
N ILE E 106 -27.03 3.35 38.80
CA ILE E 106 -26.35 2.11 39.13
C ILE E 106 -26.75 1.03 38.16
N TYR E 107 -27.40 1.42 37.06
CA TYR E 107 -27.83 0.45 36.07
C TYR E 107 -27.21 0.60 34.69
N GLU E 108 -26.18 1.42 34.60
CA GLU E 108 -25.52 1.63 33.32
C GLU E 108 -24.83 0.35 32.88
N THR E 109 -23.92 -0.13 33.71
CA THR E 109 -23.17 -1.33 33.40
C THR E 109 -24.04 -2.47 32.85
N ALA E 110 -25.27 -2.54 33.31
CA ALA E 110 -26.15 -3.60 32.85
C ALA E 110 -26.91 -3.21 31.60
N LEU E 111 -27.58 -2.06 31.63
CA LEU E 111 -28.36 -1.65 30.47
C LEU E 111 -27.52 -1.48 29.20
N LEU E 112 -26.40 -0.76 29.30
CA LEU E 112 -25.55 -0.59 28.13
C LEU E 112 -25.09 -1.94 27.56
N GLY E 113 -24.67 -2.85 28.43
CA GLY E 113 -24.23 -4.15 27.96
C GLY E 113 -25.35 -4.87 27.22
N MET E 114 -26.57 -4.68 27.70
CA MET E 114 -27.74 -5.33 27.10
C MET E 114 -28.00 -4.81 25.70
N LEU E 115 -27.88 -3.49 25.50
CA LEU E 115 -28.11 -2.91 24.18
C LEU E 115 -26.89 -3.16 23.27
N SER E 116 -25.71 -2.92 23.82
CA SER E 116 -24.46 -3.06 23.09
C SER E 116 -24.14 -4.34 22.33
N GLN E 117 -24.07 -5.46 23.03
CA GLN E 117 -23.70 -6.71 22.37
C GLN E 117 -24.80 -7.25 21.45
N ALA E 118 -26.05 -7.06 21.85
CA ALA E 118 -27.18 -7.52 21.07
C ALA E 118 -27.18 -6.74 19.76
N SER E 119 -27.20 -5.41 19.89
CA SER E 119 -27.17 -4.54 18.74
C SER E 119 -26.01 -4.92 17.83
N GLY E 120 -24.88 -5.24 18.45
CA GLY E 120 -23.70 -5.63 17.70
C GLY E 120 -23.97 -6.86 16.87
N ILE E 121 -24.39 -7.94 17.51
CA ILE E 121 -24.68 -9.18 16.80
C ILE E 121 -25.73 -8.99 15.72
N ALA E 122 -26.78 -8.25 16.04
CA ALA E 122 -27.84 -8.01 15.06
C ALA E 122 -27.31 -7.35 13.78
N THR E 123 -26.71 -6.16 13.93
CA THR E 123 -26.16 -5.42 12.80
C THR E 123 -25.29 -6.35 11.98
N ALA E 124 -24.44 -7.11 12.65
CA ALA E 124 -23.58 -8.01 11.95
C ALA E 124 -24.45 -8.89 11.09
N ALA E 125 -25.40 -9.57 11.72
CA ALA E 125 -26.31 -10.47 11.03
C ALA E 125 -26.97 -9.83 9.81
N LEU E 126 -27.64 -8.71 10.01
CA LEU E 126 -28.32 -8.06 8.90
C LEU E 126 -27.40 -7.85 7.72
N ARG E 127 -26.16 -7.42 8.00
CA ARG E 127 -25.18 -7.17 6.95
C ARG E 127 -24.85 -8.46 6.22
N ILE E 128 -24.83 -9.56 6.95
CA ILE E 128 -24.54 -10.83 6.30
C ILE E 128 -25.73 -11.18 5.40
N LYS E 129 -26.92 -10.96 5.95
CA LYS E 129 -28.14 -11.23 5.21
C LYS E 129 -28.01 -10.51 3.88
N ILE E 130 -27.88 -9.19 3.94
CA ILE E 130 -27.73 -8.41 2.73
C ILE E 130 -26.67 -9.01 1.81
N ALA E 131 -25.44 -9.17 2.30
CA ALA E 131 -24.39 -9.74 1.46
C ALA E 131 -24.77 -11.08 0.82
N ALA E 132 -25.65 -11.83 1.47
CA ALA E 132 -26.06 -13.12 0.94
C ALA E 132 -27.26 -13.03 -0.01
N LYS E 133 -27.58 -11.80 -0.42
CA LYS E 133 -28.71 -11.54 -1.32
C LYS E 133 -29.95 -12.12 -0.63
N PHE E 134 -30.13 -11.76 0.63
CA PHE E 134 -31.24 -12.23 1.45
C PHE E 134 -31.57 -13.72 1.39
N LYS E 135 -30.63 -14.53 0.89
CA LYS E 135 -30.82 -15.97 0.84
C LYS E 135 -30.89 -16.48 2.29
N PRO E 136 -31.15 -17.77 2.49
CA PRO E 136 -31.19 -18.17 3.90
C PRO E 136 -29.82 -18.23 4.59
N VAL E 137 -29.81 -17.84 5.87
CA VAL E 137 -28.60 -17.82 6.70
C VAL E 137 -28.93 -18.31 8.11
N TYR E 138 -28.18 -19.29 8.56
CA TYR E 138 -28.46 -19.83 9.89
C TYR E 138 -27.33 -19.60 10.89
N SER E 139 -27.71 -19.05 12.06
CA SER E 139 -26.79 -18.77 13.15
C SER E 139 -26.22 -20.09 13.74
N PHE E 140 -24.90 -20.20 13.80
CA PHE E 140 -24.22 -21.40 14.29
C PHE E 140 -23.13 -21.03 15.31
N GLY E 141 -22.96 -19.74 15.55
CA GLY E 141 -21.89 -19.27 16.41
C GLY E 141 -21.83 -19.38 17.92
N ILE E 142 -22.93 -19.69 18.61
CA ILE E 142 -22.87 -19.74 20.06
C ILE E 142 -21.77 -20.63 20.67
N ARG E 143 -21.11 -21.46 19.88
CA ARG E 143 -20.05 -22.27 20.44
C ARG E 143 -18.81 -21.44 20.73
N HIS E 144 -18.76 -20.23 20.21
CA HIS E 144 -17.59 -19.41 20.45
C HIS E 144 -17.79 -18.42 21.59
N MET E 145 -18.93 -18.48 22.25
CA MET E 145 -19.15 -17.57 23.38
C MET E 145 -19.68 -18.35 24.60
N HIS E 146 -19.77 -17.67 25.73
CA HIS E 146 -20.25 -18.31 26.96
C HIS E 146 -21.71 -18.72 26.82
N PRO E 147 -22.04 -19.97 27.21
CA PRO E 147 -23.39 -20.52 27.14
C PRO E 147 -24.42 -19.68 27.86
N ALA E 148 -24.01 -19.02 28.93
CA ALA E 148 -24.94 -18.18 29.66
C ALA E 148 -25.68 -17.23 28.71
N ILE E 149 -25.01 -16.74 27.68
CA ILE E 149 -25.65 -15.83 26.76
C ILE E 149 -26.11 -16.47 25.43
N ALA E 150 -25.96 -17.79 25.33
CA ALA E 150 -26.36 -18.56 24.15
C ALA E 150 -27.67 -18.07 23.55
N PRO E 151 -28.70 -17.85 24.38
CA PRO E 151 -29.96 -17.37 23.85
C PRO E 151 -29.95 -15.91 23.38
N MET E 152 -29.48 -14.96 24.20
CA MET E 152 -29.47 -13.56 23.76
C MET E 152 -28.86 -13.49 22.37
N ILE E 153 -27.82 -14.27 22.15
CA ILE E 153 -27.14 -14.29 20.87
C ILE E 153 -28.05 -14.78 19.76
N ASP E 154 -28.46 -16.04 19.83
CA ASP E 154 -29.34 -16.58 18.81
C ASP E 154 -30.58 -15.71 18.57
N ARG E 155 -31.09 -15.08 19.62
CA ARG E 155 -32.25 -14.20 19.49
C ARG E 155 -31.87 -12.94 18.69
N ALA E 156 -30.60 -12.56 18.79
CA ALA E 156 -30.09 -11.37 18.09
C ALA E 156 -29.76 -11.69 16.64
N ALA E 157 -29.22 -12.90 16.42
CA ALA E 157 -28.89 -13.33 15.07
C ALA E 157 -30.21 -13.38 14.30
N PHE E 158 -31.24 -13.79 15.02
CA PHE E 158 -32.57 -13.93 14.47
C PHE E 158 -33.08 -12.56 14.09
N ILE E 159 -33.38 -11.73 15.08
CA ILE E 159 -33.87 -10.39 14.81
C ILE E 159 -33.06 -9.73 13.69
N GLY E 160 -31.80 -10.16 13.59
CA GLY E 160 -30.90 -9.62 12.59
C GLY E 160 -31.23 -10.01 11.18
N GLY E 161 -31.86 -11.16 11.00
CA GLY E 161 -32.21 -11.59 9.67
C GLY E 161 -31.92 -13.07 9.45
N CYS E 162 -31.32 -13.72 10.44
CA CYS E 162 -31.01 -15.14 10.33
C CYS E 162 -32.33 -15.89 10.31
N ASP E 163 -32.48 -16.77 9.33
CA ASP E 163 -33.70 -17.55 9.20
C ASP E 163 -33.84 -18.51 10.38
N GLY E 164 -32.75 -19.20 10.71
CA GLY E 164 -32.84 -20.13 11.82
C GLY E 164 -31.72 -20.03 12.82
N VAL E 165 -31.86 -20.77 13.92
CA VAL E 165 -30.89 -20.75 15.00
C VAL E 165 -30.49 -22.15 15.45
N SER E 166 -29.20 -22.32 15.66
CA SER E 166 -28.60 -23.58 16.08
C SER E 166 -28.95 -23.92 17.53
N GLY E 167 -28.99 -22.89 18.36
CA GLY E 167 -29.27 -23.11 19.77
C GLY E 167 -30.66 -23.56 20.14
N VAL E 168 -30.70 -24.64 20.94
CA VAL E 168 -31.97 -25.20 21.41
C VAL E 168 -32.70 -24.24 22.31
N LEU E 169 -32.18 -24.07 23.53
CA LEU E 169 -32.78 -23.17 24.50
C LEU E 169 -33.08 -21.80 23.88
N GLY E 170 -32.19 -21.37 22.99
CA GLY E 170 -32.37 -20.08 22.34
C GLY E 170 -33.56 -20.08 21.40
N ALA E 171 -33.72 -21.18 20.67
CA ALA E 171 -34.82 -21.33 19.74
C ALA E 171 -36.12 -21.12 20.48
N GLU E 172 -36.35 -21.97 21.49
CA GLU E 172 -37.56 -21.95 22.33
C GLU E 172 -37.95 -20.59 22.88
N MET E 173 -37.14 -20.05 23.79
CA MET E 173 -37.42 -18.77 24.41
C MET E 173 -37.98 -17.75 23.40
N MET E 174 -37.74 -17.99 22.12
CA MET E 174 -38.24 -17.11 21.06
C MET E 174 -39.56 -17.67 20.53
N GLY E 175 -39.63 -18.99 20.42
CA GLY E 175 -40.81 -19.64 19.91
C GLY E 175 -40.46 -20.08 18.50
N GLU E 176 -39.32 -20.74 18.38
CA GLU E 176 -38.82 -21.20 17.09
C GLU E 176 -38.22 -22.58 17.22
N LYS E 177 -38.03 -23.26 16.09
CA LYS E 177 -37.44 -24.60 16.14
C LYS E 177 -35.97 -24.52 15.78
N ALA E 178 -35.11 -24.98 16.68
CA ALA E 178 -33.70 -24.93 16.42
C ALA E 178 -33.35 -25.93 15.32
N VAL E 179 -32.84 -25.42 14.20
CA VAL E 179 -32.48 -26.28 13.09
C VAL E 179 -31.00 -26.62 13.14
N GLY E 180 -30.56 -27.53 12.28
CA GLY E 180 -29.16 -27.93 12.25
C GLY E 180 -28.92 -28.97 11.17
N THR E 181 -27.75 -29.60 11.19
CA THR E 181 -27.43 -30.63 10.20
C THR E 181 -26.72 -31.82 10.85
N MET E 182 -25.52 -32.13 10.37
CA MET E 182 -24.76 -33.26 10.88
C MET E 182 -23.38 -32.87 11.37
N PRO E 183 -22.93 -33.47 12.49
CA PRO E 183 -21.61 -33.19 13.05
C PRO E 183 -20.60 -34.13 12.40
N HIS E 184 -19.32 -33.84 12.59
CA HIS E 184 -18.27 -34.67 12.05
C HIS E 184 -18.13 -35.85 12.97
N ALA E 185 -18.48 -35.63 14.23
CA ALA E 185 -18.39 -36.67 15.23
C ALA E 185 -19.27 -37.85 14.84
N LEU E 186 -20.49 -37.55 14.43
CA LEU E 186 -21.42 -38.60 14.05
C LEU E 186 -20.79 -39.52 13.02
N ILE E 187 -20.39 -38.97 11.89
CA ILE E 187 -19.79 -39.76 10.84
C ILE E 187 -18.54 -40.51 11.27
N ILE E 188 -17.71 -39.89 12.12
CA ILE E 188 -16.48 -40.54 12.57
C ILE E 188 -16.68 -41.65 13.57
N THR E 189 -17.62 -41.50 14.52
CA THR E 189 -17.84 -42.56 15.49
C THR E 189 -18.54 -43.74 14.80
N VAL E 190 -19.51 -43.44 13.94
CA VAL E 190 -20.23 -44.46 13.19
C VAL E 190 -19.24 -45.20 12.29
N GLY E 191 -18.10 -44.56 12.01
CA GLY E 191 -17.06 -45.16 11.19
C GLY E 191 -17.22 -45.21 9.68
N ASP E 192 -18.34 -44.70 9.16
CA ASP E 192 -18.56 -44.73 7.73
C ASP E 192 -19.52 -43.63 7.28
N GLN E 193 -19.08 -42.88 6.27
CA GLN E 193 -19.88 -41.78 5.73
C GLN E 193 -21.29 -42.21 5.36
N VAL E 194 -21.39 -43.16 4.43
CA VAL E 194 -22.69 -43.64 3.97
C VAL E 194 -23.57 -44.19 5.09
N LYS E 195 -23.02 -45.09 5.88
CA LYS E 195 -23.73 -45.71 7.00
C LYS E 195 -24.26 -44.62 7.93
N ALA E 196 -23.46 -43.58 8.11
CA ALA E 196 -23.81 -42.47 8.97
C ALA E 196 -25.06 -41.72 8.50
N TRP E 197 -25.00 -41.13 7.31
CA TRP E 197 -26.17 -40.39 6.85
C TRP E 197 -27.35 -41.28 6.48
N LYS E 198 -27.15 -42.59 6.59
CA LYS E 198 -28.25 -43.53 6.32
C LYS E 198 -28.99 -43.59 7.63
N TYR E 199 -28.22 -43.80 8.71
CA TYR E 199 -28.77 -43.86 10.05
C TYR E 199 -29.53 -42.59 10.37
N PHE E 200 -29.00 -41.46 9.92
CA PHE E 200 -29.64 -40.17 10.16
C PHE E 200 -30.99 -40.13 9.43
N ASP E 201 -31.00 -40.58 8.18
CA ASP E 201 -32.21 -40.59 7.35
C ASP E 201 -33.33 -41.39 7.97
N GLU E 202 -32.98 -42.49 8.65
CA GLU E 202 -33.98 -43.33 9.27
C GLU E 202 -34.36 -42.93 10.69
N VAL E 203 -33.38 -42.71 11.54
CA VAL E 203 -33.64 -42.35 12.94
C VAL E 203 -34.31 -41.00 13.19
N ILE E 204 -33.88 -39.96 12.47
CA ILE E 204 -34.44 -38.63 12.68
C ILE E 204 -35.76 -38.43 11.98
N GLU E 205 -36.61 -37.57 12.55
CA GLU E 205 -37.92 -37.28 11.99
C GLU E 205 -37.84 -36.97 10.50
N GLU E 206 -38.98 -36.99 9.83
CA GLU E 206 -39.01 -36.72 8.41
C GLU E 206 -39.09 -35.24 8.11
N GLU E 207 -39.66 -34.48 9.04
CA GLU E 207 -39.78 -33.04 8.86
C GLU E 207 -38.42 -32.33 8.88
N VAL E 208 -37.38 -33.06 9.27
CA VAL E 208 -36.04 -32.51 9.36
C VAL E 208 -35.25 -32.64 8.06
N PRO E 209 -35.05 -31.51 7.34
CA PRO E 209 -34.31 -31.56 6.07
C PRO E 209 -33.04 -32.37 6.30
N ARG E 210 -32.65 -33.14 5.30
CA ARG E 210 -31.47 -33.96 5.44
C ARG E 210 -30.32 -33.47 4.56
N ILE E 211 -29.38 -32.80 5.22
CA ILE E 211 -28.19 -32.27 4.57
C ILE E 211 -27.03 -33.16 4.98
N ALA E 212 -26.33 -33.71 4.00
CA ALA E 212 -25.21 -34.60 4.26
C ALA E 212 -23.89 -33.87 4.50
N LEU E 213 -23.20 -34.25 5.58
CA LEU E 213 -21.91 -33.63 5.90
C LEU E 213 -20.87 -34.38 5.07
N VAL E 214 -20.58 -33.82 3.89
CA VAL E 214 -19.64 -34.40 2.94
C VAL E 214 -18.18 -34.53 3.38
N ASP E 215 -17.40 -33.48 3.18
CA ASP E 215 -15.98 -33.45 3.55
C ASP E 215 -15.66 -34.05 4.91
N THR E 216 -15.01 -35.20 4.96
CA THR E 216 -14.63 -35.83 6.23
C THR E 216 -13.31 -36.58 6.10
N PHE E 217 -13.25 -37.51 5.15
CA PHE E 217 -12.05 -38.29 4.89
C PHE E 217 -11.68 -38.14 3.41
N TYR E 218 -12.70 -38.29 2.57
CA TYR E 218 -12.55 -38.18 1.13
C TYR E 218 -12.77 -36.73 0.73
N ASP E 219 -12.50 -36.41 -0.54
CA ASP E 219 -12.69 -35.05 -1.01
C ASP E 219 -14.18 -34.75 -1.09
N GLU E 220 -14.56 -33.47 -1.02
CA GLU E 220 -15.97 -33.10 -1.09
C GLU E 220 -16.57 -33.62 -2.40
N LYS E 221 -15.77 -33.57 -3.46
CA LYS E 221 -16.20 -34.03 -4.77
C LYS E 221 -16.62 -35.50 -4.73
N VAL E 222 -15.81 -36.33 -4.09
CA VAL E 222 -16.11 -37.75 -3.99
C VAL E 222 -17.30 -38.01 -3.08
N GLU E 223 -17.21 -37.58 -1.84
CA GLU E 223 -18.28 -37.79 -0.87
C GLU E 223 -19.62 -37.14 -1.24
N ALA E 224 -19.58 -36.15 -2.13
CA ALA E 224 -20.81 -35.49 -2.52
C ALA E 224 -21.68 -36.44 -3.32
N VAL E 225 -21.14 -37.05 -4.37
CA VAL E 225 -21.91 -38.00 -5.17
C VAL E 225 -22.34 -39.20 -4.34
N MET E 226 -21.46 -39.68 -3.45
CA MET E 226 -21.78 -40.79 -2.58
C MET E 226 -23.09 -40.48 -1.86
N ALA E 227 -23.12 -39.34 -1.16
CA ALA E 227 -24.31 -38.91 -0.43
C ALA E 227 -25.53 -38.81 -1.35
N ALA E 228 -25.28 -38.57 -2.63
CA ALA E 228 -26.36 -38.46 -3.62
C ALA E 228 -26.85 -39.88 -3.92
N GLU E 229 -25.92 -40.75 -4.30
CA GLU E 229 -26.25 -42.14 -4.57
C GLU E 229 -26.38 -42.85 -3.22
N ALA E 230 -27.39 -42.41 -2.49
CA ALA E 230 -27.74 -42.89 -1.16
C ALA E 230 -28.81 -41.89 -0.81
N LEU E 231 -29.95 -42.36 -0.33
CA LEU E 231 -31.07 -41.49 -0.02
C LEU E 231 -31.50 -40.63 -1.21
N GLY E 232 -30.69 -40.61 -2.26
CA GLY E 232 -31.00 -39.85 -3.46
C GLY E 232 -31.89 -38.64 -3.29
N LYS E 233 -33.19 -38.80 -3.46
CA LYS E 233 -34.15 -37.70 -3.30
C LYS E 233 -34.48 -37.39 -1.85
N LYS E 234 -33.78 -38.05 -0.94
CA LYS E 234 -33.98 -37.82 0.49
C LYS E 234 -32.91 -36.80 0.90
N LEU E 235 -31.90 -36.64 0.05
CA LEU E 235 -30.79 -35.73 0.27
C LEU E 235 -31.21 -34.32 -0.11
N PHE E 236 -31.70 -33.55 0.86
CA PHE E 236 -32.13 -32.19 0.59
C PHE E 236 -31.01 -31.27 0.17
N ALA E 237 -29.84 -31.45 0.76
CA ALA E 237 -28.70 -30.61 0.44
C ALA E 237 -27.40 -31.24 0.91
N VAL E 238 -26.30 -30.69 0.42
CA VAL E 238 -24.99 -31.16 0.81
C VAL E 238 -24.30 -29.97 1.48
N ARG E 239 -23.57 -30.24 2.58
CA ARG E 239 -22.88 -29.17 3.29
C ARG E 239 -21.38 -29.16 3.04
N LEU E 240 -20.86 -27.98 2.69
CA LEU E 240 -19.43 -27.82 2.45
C LEU E 240 -18.87 -26.89 3.53
N ASP E 241 -17.86 -27.39 4.23
CA ASP E 241 -17.21 -26.62 5.30
C ASP E 241 -15.72 -26.89 5.22
N THR E 242 -15.18 -26.86 4.02
CA THR E 242 -13.76 -27.10 3.82
C THR E 242 -12.87 -26.42 4.87
N PRO E 243 -11.98 -27.19 5.50
CA PRO E 243 -11.09 -26.62 6.50
C PRO E 243 -10.20 -25.58 5.82
N SER E 244 -9.81 -24.56 6.57
CA SER E 244 -8.97 -23.50 6.03
C SER E 244 -7.70 -24.00 5.35
N SER E 245 -7.09 -25.04 5.91
CA SER E 245 -5.88 -25.57 5.29
C SER E 245 -6.20 -26.14 3.91
N ARG E 246 -7.48 -26.43 3.67
CA ARG E 246 -7.90 -26.99 2.40
C ARG E 246 -8.61 -26.02 1.43
N ARG E 247 -9.11 -24.89 1.94
CA ARG E 247 -9.80 -23.94 1.09
C ARG E 247 -8.89 -23.12 0.18
N GLY E 248 -8.49 -23.69 -0.95
CA GLY E 248 -7.64 -22.95 -1.87
C GLY E 248 -8.49 -21.87 -2.51
N ASN E 249 -9.61 -22.29 -3.07
CA ASN E 249 -10.55 -21.40 -3.70
C ASN E 249 -11.90 -22.00 -3.42
N PHE E 250 -12.56 -21.51 -2.39
CA PHE E 250 -13.87 -22.02 -2.03
C PHE E 250 -14.84 -21.96 -3.20
N ARG E 251 -14.93 -20.81 -3.85
CA ARG E 251 -15.79 -20.65 -5.01
C ARG E 251 -15.60 -21.83 -5.95
N LYS E 252 -14.37 -21.99 -6.42
CA LYS E 252 -14.06 -23.08 -7.34
C LYS E 252 -14.48 -24.44 -6.78
N ILE E 253 -14.18 -24.69 -5.51
CA ILE E 253 -14.55 -25.97 -4.91
C ILE E 253 -16.06 -26.15 -4.93
N ILE E 254 -16.80 -25.09 -4.62
CA ILE E 254 -18.25 -25.16 -4.64
C ILE E 254 -18.78 -25.51 -6.02
N GLU E 255 -18.21 -24.90 -7.05
CA GLU E 255 -18.64 -25.16 -8.42
C GLU E 255 -18.38 -26.62 -8.81
N GLU E 256 -17.15 -27.09 -8.57
CA GLU E 256 -16.78 -28.47 -8.89
C GLU E 256 -17.79 -29.46 -8.31
N VAL E 257 -18.30 -29.19 -7.11
CA VAL E 257 -19.27 -30.09 -6.52
C VAL E 257 -20.54 -30.03 -7.34
N ARG E 258 -21.00 -28.82 -7.61
CA ARG E 258 -22.21 -28.64 -8.41
C ARG E 258 -22.07 -29.38 -9.73
N TRP E 259 -20.88 -29.35 -10.31
CA TRP E 259 -20.68 -30.04 -11.58
C TRP E 259 -20.78 -31.54 -11.43
N GLU E 260 -19.90 -32.12 -10.62
CA GLU E 260 -19.92 -33.56 -10.42
C GLU E 260 -21.30 -34.09 -10.09
N LEU E 261 -22.13 -33.24 -9.49
CA LEU E 261 -23.49 -33.65 -9.16
C LEU E 261 -24.35 -33.53 -10.39
N LYS E 262 -24.29 -32.38 -11.06
CA LYS E 262 -25.06 -32.12 -12.26
C LYS E 262 -24.78 -33.14 -13.36
N VAL E 263 -23.49 -33.43 -13.60
CA VAL E 263 -23.12 -34.41 -14.61
C VAL E 263 -23.75 -35.76 -14.36
N ARG E 264 -23.67 -36.22 -13.11
CA ARG E 264 -24.24 -37.51 -12.73
C ARG E 264 -25.75 -37.43 -12.50
N GLY E 265 -26.37 -36.46 -13.14
CA GLY E 265 -27.80 -36.32 -13.04
C GLY E 265 -28.43 -35.93 -11.72
N TYR E 266 -27.64 -35.63 -10.70
CA TYR E 266 -28.26 -35.22 -9.43
C TYR E 266 -28.42 -33.71 -9.51
N ASP E 267 -29.67 -33.21 -9.53
CA ASP E 267 -29.89 -31.78 -9.68
C ASP E 267 -30.79 -31.08 -8.66
N TRP E 268 -31.39 -31.85 -7.77
CA TRP E 268 -32.26 -31.27 -6.77
C TRP E 268 -31.45 -30.87 -5.55
N VAL E 269 -30.35 -31.60 -5.32
CA VAL E 269 -29.48 -31.34 -4.17
C VAL E 269 -28.85 -29.94 -4.24
N LYS E 270 -29.12 -29.16 -3.19
CA LYS E 270 -28.61 -27.81 -3.07
C LYS E 270 -27.25 -27.79 -2.37
N ILE E 271 -26.59 -26.63 -2.45
CA ILE E 271 -25.28 -26.46 -1.82
C ILE E 271 -25.41 -25.58 -0.58
N PHE E 272 -25.19 -26.20 0.57
CA PHE E 272 -25.26 -25.50 1.84
C PHE E 272 -23.83 -25.38 2.38
N VAL E 273 -23.42 -24.15 2.69
CA VAL E 273 -22.05 -23.96 3.19
C VAL E 273 -22.00 -23.26 4.53
N SER E 274 -20.94 -23.55 5.27
CA SER E 274 -20.72 -22.96 6.57
C SER E 274 -19.23 -23.12 6.84
N GLY E 275 -18.71 -22.27 7.73
CA GLY E 275 -17.30 -22.37 8.03
C GLY E 275 -16.58 -21.04 7.86
N GLY E 276 -16.27 -20.44 9.00
CA GLY E 276 -15.57 -19.18 9.03
C GLY E 276 -15.79 -18.28 7.84
N LEU E 277 -16.91 -17.59 7.80
CA LEU E 277 -17.13 -16.70 6.69
C LEU E 277 -17.83 -15.41 7.09
N ASP E 278 -17.43 -14.33 6.45
CA ASP E 278 -17.98 -13.01 6.70
C ASP E 278 -18.58 -12.46 5.42
N GLU E 279 -18.80 -11.15 5.38
CA GLU E 279 -19.38 -10.49 4.23
C GLU E 279 -18.60 -10.71 2.96
N GLU E 280 -17.38 -10.23 2.94
CA GLU E 280 -16.51 -10.35 1.78
C GLU E 280 -16.43 -11.79 1.25
N LYS E 281 -16.39 -12.76 2.16
CA LYS E 281 -16.31 -14.16 1.77
C LYS E 281 -17.58 -14.68 1.12
N ILE E 282 -18.71 -14.21 1.64
CA ILE E 282 -20.02 -14.58 1.14
C ILE E 282 -20.30 -13.90 -0.18
N LYS E 283 -19.91 -12.64 -0.29
CA LYS E 283 -20.13 -11.90 -1.53
C LYS E 283 -19.45 -12.61 -2.67
N GLU E 284 -18.35 -13.30 -2.40
CA GLU E 284 -17.66 -13.96 -3.50
C GLU E 284 -18.15 -15.37 -3.73
N ILE E 285 -19.31 -15.69 -3.19
CA ILE E 285 -19.78 -17.05 -3.33
C ILE E 285 -21.32 -17.21 -3.31
N VAL E 286 -22.03 -16.11 -3.10
CA VAL E 286 -23.49 -16.11 -3.05
C VAL E 286 -24.17 -16.78 -4.22
N ASP E 287 -23.81 -16.33 -5.42
CA ASP E 287 -24.42 -16.83 -6.63
C ASP E 287 -24.16 -18.29 -6.96
N VAL E 288 -23.66 -19.05 -6.00
CA VAL E 288 -23.40 -20.45 -6.28
C VAL E 288 -23.73 -21.30 -5.06
N VAL E 289 -24.24 -20.67 -4.03
CA VAL E 289 -24.59 -21.38 -2.81
C VAL E 289 -26.06 -21.14 -2.50
N ASP E 290 -26.70 -22.14 -1.92
CA ASP E 290 -28.12 -22.05 -1.60
C ASP E 290 -28.44 -21.48 -0.23
N ALA E 291 -27.70 -21.94 0.78
CA ALA E 291 -27.91 -21.47 2.14
C ALA E 291 -26.60 -21.37 2.91
N PHE E 292 -26.53 -20.37 3.79
CA PHE E 292 -25.35 -20.15 4.58
C PHE E 292 -25.46 -20.48 6.07
N GLY E 293 -24.37 -21.05 6.59
CA GLY E 293 -24.25 -21.37 8.01
C GLY E 293 -23.16 -20.46 8.58
N VAL E 294 -23.53 -19.41 9.30
CA VAL E 294 -22.54 -18.49 9.84
C VAL E 294 -22.35 -18.58 11.35
N GLY E 295 -21.08 -18.64 11.77
CA GLY E 295 -20.79 -18.71 13.19
C GLY E 295 -20.31 -17.42 13.84
N GLY E 296 -19.00 -17.38 14.11
CA GLY E 296 -18.35 -16.27 14.76
C GLY E 296 -18.61 -14.85 14.27
N ALA E 297 -18.67 -14.67 12.95
CA ALA E 297 -18.89 -13.34 12.37
C ALA E 297 -20.16 -12.70 12.86
N ILE E 298 -21.03 -13.47 13.49
CA ILE E 298 -22.28 -12.92 14.01
C ILE E 298 -22.31 -12.98 15.52
N ALA E 299 -21.98 -14.15 16.06
CA ALA E 299 -22.02 -14.32 17.53
C ALA E 299 -20.92 -13.52 18.25
N SER E 300 -19.72 -13.59 17.68
CA SER E 300 -18.56 -12.91 18.21
C SER E 300 -18.46 -11.51 17.57
N ALA E 301 -19.56 -11.02 17.03
CA ALA E 301 -19.56 -9.70 16.42
C ALA E 301 -19.13 -8.69 17.49
N LYS E 302 -18.65 -7.52 17.08
CA LYS E 302 -18.25 -6.50 18.04
C LYS E 302 -19.42 -5.69 18.54
N PRO E 303 -19.44 -5.36 19.84
CA PRO E 303 -20.51 -4.57 20.44
C PRO E 303 -20.58 -3.17 19.83
N VAL E 304 -21.67 -2.47 20.10
CA VAL E 304 -21.85 -1.09 19.62
C VAL E 304 -21.47 -0.24 20.84
N ASP E 305 -20.46 0.61 20.69
CA ASP E 305 -19.98 1.45 21.78
C ASP E 305 -21.09 2.37 22.26
N PHE E 306 -22.08 1.80 22.93
CA PHE E 306 -23.22 2.55 23.47
C PHE E 306 -22.85 3.20 24.80
N ALA E 307 -23.19 4.48 24.96
CA ALA E 307 -22.91 5.18 26.20
C ALA E 307 -24.11 5.93 26.74
N LEU E 308 -24.22 5.98 28.06
CA LEU E 308 -25.30 6.69 28.73
C LEU E 308 -24.77 8.05 29.23
N ASP E 309 -25.30 9.15 28.70
CA ASP E 309 -24.84 10.47 29.12
C ASP E 309 -25.97 11.46 29.40
N ILE E 310 -25.93 12.07 30.58
CA ILE E 310 -26.94 13.04 30.94
C ILE E 310 -26.81 14.25 30.02
N VAL E 311 -27.88 14.54 29.29
CA VAL E 311 -27.91 15.65 28.33
C VAL E 311 -28.79 16.78 28.83
N GLU E 312 -29.43 16.56 29.98
CA GLU E 312 -30.30 17.59 30.58
C GLU E 312 -30.51 17.34 32.07
N VAL E 313 -30.34 18.40 32.86
CA VAL E 313 -30.51 18.32 34.31
C VAL E 313 -31.48 19.39 34.77
N GLU E 314 -32.64 18.97 35.27
CA GLU E 314 -33.67 19.89 35.74
C GLU E 314 -34.15 20.82 34.62
N GLY E 315 -34.53 20.25 33.49
CA GLY E 315 -35.00 21.03 32.37
C GLY E 315 -33.92 21.92 31.77
N LYS E 316 -32.70 21.81 32.26
CA LYS E 316 -31.58 22.61 31.77
C LYS E 316 -30.68 21.76 30.87
N PRO E 317 -30.41 22.24 29.64
CA PRO E 317 -29.55 21.56 28.66
C PRO E 317 -28.08 21.55 29.03
N ILE E 318 -27.56 20.39 29.39
CA ILE E 318 -26.15 20.26 29.76
C ILE E 318 -25.61 18.85 29.58
N ALA E 319 -24.49 18.73 28.87
CA ALA E 319 -23.84 17.46 28.63
C ALA E 319 -22.33 17.71 28.53
N LYS E 320 -21.51 16.71 28.86
CA LYS E 320 -20.05 16.88 28.79
C LYS E 320 -19.51 17.01 27.37
N ARG E 321 -18.19 17.21 27.24
CA ARG E 321 -17.52 17.38 25.95
C ARG E 321 -17.75 16.24 24.94
N GLY E 322 -17.99 16.62 23.69
CA GLY E 322 -18.21 15.61 22.67
C GLY E 322 -19.56 14.93 22.72
N LYS E 323 -20.44 15.43 23.58
CA LYS E 323 -21.78 14.87 23.73
C LYS E 323 -22.81 15.95 23.40
N LEU E 324 -23.87 15.54 22.74
CA LEU E 324 -24.92 16.46 22.38
C LEU E 324 -25.78 16.78 23.61
N SER E 325 -26.23 18.02 23.71
CA SER E 325 -27.01 18.48 24.85
C SER E 325 -28.50 18.64 24.60
N GLY E 326 -29.29 18.44 25.64
CA GLY E 326 -30.74 18.61 25.54
C GLY E 326 -31.59 17.38 25.28
N ARG E 327 -32.90 17.53 25.55
CA ARG E 327 -33.89 16.47 25.35
C ARG E 327 -34.32 16.52 23.89
N LYS E 328 -34.13 15.43 23.16
CA LYS E 328 -34.52 15.45 21.76
C LYS E 328 -35.28 14.25 21.20
N GLN E 329 -35.70 14.41 19.95
CA GLN E 329 -36.44 13.38 19.24
C GLN E 329 -35.83 13.14 17.87
N VAL E 330 -36.02 11.94 17.34
CA VAL E 330 -35.52 11.58 16.02
C VAL E 330 -36.68 11.27 15.10
N TYR E 331 -36.84 12.04 14.03
CA TYR E 331 -37.92 11.83 13.08
C TYR E 331 -37.45 11.08 11.84
N ARG E 332 -38.19 10.03 11.50
CA ARG E 332 -37.86 9.20 10.36
C ARG E 332 -38.98 9.27 9.32
N CYS E 333 -38.63 9.45 8.05
CA CYS E 333 -39.65 9.47 7.01
C CYS E 333 -39.69 8.05 6.43
N GLU E 334 -40.64 7.78 5.55
CA GLU E 334 -40.75 6.46 4.97
C GLU E 334 -39.61 6.17 4.02
N ASN E 335 -38.78 7.17 3.76
CA ASN E 335 -37.66 6.97 2.85
C ASN E 335 -36.33 6.84 3.58
N GLY E 336 -36.40 6.41 4.83
CA GLY E 336 -35.21 6.21 5.63
C GLY E 336 -34.42 7.45 6.02
N HIS E 337 -34.87 8.62 5.59
CA HIS E 337 -34.17 9.85 5.94
C HIS E 337 -34.42 10.17 7.40
N TYR E 338 -33.37 10.20 8.22
CA TYR E 338 -33.52 10.49 9.64
C TYR E 338 -33.23 11.94 9.96
N HIS E 339 -33.71 12.41 11.09
CA HIS E 339 -33.49 13.80 11.49
C HIS E 339 -33.58 13.98 13.00
N VAL E 340 -32.47 14.27 13.65
CA VAL E 340 -32.48 14.48 15.09
C VAL E 340 -32.67 15.95 15.35
N VAL E 341 -33.73 16.28 16.07
CA VAL E 341 -34.02 17.68 16.39
C VAL E 341 -34.39 17.81 17.85
N PRO E 342 -34.34 19.04 18.36
CA PRO E 342 -34.68 19.32 19.76
C PRO E 342 -36.16 19.03 19.98
N ALA E 343 -36.50 18.48 21.14
CA ALA E 343 -37.89 18.18 21.48
C ALA E 343 -38.76 19.45 21.50
N ASN E 344 -38.12 20.59 21.73
CA ASN E 344 -38.80 21.89 21.78
C ASN E 344 -39.44 22.25 20.43
N LYS E 345 -39.19 21.42 19.42
CA LYS E 345 -39.72 21.63 18.08
C LYS E 345 -40.32 20.32 17.59
N LYS E 346 -41.16 20.39 16.56
CA LYS E 346 -41.79 19.18 16.04
C LYS E 346 -41.87 19.16 14.52
N LEU E 347 -41.34 18.08 13.93
CA LEU E 347 -41.33 17.89 12.49
C LEU E 347 -42.61 17.24 11.98
N GLU E 348 -42.89 17.45 10.70
CA GLU E 348 -44.07 16.87 10.06
C GLU E 348 -43.69 16.61 8.61
N ARG E 349 -42.91 17.53 8.06
CA ARG E 349 -42.43 17.44 6.70
C ARG E 349 -41.03 16.86 6.79
N CYS E 350 -40.60 16.13 5.77
CA CYS E 350 -39.25 15.58 5.78
C CYS E 350 -38.34 16.60 5.12
N PRO E 351 -37.47 17.25 5.91
CA PRO E 351 -36.54 18.25 5.39
C PRO E 351 -36.09 17.96 3.95
N VAL E 352 -35.76 16.70 3.68
CA VAL E 352 -35.34 16.29 2.34
C VAL E 352 -36.60 16.02 1.52
N CYS E 353 -36.64 14.89 0.80
CA CYS E 353 -37.82 14.57 -0.01
C CYS E 353 -39.11 14.68 0.81
N ASN E 354 -39.77 15.82 0.70
CA ASN E 354 -41.00 16.08 1.44
C ASN E 354 -41.88 14.85 1.57
N ALA E 355 -41.93 14.32 2.79
CA ALA E 355 -42.74 13.15 3.10
C ALA E 355 -43.15 13.25 4.57
N LYS E 356 -44.07 12.39 4.97
CA LYS E 356 -44.55 12.38 6.35
C LYS E 356 -43.51 11.71 7.22
N VAL E 357 -43.17 12.34 8.33
CA VAL E 357 -42.17 11.80 9.25
C VAL E 357 -42.79 11.49 10.61
N GLU E 358 -42.41 10.35 11.20
CA GLU E 358 -42.95 9.95 12.50
C GLU E 358 -41.87 9.82 13.58
N PRO E 359 -42.18 10.24 14.80
CA PRO E 359 -41.29 10.19 15.96
C PRO E 359 -40.87 8.75 16.28
N LEU E 360 -39.65 8.58 16.77
CA LEU E 360 -39.17 7.25 17.11
C LEU E 360 -39.09 6.99 18.61
N LEU E 361 -38.71 8.00 19.40
CA LEU E 361 -38.62 7.83 20.84
C LEU E 361 -40.03 7.79 21.40
N LYS E 362 -40.43 6.63 21.91
CA LYS E 362 -41.77 6.45 22.47
C LYS E 362 -41.68 5.93 23.88
N PRO E 363 -42.60 6.34 24.76
CA PRO E 363 -42.60 5.90 26.15
C PRO E 363 -42.77 4.39 26.31
N ILE E 364 -41.92 3.76 27.10
CA ILE E 364 -42.02 2.32 27.32
C ILE E 364 -42.12 2.00 28.82
N ILE E 365 -41.65 2.91 29.66
CA ILE E 365 -41.73 2.73 31.11
C ILE E 365 -42.08 4.04 31.82
N GLU E 366 -43.28 4.05 32.39
CA GLU E 366 -43.77 5.22 33.10
C GLU E 366 -43.63 4.95 34.60
N ASN E 367 -42.69 5.66 35.21
CA ASN E 367 -42.40 5.51 36.63
C ASN E 367 -42.28 4.05 37.06
N GLY E 368 -41.32 3.34 36.49
CA GLY E 368 -41.11 1.95 36.84
C GLY E 368 -42.18 1.03 36.33
N GLU E 369 -43.14 1.56 35.58
CA GLU E 369 -44.22 0.75 35.05
C GLU E 369 -44.09 0.58 33.54
N ILE E 370 -43.94 -0.67 33.08
CA ILE E 370 -43.80 -0.91 31.65
C ILE E 370 -45.13 -0.78 30.92
N VAL E 371 -45.35 0.40 30.36
CA VAL E 371 -46.57 0.74 29.63
C VAL E 371 -46.64 0.10 28.24
N VAL E 372 -45.92 -0.99 28.02
CA VAL E 372 -45.93 -1.61 26.69
C VAL E 372 -45.90 -3.13 26.66
N GLU E 373 -46.45 -3.67 25.58
CA GLU E 373 -46.50 -5.10 25.34
C GLU E 373 -45.33 -5.30 24.37
N PHE E 374 -44.46 -6.26 24.66
CA PHE E 374 -43.31 -6.49 23.79
C PHE E 374 -43.48 -7.57 22.76
N PRO E 375 -43.37 -7.19 21.48
CA PRO E 375 -43.49 -8.11 20.34
C PRO E 375 -42.60 -9.34 20.44
N LYS E 376 -43.06 -10.44 19.88
CA LYS E 376 -42.29 -11.66 19.90
C LYS E 376 -41.20 -11.52 18.84
N ALA E 377 -40.08 -12.18 19.09
CA ALA E 377 -38.93 -12.13 18.20
C ALA E 377 -39.22 -12.05 16.68
N ARG E 378 -39.83 -13.09 16.12
CA ARG E 378 -40.12 -13.16 14.69
C ARG E 378 -40.82 -11.94 14.07
N GLU E 379 -41.67 -11.25 14.83
CA GLU E 379 -42.35 -10.10 14.24
C GLU E 379 -41.37 -8.92 14.21
N ILE E 380 -40.45 -8.86 15.18
CA ILE E 380 -39.44 -7.80 15.21
C ILE E 380 -38.57 -8.01 13.96
N ARG E 381 -38.10 -9.24 13.81
CA ARG E 381 -37.28 -9.59 12.66
C ARG E 381 -37.99 -9.16 11.37
N GLU E 382 -39.32 -9.30 11.37
CA GLU E 382 -40.14 -8.92 10.23
C GLU E 382 -39.84 -7.43 9.99
N TYR E 383 -39.78 -6.68 11.09
CA TYR E 383 -39.53 -5.23 11.09
C TYR E 383 -38.17 -4.81 10.55
N VAL E 384 -37.14 -5.58 10.89
CA VAL E 384 -35.79 -5.30 10.44
C VAL E 384 -35.68 -5.45 8.93
N LEU E 385 -36.00 -6.64 8.43
CA LEU E 385 -35.95 -6.93 7.01
C LEU E 385 -36.79 -5.97 6.15
N GLU E 386 -37.94 -5.54 6.67
CA GLU E 386 -38.77 -4.60 5.92
C GLU E 386 -38.03 -3.28 5.77
N GLN E 387 -37.38 -2.83 6.86
CA GLN E 387 -36.61 -1.57 6.85
C GLN E 387 -35.44 -1.71 5.88
N ALA E 388 -34.74 -2.84 5.98
CA ALA E 388 -33.61 -3.13 5.12
C ALA E 388 -33.97 -2.86 3.67
N LYS E 389 -35.09 -3.44 3.22
CA LYS E 389 -35.58 -3.33 1.86
C LYS E 389 -36.18 -1.98 1.53
N LYS E 390 -37.04 -1.47 2.40
CA LYS E 390 -37.66 -0.17 2.18
C LYS E 390 -36.61 0.94 2.08
N PHE E 391 -35.69 0.97 3.04
CA PHE E 391 -34.64 1.97 3.08
C PHE E 391 -33.48 1.67 2.14
N ASN E 392 -33.49 0.48 1.54
CA ASN E 392 -32.44 0.09 0.61
C ASN E 392 -31.03 0.17 1.25
N LEU E 393 -30.87 -0.46 2.40
CA LEU E 393 -29.60 -0.48 3.13
C LEU E 393 -28.49 -1.12 2.29
N GLU E 394 -27.31 -0.54 2.37
CA GLU E 394 -26.17 -1.00 1.60
C GLU E 394 -25.00 -1.56 2.43
N ILE E 395 -24.44 -2.68 1.98
CA ILE E 395 -23.31 -3.27 2.68
C ILE E 395 -22.01 -2.85 2.04
N MET F 7 -42.29 -15.22 32.78
CA MET F 7 -41.41 -16.18 33.50
C MET F 7 -39.99 -15.61 33.71
N LYS F 8 -39.13 -15.79 32.72
CA LYS F 8 -37.76 -15.29 32.76
C LYS F 8 -37.74 -13.94 32.07
N ARG F 9 -37.16 -12.92 32.71
CA ARG F 9 -37.13 -11.57 32.12
C ARG F 9 -35.92 -11.24 31.26
N PHE F 10 -34.91 -12.11 31.27
CA PHE F 10 -33.71 -11.87 30.49
C PHE F 10 -33.36 -13.12 29.69
N TYR F 11 -33.00 -12.93 28.43
CA TYR F 11 -32.66 -14.05 27.56
C TYR F 11 -31.33 -14.70 27.88
N ILE F 12 -31.18 -15.19 29.10
CA ILE F 12 -29.96 -15.84 29.51
C ILE F 12 -30.28 -17.27 29.85
N ALA F 13 -29.27 -18.06 30.15
CA ALA F 13 -29.48 -19.47 30.50
C ALA F 13 -29.18 -19.62 31.98
N ASN F 14 -30.00 -20.39 32.68
CA ASN F 14 -29.81 -20.61 34.11
C ASN F 14 -28.74 -21.66 34.32
N GLU F 15 -28.04 -21.57 35.45
CA GLU F 15 -26.97 -22.50 35.75
C GLU F 15 -27.40 -23.95 35.50
N ASP F 16 -28.67 -24.25 35.76
CA ASP F 16 -29.17 -25.62 35.54
C ASP F 16 -29.31 -25.99 34.08
N GLU F 17 -29.92 -25.11 33.30
CA GLU F 17 -30.14 -25.34 31.88
C GLU F 17 -28.81 -25.60 31.17
N ILE F 18 -27.76 -24.93 31.63
CA ILE F 18 -26.44 -25.10 31.05
C ILE F 18 -25.88 -26.44 31.45
N LYS F 19 -25.91 -26.73 32.75
CA LYS F 19 -25.39 -28.00 33.25
C LYS F 19 -26.20 -29.13 32.60
N ALA F 20 -27.45 -28.82 32.27
CA ALA F 20 -28.34 -29.79 31.64
C ALA F 20 -27.87 -30.11 30.22
N GLY F 21 -27.66 -29.07 29.41
CA GLY F 21 -27.25 -29.26 28.04
C GLY F 21 -28.30 -28.69 27.12
N LYS F 22 -29.21 -27.92 27.70
CA LYS F 22 -30.31 -27.28 26.97
C LYS F 22 -29.83 -26.18 26.02
N THR F 23 -28.57 -25.79 26.16
CA THR F 23 -28.03 -24.70 25.34
C THR F 23 -27.18 -25.19 24.18
N THR F 24 -27.35 -26.44 23.77
CA THR F 24 -26.53 -26.92 22.67
C THR F 24 -27.16 -26.78 21.32
N ASP F 25 -26.40 -27.12 20.30
CA ASP F 25 -26.87 -27.07 18.91
C ASP F 25 -27.68 -28.35 18.69
N VAL F 26 -28.93 -28.21 18.25
CA VAL F 26 -29.79 -29.37 18.03
C VAL F 26 -29.09 -30.54 17.39
N TYR F 27 -28.36 -30.31 16.30
CA TYR F 27 -27.74 -31.42 15.62
C TYR F 27 -26.85 -32.30 16.50
N PHE F 28 -26.70 -31.92 17.76
CA PHE F 28 -25.91 -32.71 18.68
C PHE F 28 -26.86 -33.67 19.41
N LEU F 29 -28.08 -33.18 19.65
CA LEU F 29 -29.13 -33.97 20.28
C LEU F 29 -29.47 -35.09 19.33
N ARG F 30 -29.69 -34.72 18.08
CA ARG F 30 -30.00 -35.68 17.04
C ARG F 30 -28.87 -36.70 16.91
N THR F 31 -27.65 -36.30 17.22
CA THR F 31 -26.54 -37.21 17.14
C THR F 31 -26.64 -38.23 18.27
N LYS F 32 -27.17 -37.79 19.41
CA LYS F 32 -27.31 -38.72 20.53
C LYS F 32 -28.41 -39.71 20.16
N LYS F 33 -29.46 -39.23 19.50
CA LYS F 33 -30.56 -40.10 19.07
C LYS F 33 -30.03 -41.21 18.19
N ILE F 34 -29.51 -40.87 17.01
CA ILE F 34 -28.96 -41.85 16.09
C ILE F 34 -28.13 -42.91 16.82
N LEU F 35 -27.20 -42.44 17.63
CA LEU F 35 -26.29 -43.30 18.41
C LEU F 35 -26.98 -44.15 19.45
N GLU F 36 -27.91 -43.54 20.19
CA GLU F 36 -28.63 -44.23 21.24
C GLU F 36 -29.59 -45.26 20.67
N VAL F 37 -30.47 -44.82 19.78
CA VAL F 37 -31.44 -45.69 19.14
C VAL F 37 -30.76 -46.84 18.39
N LYS F 38 -30.12 -46.51 17.27
CA LYS F 38 -29.40 -47.50 16.47
C LYS F 38 -28.28 -48.10 17.34
N ASN F 39 -28.30 -47.73 18.61
CA ASN F 39 -27.34 -48.15 19.62
C ASN F 39 -25.91 -48.34 19.13
N ILE F 40 -25.18 -47.23 19.04
CA ILE F 40 -23.79 -47.23 18.59
C ILE F 40 -22.93 -46.67 19.71
N ARG F 41 -22.88 -47.39 20.83
CA ARG F 41 -22.09 -46.95 21.97
C ARG F 41 -20.63 -47.39 21.80
N LYS F 42 -19.71 -46.47 22.09
CA LYS F 42 -18.29 -46.76 21.99
C LYS F 42 -17.43 -45.66 22.61
N LYS F 43 -16.27 -46.06 23.12
CA LYS F 43 -15.33 -45.15 23.76
C LYS F 43 -14.51 -44.36 22.74
N VAL F 44 -14.43 -43.04 22.96
CA VAL F 44 -13.68 -42.14 22.10
C VAL F 44 -12.93 -41.11 22.91
N LEU F 45 -11.85 -40.61 22.34
CA LEU F 45 -11.06 -39.58 22.99
C LEU F 45 -11.15 -38.34 22.10
N ALA F 46 -11.71 -37.26 22.64
CA ALA F 46 -11.84 -36.04 21.91
C ALA F 46 -10.80 -35.02 22.37
N ASP F 47 -10.32 -34.21 21.42
CA ASP F 47 -9.31 -33.20 21.66
C ASP F 47 -9.91 -31.80 21.53
N VAL F 48 -9.34 -30.84 22.26
CA VAL F 48 -9.79 -29.47 22.15
C VAL F 48 -8.57 -28.64 21.77
N THR F 49 -8.62 -28.01 20.60
CA THR F 49 -7.51 -27.20 20.09
C THR F 49 -8.02 -26.05 19.24
N THR F 50 -7.09 -25.31 18.64
CA THR F 50 -7.40 -24.23 17.70
C THR F 50 -6.32 -24.36 16.67
N THR F 51 -6.64 -24.00 15.44
CA THR F 51 -5.69 -24.06 14.34
C THR F 51 -5.09 -22.68 14.22
N SER F 52 -5.63 -21.74 14.98
CA SER F 52 -5.16 -20.38 14.92
C SER F 52 -5.61 -19.61 16.15
N LEU F 53 -4.96 -18.49 16.41
CA LEU F 53 -5.33 -17.64 17.52
C LEU F 53 -5.76 -16.33 16.86
N PRO F 54 -6.54 -15.50 17.56
CA PRO F 54 -6.98 -14.24 16.97
C PRO F 54 -5.83 -13.43 16.40
N ASN F 55 -6.09 -12.71 15.31
CA ASN F 55 -5.08 -11.87 14.68
C ASN F 55 -3.77 -12.58 14.36
N ASN F 56 -3.83 -13.90 14.36
CA ASN F 56 -2.67 -14.73 14.10
C ASN F 56 -1.57 -14.50 15.13
N TRP F 57 -2.01 -14.36 16.38
CA TRP F 57 -1.11 -14.15 17.47
C TRP F 57 -0.32 -15.45 17.64
N ARG F 58 0.83 -15.37 18.28
CA ARG F 58 1.67 -16.54 18.48
C ARG F 58 1.26 -17.44 19.64
N TRP F 59 0.77 -16.81 20.72
CA TRP F 59 0.36 -17.55 21.91
C TRP F 59 -0.94 -16.99 22.45
N GLY F 60 -1.54 -17.74 23.38
CA GLY F 60 -2.77 -17.35 24.02
C GLY F 60 -2.77 -17.84 25.47
N VAL F 61 -3.67 -17.30 26.29
CA VAL F 61 -3.76 -17.69 27.70
C VAL F 61 -4.97 -18.56 27.97
N LEU F 62 -4.73 -19.82 28.36
CA LEU F 62 -5.82 -20.76 28.64
C LEU F 62 -6.69 -20.32 29.80
N VAL F 63 -8.00 -20.32 29.63
CA VAL F 63 -8.92 -19.92 30.68
C VAL F 63 -10.27 -20.64 30.59
N GLY F 64 -10.78 -21.07 31.73
CA GLY F 64 -12.07 -21.74 31.75
C GLY F 64 -12.04 -23.21 32.12
N VAL F 65 -10.85 -23.76 32.36
CA VAL F 65 -10.72 -25.17 32.72
C VAL F 65 -11.62 -25.47 33.93
N GLU F 66 -11.81 -24.49 34.80
CA GLU F 66 -12.64 -24.66 35.97
C GLU F 66 -14.08 -24.92 35.55
N GLU F 67 -14.76 -23.91 35.04
CA GLU F 67 -16.14 -24.08 34.65
C GLU F 67 -16.39 -25.37 33.86
N VAL F 68 -15.45 -25.77 33.04
CA VAL F 68 -15.63 -26.98 32.26
C VAL F 68 -15.70 -28.22 33.14
N ALA F 69 -14.89 -28.24 34.19
CA ALA F 69 -14.91 -29.38 35.10
C ALA F 69 -16.25 -29.35 35.83
N LYS F 70 -16.69 -28.18 36.26
CA LYS F 70 -17.97 -28.04 36.96
C LYS F 70 -19.17 -28.35 36.05
N LEU F 71 -18.91 -28.56 34.76
CA LEU F 71 -19.96 -28.87 33.79
C LEU F 71 -20.05 -30.36 33.47
N LEU F 72 -18.89 -30.96 33.22
CA LEU F 72 -18.83 -32.37 32.90
C LEU F 72 -18.86 -33.18 34.19
N GLU F 73 -19.01 -32.46 35.31
CA GLU F 73 -19.06 -33.09 36.63
C GLU F 73 -20.26 -34.04 36.71
N GLY F 74 -20.01 -35.27 37.15
CA GLY F 74 -21.08 -36.23 37.27
C GLY F 74 -21.51 -36.75 35.91
N ILE F 75 -20.52 -37.03 35.08
CA ILE F 75 -20.79 -37.55 33.74
C ILE F 75 -19.74 -38.59 33.37
N PRO F 76 -20.19 -39.74 32.84
CA PRO F 76 -19.45 -40.93 32.41
C PRO F 76 -18.14 -40.73 31.62
N VAL F 77 -17.32 -39.75 32.00
CA VAL F 77 -16.10 -39.50 31.25
C VAL F 77 -14.90 -39.04 32.06
N ASN F 78 -13.73 -39.08 31.41
CA ASN F 78 -12.50 -38.59 32.03
C ASN F 78 -12.17 -37.27 31.35
N VAL F 79 -11.58 -36.35 32.09
CA VAL F 79 -11.25 -35.06 31.54
C VAL F 79 -9.84 -34.64 31.93
N TYR F 80 -8.90 -34.74 31.00
CA TYR F 80 -7.53 -34.32 31.26
C TYR F 80 -7.40 -32.88 30.75
N ALA F 81 -6.51 -32.10 31.36
CA ALA F 81 -6.36 -30.71 30.96
C ALA F 81 -5.04 -30.08 31.38
N MET F 82 -4.85 -28.85 30.93
CA MET F 82 -3.66 -28.09 31.25
C MET F 82 -4.13 -27.18 32.39
N PRO F 83 -3.22 -26.79 33.27
CA PRO F 83 -3.65 -25.92 34.36
C PRO F 83 -4.17 -24.59 33.84
N GLU F 84 -5.32 -24.15 34.34
CA GLU F 84 -5.87 -22.89 33.90
C GLU F 84 -4.78 -21.80 33.97
N GLY F 85 -4.70 -20.99 32.93
CA GLY F 85 -3.72 -19.92 32.89
C GLY F 85 -2.49 -20.28 32.09
N THR F 86 -2.39 -21.55 31.70
CA THR F 86 -1.23 -22.00 30.92
C THR F 86 -1.14 -21.28 29.56
N ILE F 87 0.08 -20.97 29.14
CA ILE F 87 0.28 -20.33 27.85
C ILE F 87 0.21 -21.49 26.89
N PHE F 88 -0.55 -21.35 25.82
CA PHE F 88 -0.66 -22.43 24.85
C PHE F 88 -0.51 -21.97 23.40
N HIS F 89 -0.57 -22.93 22.48
CA HIS F 89 -0.42 -22.67 21.07
C HIS F 89 -1.39 -23.47 20.19
N PRO F 90 -1.39 -23.16 18.89
CA PRO F 90 -2.28 -23.89 17.99
C PRO F 90 -1.85 -25.33 17.90
N TYR F 91 -2.80 -26.20 17.62
CA TYR F 91 -2.55 -27.63 17.47
C TYR F 91 -2.20 -28.38 18.75
N GLU F 92 -2.09 -27.65 19.84
CA GLU F 92 -1.79 -28.28 21.12
C GLU F 92 -3.08 -28.44 21.91
N PRO F 93 -3.46 -29.69 22.22
CA PRO F 93 -4.69 -29.94 22.98
C PRO F 93 -4.59 -29.29 24.36
N VAL F 94 -5.56 -28.45 24.67
CA VAL F 94 -5.58 -27.79 25.96
C VAL F 94 -6.49 -28.56 26.94
N LEU F 95 -7.24 -29.52 26.42
CA LEU F 95 -8.17 -30.32 27.21
C LEU F 95 -8.69 -31.50 26.40
N GLN F 96 -8.72 -32.67 27.03
CA GLN F 96 -9.19 -33.87 26.35
C GLN F 96 -10.36 -34.47 27.12
N ILE F 97 -11.12 -35.34 26.45
CA ILE F 97 -12.26 -36.00 27.07
C ILE F 97 -12.37 -37.42 26.58
N GLU F 98 -12.58 -38.35 27.50
CA GLU F 98 -12.68 -39.74 27.12
C GLU F 98 -13.99 -40.33 27.57
N GLY F 99 -14.59 -41.14 26.70
CA GLY F 99 -15.86 -41.75 27.02
C GLY F 99 -16.74 -42.00 25.82
N ASP F 100 -17.99 -42.35 26.09
CA ASP F 100 -18.95 -42.62 25.02
C ASP F 100 -19.40 -41.26 24.52
N TYR F 101 -19.13 -40.97 23.24
CA TYR F 101 -19.53 -39.69 22.68
C TYR F 101 -21.00 -39.46 22.97
N ALA F 102 -21.78 -40.54 22.98
CA ALA F 102 -23.21 -40.47 23.25
C ALA F 102 -23.51 -39.80 24.56
N ASP F 103 -22.55 -39.82 25.49
CA ASP F 103 -22.74 -39.21 26.80
C ASP F 103 -22.44 -37.71 26.91
N PHE F 104 -21.23 -37.31 26.53
CA PHE F 104 -20.80 -35.91 26.64
C PHE F 104 -20.97 -35.04 25.39
N GLY F 105 -21.03 -35.67 24.22
CA GLY F 105 -21.16 -34.93 22.97
C GLY F 105 -22.14 -33.79 22.97
N ILE F 106 -23.09 -33.82 23.89
CA ILE F 106 -24.10 -32.78 23.98
C ILE F 106 -23.60 -31.63 24.82
N TYR F 107 -22.30 -31.61 25.09
CA TYR F 107 -21.72 -30.54 25.90
C TYR F 107 -20.67 -29.70 25.21
N GLU F 108 -20.58 -29.83 23.89
CA GLU F 108 -19.62 -29.05 23.13
C GLU F 108 -19.99 -27.58 23.18
N THR F 109 -21.18 -27.29 22.71
CA THR F 109 -21.67 -25.92 22.67
C THR F 109 -21.39 -25.13 23.95
N ALA F 110 -21.42 -25.81 25.08
CA ALA F 110 -21.20 -25.16 26.36
C ALA F 110 -19.72 -25.10 26.75
N LEU F 111 -19.05 -26.25 26.69
CA LEU F 111 -17.64 -26.29 27.07
C LEU F 111 -16.76 -25.42 26.18
N LEU F 112 -16.91 -25.53 24.86
CA LEU F 112 -16.10 -24.72 23.96
C LEU F 112 -16.33 -23.24 24.23
N GLY F 113 -17.58 -22.84 24.40
CA GLY F 113 -17.87 -21.44 24.68
C GLY F 113 -17.16 -20.98 25.94
N MET F 114 -17.13 -21.85 26.94
CA MET F 114 -16.48 -21.55 28.21
C MET F 114 -14.97 -21.33 28.06
N LEU F 115 -14.31 -22.17 27.28
CA LEU F 115 -12.88 -22.00 27.08
C LEU F 115 -12.59 -20.82 26.12
N SER F 116 -13.31 -20.80 25.01
CA SER F 116 -13.15 -19.80 23.95
C SER F 116 -13.13 -18.32 24.29
N GLN F 117 -14.22 -17.81 24.85
CA GLN F 117 -14.30 -16.39 25.14
C GLN F 117 -13.38 -15.96 26.30
N ALA F 118 -13.28 -16.81 27.33
CA ALA F 118 -12.43 -16.52 28.47
C ALA F 118 -10.98 -16.46 27.95
N SER F 119 -10.53 -17.53 27.31
CA SER F 119 -9.19 -17.55 26.77
C SER F 119 -8.97 -16.30 25.90
N GLY F 120 -9.99 -15.95 25.14
CA GLY F 120 -9.86 -14.79 24.30
C GLY F 120 -9.57 -13.56 25.12
N ILE F 121 -10.44 -13.23 26.08
CA ILE F 121 -10.26 -12.05 26.92
C ILE F 121 -8.92 -12.07 27.65
N ALA F 122 -8.55 -13.23 28.17
CA ALA F 122 -7.28 -13.34 28.89
C ALA F 122 -6.08 -12.98 27.99
N THR F 123 -5.93 -13.71 26.89
CA THR F 123 -4.84 -13.43 25.96
C THR F 123 -4.79 -11.94 25.62
N ALA F 124 -5.95 -11.36 25.36
CA ALA F 124 -6.02 -9.96 25.06
C ALA F 124 -5.36 -9.20 26.19
N ALA F 125 -5.85 -9.45 27.40
CA ALA F 125 -5.35 -8.80 28.60
C ALA F 125 -3.84 -8.90 28.74
N LEU F 126 -3.33 -10.12 28.76
CA LEU F 126 -1.90 -10.30 28.93
C LEU F 126 -1.12 -9.49 27.94
N ARG F 127 -1.58 -9.44 26.68
CA ARG F 127 -0.88 -8.67 25.64
C ARG F 127 -0.89 -7.19 25.99
N ILE F 128 -1.97 -6.71 26.57
CA ILE F 128 -2.04 -5.31 26.94
C ILE F 128 -1.05 -5.10 28.07
N LYS F 129 -1.04 -6.03 29.01
CA LYS F 129 -0.16 -5.95 30.15
C LYS F 129 1.24 -5.75 29.57
N ILE F 130 1.71 -6.73 28.80
CA ILE F 130 3.01 -6.63 28.18
C ILE F 130 3.21 -5.25 27.50
N ALA F 131 2.33 -4.87 26.59
CA ALA F 131 2.48 -3.59 25.92
C ALA F 131 2.60 -2.41 26.89
N ALA F 132 2.02 -2.54 28.09
CA ALA F 132 2.07 -1.46 29.07
C ALA F 132 3.29 -1.53 29.97
N LYS F 133 4.25 -2.38 29.58
CA LYS F 133 5.48 -2.58 30.36
C LYS F 133 5.06 -3.03 31.76
N PHE F 134 4.19 -4.01 31.82
CA PHE F 134 3.67 -4.54 33.08
C PHE F 134 3.19 -3.54 34.12
N LYS F 135 2.99 -2.29 33.71
CA LYS F 135 2.49 -1.28 34.62
C LYS F 135 1.09 -1.67 35.02
N PRO F 136 0.44 -0.91 35.91
CA PRO F 136 -0.91 -1.34 36.26
C PRO F 136 -1.96 -1.10 35.15
N VAL F 137 -2.89 -2.06 35.04
CA VAL F 137 -3.97 -2.00 34.06
C VAL F 137 -5.27 -2.50 34.68
N TYR F 138 -6.32 -1.69 34.61
CA TYR F 138 -7.59 -2.08 35.19
C TYR F 138 -8.71 -2.31 34.20
N SER F 139 -9.33 -3.49 34.28
CA SER F 139 -10.46 -3.87 33.42
C SER F 139 -11.68 -2.95 33.67
N PHE F 140 -12.19 -2.33 32.60
CA PHE F 140 -13.34 -1.43 32.69
C PHE F 140 -14.40 -1.77 31.64
N GLY F 141 -14.13 -2.79 30.83
CA GLY F 141 -15.02 -3.14 29.74
C GLY F 141 -16.37 -3.83 29.85
N ILE F 142 -16.72 -4.41 31.00
CA ILE F 142 -17.99 -5.09 31.07
C ILE F 142 -19.23 -4.29 30.64
N ARG F 143 -19.11 -2.98 30.45
CA ARG F 143 -20.28 -2.22 30.00
C ARG F 143 -20.57 -2.50 28.54
N HIS F 144 -19.63 -3.08 27.82
CA HIS F 144 -19.86 -3.35 26.41
C HIS F 144 -20.37 -4.78 26.15
N MET F 145 -20.62 -5.55 27.20
CA MET F 145 -21.12 -6.88 26.99
C MET F 145 -22.30 -7.15 27.92
N HIS F 146 -22.99 -8.28 27.73
CA HIS F 146 -24.14 -8.65 28.54
C HIS F 146 -23.72 -8.88 29.99
N PRO F 147 -24.46 -8.27 30.95
CA PRO F 147 -24.19 -8.39 32.39
C PRO F 147 -24.12 -9.82 32.86
N ALA F 148 -24.91 -10.70 32.26
CA ALA F 148 -24.90 -12.09 32.66
C ALA F 148 -23.45 -12.62 32.75
N ILE F 149 -22.58 -12.16 31.85
CA ILE F 149 -21.20 -12.65 31.86
C ILE F 149 -20.20 -11.67 32.50
N ALA F 150 -20.71 -10.57 33.05
CA ALA F 150 -19.89 -9.55 33.70
C ALA F 150 -18.75 -10.15 34.51
N PRO F 151 -19.05 -11.18 35.33
CA PRO F 151 -17.99 -11.79 36.13
C PRO F 151 -17.01 -12.61 35.32
N MET F 152 -17.46 -13.57 34.49
CA MET F 152 -16.51 -14.37 33.73
C MET F 152 -15.48 -13.45 33.09
N ILE F 153 -15.95 -12.32 32.57
CA ILE F 153 -15.05 -11.38 31.92
C ILE F 153 -14.03 -10.81 32.88
N ASP F 154 -14.49 -10.09 33.90
CA ASP F 154 -13.56 -9.50 34.87
C ASP F 154 -12.59 -10.54 35.46
N ARG F 155 -13.07 -11.77 35.61
CA ARG F 155 -12.22 -12.84 36.13
C ARG F 155 -11.15 -13.22 35.10
N ALA F 156 -11.47 -13.00 33.83
CA ALA F 156 -10.55 -13.33 32.72
C ALA F 156 -9.56 -12.20 32.52
N ALA F 157 -10.02 -10.96 32.68
CA ALA F 157 -9.16 -9.78 32.53
C ALA F 157 -8.10 -9.90 33.62
N PHE F 158 -8.56 -10.37 34.79
CA PHE F 158 -7.73 -10.56 35.96
C PHE F 158 -6.68 -11.59 35.67
N ILE F 159 -7.09 -12.85 35.56
CA ILE F 159 -6.15 -13.92 35.25
C ILE F 159 -5.18 -13.49 34.16
N GLY F 160 -5.67 -12.64 33.27
CA GLY F 160 -4.87 -12.15 32.15
C GLY F 160 -3.72 -11.25 32.54
N GLY F 161 -3.87 -10.56 33.66
CA GLY F 161 -2.80 -9.67 34.10
C GLY F 161 -3.31 -8.37 34.61
N CYS F 162 -4.62 -8.13 34.49
CA CYS F 162 -5.20 -6.87 34.98
C CYS F 162 -5.08 -6.85 36.49
N ASP F 163 -4.55 -5.75 37.00
CA ASP F 163 -4.37 -5.60 38.43
C ASP F 163 -5.75 -5.55 39.11
N GLY F 164 -6.66 -4.75 38.57
CA GLY F 164 -7.96 -4.66 39.19
C GLY F 164 -9.12 -4.80 38.26
N VAL F 165 -10.31 -4.86 38.84
CA VAL F 165 -11.54 -5.02 38.07
C VAL F 165 -12.63 -4.05 38.49
N SER F 166 -13.28 -3.48 37.50
CA SER F 166 -14.36 -2.52 37.68
C SER F 166 -15.62 -3.16 38.25
N GLY F 167 -15.91 -4.38 37.80
CA GLY F 167 -17.11 -5.08 38.24
C GLY F 167 -17.18 -5.50 39.69
N VAL F 168 -18.27 -5.11 40.34
CA VAL F 168 -18.50 -5.47 41.74
C VAL F 168 -18.64 -6.98 41.93
N LEU F 169 -19.78 -7.51 41.49
CA LEU F 169 -20.05 -8.93 41.60
C LEU F 169 -18.86 -9.75 41.08
N GLY F 170 -18.20 -9.24 40.04
CA GLY F 170 -17.06 -9.95 39.49
C GLY F 170 -15.88 -9.96 40.44
N ALA F 171 -15.66 -8.82 41.10
CA ALA F 171 -14.57 -8.69 42.05
C ALA F 171 -14.71 -9.77 43.11
N GLU F 172 -15.86 -9.76 43.80
CA GLU F 172 -16.16 -10.71 44.87
C GLU F 172 -15.94 -12.17 44.53
N MET F 173 -16.76 -12.70 43.62
CA MET F 173 -16.65 -14.11 43.24
C MET F 173 -15.20 -14.58 43.13
N MET F 174 -14.29 -13.63 42.97
CA MET F 174 -12.86 -13.94 42.88
C MET F 174 -12.21 -13.81 44.26
N GLY F 175 -12.66 -12.79 44.99
CA GLY F 175 -12.11 -12.52 46.30
C GLY F 175 -11.20 -11.32 46.13
N GLU F 176 -11.72 -10.29 45.47
CA GLU F 176 -10.98 -9.06 45.21
C GLU F 176 -11.85 -7.84 45.41
N LYS F 177 -11.24 -6.68 45.55
CA LYS F 177 -12.02 -5.46 45.74
C LYS F 177 -12.16 -4.73 44.42
N ALA F 178 -13.39 -4.50 43.99
CA ALA F 178 -13.58 -3.80 42.74
C ALA F 178 -13.16 -2.35 42.90
N VAL F 179 -12.19 -1.93 42.12
CA VAL F 179 -11.70 -0.57 42.18
C VAL F 179 -12.36 0.27 41.10
N GLY F 180 -12.16 1.58 41.15
CA GLY F 180 -12.73 2.48 40.16
C GLY F 180 -12.32 3.91 40.42
N THR F 181 -12.95 4.86 39.74
CA THR F 181 -12.64 6.27 39.93
C THR F 181 -13.90 7.12 40.00
N MET F 182 -14.01 8.10 39.09
CA MET F 182 -15.16 9.00 39.07
C MET F 182 -15.85 9.02 37.72
N PRO F 183 -17.20 9.09 37.72
CA PRO F 183 -18.00 9.13 36.50
C PRO F 183 -18.17 10.58 36.08
N HIS F 184 -18.59 10.79 34.85
CA HIS F 184 -18.82 12.13 34.33
C HIS F 184 -20.13 12.59 34.90
N ALA F 185 -21.01 11.64 35.16
CA ALA F 185 -22.33 11.93 35.70
C ALA F 185 -22.19 12.65 37.02
N LEU F 186 -21.32 12.14 37.88
CA LEU F 186 -21.14 12.74 39.19
C LEU F 186 -20.84 14.22 39.07
N ILE F 187 -19.77 14.54 38.36
CA ILE F 187 -19.39 15.93 38.19
C ILE F 187 -20.48 16.79 37.54
N ILE F 188 -21.21 16.23 36.58
CA ILE F 188 -22.26 16.99 35.89
C ILE F 188 -23.51 17.23 36.72
N THR F 189 -23.95 16.23 37.49
CA THR F 189 -25.14 16.43 38.31
C THR F 189 -24.82 17.38 39.46
N VAL F 190 -23.66 17.20 40.07
CA VAL F 190 -23.21 18.06 41.16
C VAL F 190 -23.06 19.49 40.64
N GLY F 191 -22.91 19.62 39.32
CA GLY F 191 -22.80 20.93 38.68
C GLY F 191 -21.48 21.68 38.75
N ASP F 192 -20.48 21.11 39.41
CA ASP F 192 -19.19 21.78 39.53
C ASP F 192 -18.05 20.79 39.73
N GLN F 193 -17.02 20.93 38.91
CA GLN F 193 -15.86 20.05 38.98
C GLN F 193 -15.27 19.98 40.39
N VAL F 194 -14.83 21.12 40.90
CA VAL F 194 -14.23 21.19 42.22
C VAL F 194 -15.13 20.66 43.33
N LYS F 195 -16.36 21.15 43.38
CA LYS F 195 -17.34 20.74 44.37
C LYS F 195 -17.51 19.22 44.33
N ALA F 196 -17.48 18.69 43.12
CA ALA F 196 -17.64 17.26 42.89
C ALA F 196 -16.54 16.44 43.53
N TRP F 197 -15.29 16.63 43.11
CA TRP F 197 -14.23 15.84 43.68
C TRP F 197 -13.91 16.20 45.13
N LYS F 198 -14.59 17.21 45.66
CA LYS F 198 -14.41 17.60 47.05
C LYS F 198 -15.33 16.64 47.81
N TYR F 199 -16.57 16.58 47.34
CA TYR F 199 -17.58 15.69 47.92
C TYR F 199 -17.07 14.27 47.92
N PHE F 200 -16.38 13.88 46.86
CA PHE F 200 -15.84 12.52 46.75
C PHE F 200 -14.77 12.29 47.83
N ASP F 201 -13.90 13.29 48.00
CA ASP F 201 -12.81 13.22 48.97
C ASP F 201 -13.33 13.03 50.39
N GLU F 202 -14.46 13.65 50.71
CA GLU F 202 -15.02 13.54 52.04
C GLU F 202 -15.94 12.34 52.24
N VAL F 203 -16.90 12.16 51.35
CA VAL F 203 -17.85 11.05 51.49
C VAL F 203 -17.29 9.64 51.36
N ILE F 204 -16.39 9.41 50.42
CA ILE F 204 -15.84 8.08 50.21
C ILE F 204 -14.74 7.73 51.21
N GLU F 205 -14.60 6.45 51.50
CA GLU F 205 -13.59 5.97 52.44
C GLU F 205 -12.21 6.55 52.12
N GLU F 206 -11.29 6.43 53.07
CA GLU F 206 -9.96 6.96 52.85
C GLU F 206 -9.07 5.97 52.12
N GLU F 207 -9.36 4.69 52.28
CA GLU F 207 -8.57 3.65 51.62
C GLU F 207 -8.73 3.68 50.10
N VAL F 208 -9.69 4.45 49.62
CA VAL F 208 -9.96 4.55 48.18
C VAL F 208 -9.16 5.64 47.50
N PRO F 209 -8.14 5.25 46.70
CA PRO F 209 -7.32 6.25 46.01
C PRO F 209 -8.25 7.27 45.37
N ARG F 210 -7.84 8.52 45.37
CA ARG F 210 -8.67 9.55 44.78
C ARG F 210 -8.11 10.11 43.48
N ILE F 211 -8.69 9.66 42.38
CA ILE F 211 -8.29 10.10 41.06
C ILE F 211 -9.38 11.03 40.55
N ALA F 212 -8.99 12.25 40.17
CA ALA F 212 -9.93 13.24 39.69
C ALA F 212 -10.24 13.12 38.21
N LEU F 213 -11.54 13.12 37.88
CA LEU F 213 -11.97 13.03 36.49
C LEU F 213 -11.90 14.44 35.93
N VAL F 214 -10.76 14.74 35.31
CA VAL F 214 -10.49 16.06 34.74
C VAL F 214 -11.39 16.53 33.61
N ASP F 215 -11.02 16.19 32.39
CA ASP F 215 -11.78 16.57 31.19
C ASP F 215 -13.30 16.44 31.32
N THR F 216 -14.03 17.56 31.37
CA THR F 216 -15.49 17.52 31.46
C THR F 216 -16.10 18.71 30.71
N PHE F 217 -15.69 19.91 31.07
CA PHE F 217 -16.18 21.14 30.43
C PHE F 217 -14.98 21.94 29.96
N TYR F 218 -14.00 22.06 30.84
CA TYR F 218 -12.77 22.80 30.56
C TYR F 218 -11.76 21.82 29.96
N ASP F 219 -10.63 22.34 29.48
CA ASP F 219 -9.60 21.49 28.91
C ASP F 219 -8.95 20.69 30.02
N GLU F 220 -8.35 19.55 29.68
CA GLU F 220 -7.69 18.72 30.68
C GLU F 220 -6.60 19.54 31.37
N LYS F 221 -5.92 20.38 30.60
CA LYS F 221 -4.85 21.23 31.12
C LYS F 221 -5.36 22.12 32.24
N VAL F 222 -6.51 22.75 32.02
CA VAL F 222 -7.09 23.64 33.01
C VAL F 222 -7.60 22.87 34.23
N GLU F 223 -8.51 21.93 34.02
CA GLU F 223 -9.08 21.16 35.12
C GLU F 223 -8.07 20.31 35.88
N ALA F 224 -6.92 20.02 35.28
CA ALA F 224 -5.92 19.23 35.96
C ALA F 224 -5.36 20.01 37.14
N VAL F 225 -4.87 21.22 36.92
CA VAL F 225 -4.34 22.04 38.01
C VAL F 225 -5.41 22.32 39.06
N MET F 226 -6.64 22.59 38.62
CA MET F 226 -7.74 22.84 39.54
C MET F 226 -7.83 21.69 40.55
N ALA F 227 -7.93 20.47 40.04
CA ALA F 227 -8.00 19.27 40.86
C ALA F 227 -6.78 19.16 41.78
N ALA F 228 -5.67 19.74 41.36
CA ALA F 228 -4.46 19.73 42.16
C ALA F 228 -4.62 20.74 43.29
N GLU F 229 -4.96 21.97 42.92
CA GLU F 229 -5.18 23.03 43.91
C GLU F 229 -6.59 22.80 44.47
N ALA F 230 -6.71 21.68 45.16
CA ALA F 230 -7.94 21.21 45.79
C ALA F 230 -7.47 19.83 46.21
N LEU F 231 -7.73 19.47 47.46
CA LEU F 231 -7.27 18.18 48.00
C LEU F 231 -5.75 17.98 47.84
N GLY F 232 -5.11 18.84 47.05
CA GLY F 232 -3.67 18.76 46.84
C GLY F 232 -3.04 17.39 46.99
N LYS F 233 -2.56 17.07 48.18
CA LYS F 233 -1.92 15.77 48.42
C LYS F 233 -2.93 14.65 48.63
N LYS F 234 -4.20 14.96 48.45
CA LYS F 234 -5.26 13.97 48.59
C LYS F 234 -5.52 13.43 47.18
N LEU F 235 -5.07 14.18 46.18
CA LEU F 235 -5.23 13.82 44.78
C LEU F 235 -4.18 12.80 44.38
N PHE F 236 -4.53 11.53 44.45
CA PHE F 236 -3.60 10.46 44.11
C PHE F 236 -3.21 10.45 42.64
N ALA F 237 -4.16 10.77 41.78
CA ALA F 237 -3.90 10.79 40.35
C ALA F 237 -4.98 11.55 39.60
N VAL F 238 -4.69 11.85 38.35
CA VAL F 238 -5.62 12.55 37.49
C VAL F 238 -5.93 11.60 36.33
N ARG F 239 -7.20 11.52 35.94
CA ARG F 239 -7.60 10.64 34.84
C ARG F 239 -7.85 11.38 33.54
N LEU F 240 -7.23 10.90 32.46
CA LEU F 240 -7.42 11.49 31.14
C LEU F 240 -8.13 10.49 30.27
N ASP F 241 -9.27 10.90 29.71
CA ASP F 241 -10.06 10.05 28.83
C ASP F 241 -10.59 10.91 27.68
N THR F 242 -9.73 11.72 27.12
CA THR F 242 -10.11 12.60 26.02
C THR F 242 -10.99 11.92 24.99
N PRO F 243 -12.14 12.53 24.67
CA PRO F 243 -13.05 11.95 23.67
C PRO F 243 -12.31 11.90 22.33
N SER F 244 -12.64 10.90 21.51
CA SER F 244 -12.00 10.74 20.22
C SER F 244 -12.04 12.00 19.35
N SER F 245 -13.14 12.74 19.41
CA SER F 245 -13.23 13.95 18.61
C SER F 245 -12.18 14.96 19.09
N ARG F 246 -11.69 14.77 20.31
CA ARG F 246 -10.71 15.68 20.88
C ARG F 246 -9.27 15.16 20.92
N ARG F 247 -9.08 13.85 20.77
CA ARG F 247 -7.72 13.29 20.80
C ARG F 247 -6.89 13.52 19.55
N GLY F 248 -6.31 14.71 19.42
CA GLY F 248 -5.47 14.98 18.26
C GLY F 248 -4.20 14.15 18.38
N ASN F 249 -3.54 14.30 19.52
CA ASN F 249 -2.34 13.57 19.82
C ASN F 249 -2.38 13.30 21.32
N PHE F 250 -2.88 12.13 21.69
CA PHE F 250 -2.98 11.78 23.09
C PHE F 250 -1.64 11.94 23.81
N ARG F 251 -0.58 11.39 23.23
CA ARG F 251 0.75 11.51 23.81
C ARG F 251 1.01 12.96 24.21
N LYS F 252 0.96 13.83 23.22
CA LYS F 252 1.19 15.24 23.46
C LYS F 252 0.28 15.78 24.55
N ILE F 253 -0.99 15.45 24.50
CA ILE F 253 -1.92 15.93 25.51
C ILE F 253 -1.49 15.46 26.89
N ILE F 254 -1.08 14.22 27.00
CA ILE F 254 -0.64 13.66 28.27
C ILE F 254 0.56 14.41 28.82
N GLU F 255 1.50 14.74 27.93
CA GLU F 255 2.69 15.47 28.35
C GLU F 255 2.34 16.86 28.87
N GLU F 256 1.57 17.60 28.08
CA GLU F 256 1.14 18.94 28.45
C GLU F 256 0.55 18.98 29.87
N VAL F 257 -0.19 17.95 30.24
CA VAL F 257 -0.76 17.90 31.58
C VAL F 257 0.37 17.77 32.58
N ARG F 258 1.25 16.81 32.33
CA ARG F 258 2.39 16.59 33.21
C ARG F 258 3.17 17.89 33.39
N TRP F 259 3.30 18.66 32.32
CA TRP F 259 4.03 19.91 32.42
C TRP F 259 3.32 20.91 33.29
N GLU F 260 2.10 21.30 32.90
CA GLU F 260 1.35 22.28 33.67
C GLU F 260 1.30 21.91 35.13
N LEU F 261 1.39 20.62 35.44
CA LEU F 261 1.37 20.20 36.82
C LEU F 261 2.73 20.40 37.43
N LYS F 262 3.76 19.91 36.74
CA LYS F 262 5.15 20.00 37.19
C LYS F 262 5.57 21.46 37.41
N VAL F 263 5.24 22.33 36.46
CA VAL F 263 5.59 23.74 36.56
C VAL F 263 5.00 24.36 37.83
N ARG F 264 3.73 24.09 38.07
CA ARG F 264 3.05 24.63 39.25
C ARG F 264 3.37 23.84 40.52
N GLY F 265 4.51 23.16 40.49
CA GLY F 265 4.94 22.41 41.66
C GLY F 265 4.19 21.16 42.07
N TYR F 266 3.18 20.75 41.32
CA TYR F 266 2.46 19.53 41.70
C TYR F 266 3.22 18.38 41.07
N ASP F 267 3.83 17.50 41.87
CA ASP F 267 4.62 16.41 41.30
C ASP F 267 4.33 14.99 41.77
N TRP F 268 3.44 14.85 42.74
CA TRP F 268 3.11 13.53 43.25
C TRP F 268 1.97 12.94 42.42
N VAL F 269 1.12 13.82 41.87
CA VAL F 269 -0.03 13.39 41.08
C VAL F 269 0.40 12.65 39.82
N LYS F 270 -0.10 11.42 39.71
CA LYS F 270 0.20 10.55 38.59
C LYS F 270 -0.81 10.74 37.46
N ILE F 271 -0.48 10.19 36.29
CA ILE F 271 -1.36 10.26 35.14
C ILE F 271 -2.01 8.92 34.88
N PHE F 272 -3.31 8.89 35.07
CA PHE F 272 -4.09 7.67 34.86
C PHE F 272 -4.94 7.89 33.61
N VAL F 273 -4.84 6.98 32.64
CA VAL F 273 -5.63 7.13 31.43
C VAL F 273 -6.50 5.93 31.12
N SER F 274 -7.57 6.21 30.39
CA SER F 274 -8.51 5.18 29.99
C SER F 274 -9.28 5.77 28.80
N GLY F 275 -9.86 4.90 27.99
CA GLY F 275 -10.59 5.40 26.86
C GLY F 275 -10.14 4.80 25.55
N GLY F 276 -10.95 3.88 25.05
CA GLY F 276 -10.69 3.21 23.80
C GLY F 276 -9.24 3.07 23.46
N LEU F 277 -8.56 2.11 24.05
CA LEU F 277 -7.17 1.94 23.71
C LEU F 277 -6.75 0.49 23.66
N ASP F 278 -5.89 0.16 22.70
CA ASP F 278 -5.39 -1.19 22.52
C ASP F 278 -3.87 -1.19 22.66
N GLU F 279 -3.23 -2.25 22.18
CA GLU F 279 -1.78 -2.38 22.25
C GLU F 279 -1.03 -1.24 21.61
N GLU F 280 -1.22 -1.06 20.31
CA GLU F 280 -0.55 -0.02 19.56
C GLU F 280 -0.72 1.36 20.20
N LYS F 281 -1.92 1.63 20.72
CA LYS F 281 -2.19 2.92 21.35
C LYS F 281 -1.44 3.10 22.66
N ILE F 282 -1.36 2.01 23.43
CA ILE F 282 -0.66 2.02 24.69
C ILE F 282 0.85 2.07 24.49
N LYS F 283 1.35 1.34 23.50
CA LYS F 283 2.77 1.35 23.22
C LYS F 283 3.25 2.76 22.93
N GLU F 284 2.38 3.60 22.37
CA GLU F 284 2.83 4.94 22.04
C GLU F 284 2.60 5.92 23.17
N ILE F 285 2.37 5.39 24.36
CA ILE F 285 2.08 6.27 25.46
C ILE F 285 2.48 5.75 26.87
N VAL F 286 3.01 4.52 26.91
CA VAL F 286 3.42 3.88 28.15
C VAL F 286 4.35 4.71 29.01
N ASP F 287 5.44 5.15 28.40
CA ASP F 287 6.47 5.91 29.09
C ASP F 287 6.04 7.27 29.60
N VAL F 288 4.76 7.56 29.62
CA VAL F 288 4.34 8.86 30.11
C VAL F 288 3.05 8.74 30.93
N VAL F 289 2.58 7.50 31.09
CA VAL F 289 1.36 7.26 31.86
C VAL F 289 1.67 6.30 32.99
N ASP F 290 0.97 6.49 34.11
CA ASP F 290 1.20 5.67 35.29
C ASP F 290 0.36 4.42 35.36
N ALA F 291 -0.93 4.54 35.04
CA ALA F 291 -1.82 3.39 35.06
C ALA F 291 -2.85 3.47 33.95
N PHE F 292 -3.23 2.30 33.44
CA PHE F 292 -4.18 2.21 32.36
C PHE F 292 -5.54 1.65 32.72
N GLY F 293 -6.57 2.25 32.09
CA GLY F 293 -7.94 1.80 32.25
C GLY F 293 -8.39 1.26 30.89
N VAL F 294 -8.49 -0.05 30.76
CA VAL F 294 -8.88 -0.59 29.47
C VAL F 294 -10.27 -1.21 29.44
N GLY F 295 -11.04 -0.87 28.41
CA GLY F 295 -12.37 -1.42 28.28
C GLY F 295 -12.55 -2.54 27.26
N GLY F 296 -13.18 -2.17 26.14
CA GLY F 296 -13.49 -3.10 25.05
C GLY F 296 -12.39 -4.00 24.50
N ALA F 297 -11.18 -3.47 24.37
CA ALA F 297 -10.06 -4.24 23.83
C ALA F 297 -9.81 -5.51 24.62
N ILE F 298 -10.38 -5.62 25.82
CA ILE F 298 -10.19 -6.82 26.62
C ILE F 298 -11.51 -7.56 26.81
N ALA F 299 -12.57 -6.83 27.16
CA ALA F 299 -13.87 -7.47 27.36
C ALA F 299 -14.50 -7.99 26.06
N SER F 300 -14.41 -7.17 25.01
CA SER F 300 -14.93 -7.46 23.69
C SER F 300 -13.86 -8.14 22.86
N ALA F 301 -12.84 -8.66 23.51
CA ALA F 301 -11.79 -9.34 22.77
C ALA F 301 -12.43 -10.49 21.97
N LYS F 302 -11.74 -10.96 20.94
CA LYS F 302 -12.26 -12.05 20.13
C LYS F 302 -11.98 -13.40 20.76
N PRO F 303 -12.93 -14.33 20.66
CA PRO F 303 -12.80 -15.69 21.21
C PRO F 303 -11.69 -16.45 20.50
N VAL F 304 -11.27 -17.56 21.09
CA VAL F 304 -10.24 -18.41 20.50
C VAL F 304 -11.04 -19.52 19.81
N ASP F 305 -10.86 -19.66 18.49
CA ASP F 305 -11.61 -20.65 17.73
C ASP F 305 -11.27 -22.04 18.23
N PHE F 306 -11.78 -22.38 19.41
CA PHE F 306 -11.57 -23.70 20.04
C PHE F 306 -12.55 -24.72 19.47
N ALA F 307 -12.05 -25.90 19.11
CA ALA F 307 -12.91 -26.94 18.59
C ALA F 307 -12.69 -28.28 19.26
N LEU F 308 -13.76 -29.06 19.40
CA LEU F 308 -13.69 -30.38 20.02
C LEU F 308 -13.71 -31.42 18.90
N ASP F 309 -12.64 -32.20 18.75
CA ASP F 309 -12.59 -33.20 17.70
C ASP F 309 -12.07 -34.55 18.17
N ILE F 310 -12.83 -35.61 17.89
CA ILE F 310 -12.41 -36.95 18.27
C ILE F 310 -11.17 -37.33 17.48
N VAL F 311 -10.08 -37.61 18.20
CA VAL F 311 -8.81 -37.96 17.58
C VAL F 311 -8.49 -39.43 17.76
N GLU F 312 -9.34 -40.13 18.49
CA GLU F 312 -9.15 -41.56 18.73
C GLU F 312 -10.46 -42.23 19.15
N VAL F 313 -10.75 -43.36 18.51
CA VAL F 313 -11.97 -44.12 18.80
C VAL F 313 -11.60 -45.57 19.10
N GLU F 314 -11.83 -46.00 20.34
CA GLU F 314 -11.52 -47.36 20.78
C GLU F 314 -10.03 -47.67 20.63
N GLY F 315 -9.19 -46.81 21.17
CA GLY F 315 -7.75 -47.01 21.08
C GLY F 315 -7.21 -46.92 19.67
N LYS F 316 -8.07 -46.58 18.72
CA LYS F 316 -7.69 -46.47 17.32
C LYS F 316 -7.55 -45.00 16.93
N PRO F 317 -6.39 -44.61 16.36
CA PRO F 317 -6.11 -43.23 15.93
C PRO F 317 -6.90 -42.82 14.69
N ILE F 318 -7.85 -41.89 14.87
CA ILE F 318 -8.66 -41.41 13.77
C ILE F 318 -9.26 -40.04 14.04
N ALA F 319 -9.06 -39.13 13.09
CA ALA F 319 -9.58 -37.76 13.18
C ALA F 319 -9.87 -37.29 11.75
N LYS F 320 -10.83 -36.37 11.59
CA LYS F 320 -11.17 -35.86 10.26
C LYS F 320 -10.09 -34.99 9.63
N ARG F 321 -10.32 -34.53 8.40
CA ARG F 321 -9.37 -33.71 7.66
C ARG F 321 -8.90 -32.44 8.37
N GLY F 322 -7.60 -32.16 8.30
CA GLY F 322 -7.07 -30.97 8.93
C GLY F 322 -6.96 -31.04 10.43
N LYS F 323 -7.21 -32.23 10.98
CA LYS F 323 -7.14 -32.45 12.42
C LYS F 323 -6.10 -33.51 12.71
N LEU F 324 -5.36 -33.31 13.80
CA LEU F 324 -4.33 -34.25 14.21
C LEU F 324 -4.98 -35.46 14.85
N SER F 325 -4.41 -36.64 14.59
CA SER F 325 -4.95 -37.89 15.09
C SER F 325 -4.19 -38.50 16.27
N GLY F 326 -4.90 -39.23 17.12
CA GLY F 326 -4.28 -39.89 18.25
C GLY F 326 -4.30 -39.20 19.61
N ARG F 327 -4.04 -39.99 20.65
CA ARG F 327 -4.01 -39.51 22.03
C ARG F 327 -2.61 -38.96 22.28
N LYS F 328 -2.50 -37.68 22.65
CA LYS F 328 -1.18 -37.13 22.86
C LYS F 328 -0.94 -36.27 24.09
N GLN F 329 0.32 -35.92 24.30
CA GLN F 329 0.73 -35.08 25.42
C GLN F 329 1.62 -33.94 24.93
N VAL F 330 1.63 -32.84 25.68
CA VAL F 330 2.45 -31.68 25.35
C VAL F 330 3.47 -31.44 26.44
N TYR F 331 4.75 -31.55 26.10
CA TYR F 331 5.81 -31.34 27.08
C TYR F 331 6.40 -29.95 26.98
N ARG F 332 6.49 -29.29 28.13
CA ARG F 332 7.03 -27.93 28.18
C ARG F 332 8.31 -27.92 29.03
N CYS F 333 9.35 -27.24 28.57
CA CYS F 333 10.57 -27.15 29.37
C CYS F 333 10.47 -25.80 30.08
N GLU F 334 11.42 -25.55 30.98
CA GLU F 334 11.40 -24.30 31.72
C GLU F 334 11.74 -23.12 30.84
N ASN F 335 12.10 -23.37 29.59
CA ASN F 335 12.44 -22.29 28.68
C ASN F 335 11.34 -22.02 27.65
N GLY F 336 10.12 -22.37 28.03
CA GLY F 336 8.98 -22.15 27.17
C GLY F 336 8.92 -22.96 25.88
N HIS F 337 9.90 -23.81 25.63
CA HIS F 337 9.90 -24.61 24.42
C HIS F 337 8.85 -25.72 24.56
N TYR F 338 7.83 -25.72 23.71
CA TYR F 338 6.79 -26.74 23.79
C TYR F 338 7.03 -27.86 22.80
N HIS F 339 6.41 -29.00 23.03
CA HIS F 339 6.57 -30.15 22.15
C HIS F 339 5.40 -31.10 22.24
N VAL F 340 4.60 -31.19 21.18
CA VAL F 340 3.47 -32.10 21.18
C VAL F 340 3.91 -33.43 20.60
N VAL F 341 3.78 -34.49 21.38
CA VAL F 341 4.18 -35.82 20.94
C VAL F 341 3.10 -36.83 21.27
N PRO F 342 3.16 -38.00 20.63
CA PRO F 342 2.19 -39.06 20.87
C PRO F 342 2.35 -39.57 22.30
N ALA F 343 1.24 -39.91 22.95
CA ALA F 343 1.28 -40.42 24.32
C ALA F 343 2.07 -41.74 24.40
N ASN F 344 2.15 -42.46 23.27
CA ASN F 344 2.85 -43.74 23.18
C ASN F 344 4.34 -43.57 23.44
N LYS F 345 4.78 -42.33 23.60
CA LYS F 345 6.19 -42.02 23.86
C LYS F 345 6.25 -41.04 25.02
N LYS F 346 7.42 -40.89 25.63
CA LYS F 346 7.56 -39.98 26.76
C LYS F 346 8.88 -39.21 26.74
N LEU F 347 8.77 -37.89 26.81
CA LEU F 347 9.91 -36.99 26.80
C LEU F 347 10.49 -36.78 28.19
N GLU F 348 11.76 -36.38 28.24
CA GLU F 348 12.44 -36.10 29.49
C GLU F 348 13.45 -34.99 29.21
N ARG F 349 14.04 -35.07 28.03
CA ARG F 349 15.02 -34.10 27.57
C ARG F 349 14.25 -33.13 26.69
N CYS F 350 14.69 -31.88 26.63
CA CYS F 350 14.03 -30.92 25.77
C CYS F 350 14.72 -30.97 24.42
N PRO F 351 14.04 -31.50 23.39
CA PRO F 351 14.60 -31.59 22.05
C PRO F 351 15.56 -30.44 21.71
N VAL F 352 15.17 -29.22 22.08
CA VAL F 352 16.00 -28.05 21.83
C VAL F 352 16.98 -27.95 22.99
N CYS F 353 17.15 -26.75 23.57
CA CYS F 353 18.08 -26.57 24.69
C CYS F 353 17.82 -27.61 25.77
N ASN F 354 18.61 -28.69 25.75
CA ASN F 354 18.48 -29.78 26.71
C ASN F 354 18.14 -29.29 28.11
N ALA F 355 16.89 -29.55 28.50
CA ALA F 355 16.40 -29.16 29.82
C ALA F 355 15.33 -30.17 30.22
N LYS F 356 14.91 -30.12 31.48
CA LYS F 356 13.90 -31.02 31.98
C LYS F 356 12.53 -30.52 31.51
N VAL F 357 11.75 -31.44 30.96
CA VAL F 357 10.42 -31.09 30.45
C VAL F 357 9.33 -31.83 31.23
N GLU F 358 8.24 -31.13 31.53
CA GLU F 358 7.14 -31.72 32.29
C GLU F 358 5.81 -31.72 31.51
N PRO F 359 5.04 -32.82 31.63
CA PRO F 359 3.75 -33.01 30.97
C PRO F 359 2.75 -31.94 31.38
N LEU F 360 1.87 -31.55 30.46
CA LEU F 360 0.90 -30.52 30.77
C LEU F 360 -0.53 -31.07 30.93
N LEU F 361 -0.89 -32.07 30.14
CA LEU F 361 -2.22 -32.67 30.25
C LEU F 361 -2.27 -33.50 31.52
N LYS F 362 -3.07 -33.06 32.49
CA LYS F 362 -3.19 -33.77 33.76
C LYS F 362 -4.64 -34.09 34.04
N PRO F 363 -4.92 -35.23 34.68
CA PRO F 363 -6.30 -35.63 35.01
C PRO F 363 -7.00 -34.65 35.96
N ILE F 364 -8.21 -34.23 35.61
CA ILE F 364 -8.96 -33.31 36.45
C ILE F 364 -10.34 -33.87 36.80
N ILE F 365 -10.82 -34.81 35.98
CA ILE F 365 -12.10 -35.45 36.23
C ILE F 365 -12.05 -36.94 35.91
N GLU F 366 -12.16 -37.74 36.96
CA GLU F 366 -12.14 -39.19 36.83
C GLU F 366 -13.57 -39.70 36.93
N ASN F 367 -14.09 -40.16 35.81
CA ASN F 367 -15.45 -40.67 35.73
C ASN F 367 -16.46 -39.76 36.41
N GLY F 368 -16.58 -38.53 35.92
CA GLY F 368 -17.51 -37.58 36.48
C GLY F 368 -17.12 -37.07 37.84
N GLU F 369 -15.95 -37.48 38.33
CA GLU F 369 -15.49 -37.05 39.64
C GLU F 369 -14.32 -36.08 39.51
N ILE F 370 -14.49 -34.85 39.99
CA ILE F 370 -13.43 -33.86 39.91
C ILE F 370 -12.31 -34.13 40.93
N VAL F 371 -11.29 -34.83 40.47
CA VAL F 371 -10.14 -35.20 41.29
C VAL F 371 -9.19 -34.03 41.57
N VAL F 372 -9.68 -32.80 41.54
CA VAL F 372 -8.80 -31.66 41.77
C VAL F 372 -9.42 -30.49 42.53
N GLU F 373 -8.54 -29.76 43.20
CA GLU F 373 -8.90 -28.57 43.96
C GLU F 373 -8.54 -27.44 43.01
N PHE F 374 -9.46 -26.52 42.79
CA PHE F 374 -9.18 -25.42 41.86
C PHE F 374 -8.69 -24.14 42.50
N PRO F 375 -7.48 -23.72 42.13
CA PRO F 375 -6.85 -22.50 42.63
C PRO F 375 -7.73 -21.26 42.51
N LYS F 376 -7.56 -20.33 43.44
CA LYS F 376 -8.33 -19.11 43.42
C LYS F 376 -7.73 -18.22 42.35
N ALA F 377 -8.56 -17.38 41.75
CA ALA F 377 -8.13 -16.48 40.69
C ALA F 377 -6.72 -15.89 40.79
N ARG F 378 -6.49 -15.06 41.82
CA ARG F 378 -5.20 -14.39 42.00
C ARG F 378 -3.94 -15.26 41.92
N GLU F 379 -4.03 -16.51 42.34
CA GLU F 379 -2.84 -17.36 42.28
C GLU F 379 -2.63 -17.82 40.83
N ILE F 380 -3.73 -17.98 40.08
CA ILE F 380 -3.63 -18.38 38.67
C ILE F 380 -2.95 -17.22 37.95
N ARG F 381 -3.48 -16.03 38.17
CA ARG F 381 -2.91 -14.83 37.59
C ARG F 381 -1.41 -14.78 37.89
N GLU F 382 -1.03 -15.22 39.09
CA GLU F 382 0.36 -15.25 39.51
C GLU F 382 1.09 -16.12 38.46
N TYR F 383 0.45 -17.23 38.10
CA TYR F 383 0.97 -18.20 37.15
C TYR F 383 1.17 -17.67 35.73
N VAL F 384 0.24 -16.83 35.29
CA VAL F 384 0.30 -16.26 33.95
C VAL F 384 1.50 -15.34 33.84
N LEU F 385 1.52 -14.30 34.68
CA LEU F 385 2.61 -13.33 34.69
C LEU F 385 4.00 -13.96 34.87
N GLU F 386 4.11 -15.03 35.64
CA GLU F 386 5.39 -15.69 35.83
C GLU F 386 5.82 -16.32 34.49
N GLN F 387 4.87 -16.93 33.78
CA GLN F 387 5.16 -17.54 32.47
C GLN F 387 5.57 -16.44 31.48
N ALA F 388 4.79 -15.37 31.48
CA ALA F 388 5.04 -14.24 30.61
C ALA F 388 6.51 -13.84 30.69
N LYS F 389 6.99 -13.64 31.92
CA LYS F 389 8.36 -13.23 32.18
C LYS F 389 9.40 -14.32 31.97
N LYS F 390 9.14 -15.51 32.50
CA LYS F 390 10.07 -16.62 32.33
C LYS F 390 10.27 -16.95 30.86
N PHE F 391 9.17 -17.09 30.13
CA PHE F 391 9.22 -17.43 28.71
C PHE F 391 9.52 -16.23 27.81
N ASN F 392 9.55 -15.04 28.39
CA ASN F 392 9.84 -13.83 27.64
C ASN F 392 8.89 -13.64 26.44
N LEU F 393 7.59 -13.68 26.71
CA LEU F 393 6.55 -13.52 25.69
C LEU F 393 6.65 -12.16 25.03
N GLU F 394 6.45 -12.14 23.72
CA GLU F 394 6.56 -10.92 22.93
C GLU F 394 5.25 -10.46 22.27
N ILE F 395 4.96 -9.16 22.35
CA ILE F 395 3.75 -8.61 21.74
C ILE F 395 4.08 -8.05 20.36
ZN ZN G . -25.15 -15.20 -26.37
ZN ZN H . 18.66 3.64 -29.77
C1 PCP I . 15.65 -4.15 -29.48
C2 PCP I . 15.34 -5.53 -30.09
C3 PCP I . 14.03 -5.31 -30.90
C4 PCP I . 13.24 -4.27 -30.08
C5 PCP I . 14.33 -3.44 -29.50
CP PCP I . 12.27 -4.86 -29.01
O1 PCP I . 16.56 -3.33 -30.39
O2 PCP I . 16.40 -5.97 -30.94
O3 PCP I . 14.27 -4.78 -32.22
OP PCP I . 12.89 -5.67 -27.96
P PCP I . 12.42 -5.66 -26.40
O1P PCP I . 12.37 -7.07 -25.96
O2P PCP I . 11.07 -5.01 -26.37
O3P PCP I . 13.47 -4.88 -25.67
PA PCP I . 17.11 -1.87 -30.05
O1A PCP I . 17.78 -1.95 -28.69
O2A PCP I . 15.90 -0.96 -30.03
O3A PCP I . 18.09 -1.59 -31.24
PB PCP I . 19.08 -2.41 -32.10
O1B PCP I . 19.91 -1.53 -32.99
O2B PCP I . 18.40 -3.33 -32.99
O3B PCP I . 20.01 -3.20 -31.24
ZN ZN J . 37.89 -8.99 -2.84
ZN ZN K . -2.35 -34.36 -6.78
C1 PCP L . 2.93 -30.95 -12.26
C2 PCP L . 4.02 -31.02 -13.36
C3 PCP L . 5.34 -31.25 -12.58
C4 PCP L . 5.16 -30.47 -11.26
C5 PCP L . 3.69 -30.59 -11.04
CP PCP L . 5.67 -28.98 -11.30
O1 PCP L . 2.32 -32.32 -11.99
O2 PCP L . 3.77 -32.10 -14.27
O3 PCP L . 5.57 -32.64 -12.25
OP PCP L . 5.00 -28.12 -12.29
P PCP L . 4.63 -26.56 -12.00
O1P PCP L . 5.02 -25.80 -13.22
O2P PCP L . 5.42 -26.14 -10.81
O3P PCP L . 3.16 -26.52 -11.78
PA PCP L . 1.16 -32.59 -10.96
O1A PCP L . 0.03 -31.65 -11.31
O2A PCP L . 1.72 -32.29 -9.58
O3A PCP L . 0.83 -34.11 -11.20
PB PCP L . 0.76 -35.08 -12.40
O1B PCP L . 0.17 -36.39 -12.04
O2B PCP L . 2.09 -35.37 -12.92
O3B PCP L . -0.03 -34.52 -13.53
ZN ZN M . 24.17 14.64 27.58
ZN ZN N . 20.96 20.44 -19.80
C1 PCP O . 18.44 24.85 -13.16
C2 PCP O . 18.48 26.08 -12.22
C3 PCP O . 19.67 25.79 -11.27
C4 PCP O . 19.67 24.25 -11.08
C5 PCP O . 19.16 23.79 -12.41
CP PCP O . 18.82 23.74 -9.87
O1 PCP O . 19.26 25.09 -14.42
O2 PCP O . 18.69 27.29 -12.96
O3 PCP O . 20.94 26.19 -11.83
OP PCP O . 17.38 24.07 -9.93
P PCP O . 16.21 23.06 -9.42
O1P PCP O . 15.26 23.86 -8.62
O2P PCP O . 16.88 22.01 -8.59
O3P PCP O . 15.56 22.51 -10.66
PA PCP O . 19.40 24.05 -15.62
O1A PCP O . 17.99 23.70 -16.07
O2A PCP O . 20.13 22.85 -15.06
O3A PCP O . 20.22 24.87 -16.68
PB PCP O . 20.31 26.34 -17.16
O1B PCP O . 21.15 26.47 -18.39
O2B PCP O . 20.89 27.20 -16.16
O3B PCP O . 18.95 26.89 -17.49
ZN ZN P . -13.34 23.89 -27.85
ZN ZN Q . -7.68 28.29 19.37
C1 PCP R . -3.28 30.74 12.73
C2 PCP R . -2.73 31.81 11.77
C3 PCP R . -3.92 32.13 10.82
C4 PCP R . -4.65 30.78 10.64
C5 PCP R . -4.44 30.15 11.98
CP PCP R . -4.17 29.89 9.45
O1 PCP R . -3.90 31.37 13.97
O2 PCP R . -2.32 32.98 12.47
O3 PCP R . -4.84 33.08 11.35
OP PCP R . -2.76 29.47 9.51
P PCP R . -2.23 28.00 9.02
O1P PCP R . -1.01 28.22 8.21
O2P PCP R . -3.34 27.40 8.22
O3P PCP R . -1.94 27.26 10.29
PA PCP R . -4.52 30.56 15.19
O1A PCP R . -3.46 29.56 15.64
O2A PCP R . -5.75 29.85 14.64
O3A PCP R . -4.83 31.68 16.23
PB PCP R . -4.18 33.01 16.70
O1B PCP R . -4.84 33.55 17.91
O2B PCP R . -4.29 34.03 15.68
O3B PCP R . -2.74 32.83 17.00
ZN ZN S . -37.61 11.74 3.39
ZN ZN T . -15.75 -30.61 7.05
C1 PCP U . -18.38 -25.01 12.55
C2 PCP U . -19.33 -24.53 13.67
C3 PCP U . -20.60 -24.06 12.91
C4 PCP U . -20.09 -23.49 11.57
C5 PCP U . -18.89 -24.35 11.32
CP PCP U . -19.76 -21.96 11.59
O1 PCP U . -18.55 -26.51 12.29
O2 PCP U . -19.63 -25.57 14.58
O3 PCP U . -21.53 -25.13 12.61
OP PCP U . -18.74 -21.53 12.55
P PCP U . -17.63 -20.37 12.25
O1P PCP U . -17.55 -19.52 13.45
O2P PCP U . -18.13 -19.63 11.04
O3P PCP U . -16.36 -21.12 12.01
PA PCP U . -17.71 -27.35 11.23
O1A PCP U . -16.25 -27.11 11.56
O2A PCP U . -18.07 -26.81 9.87
O3A PCP U . -18.20 -28.82 11.50
PB PCP U . -18.62 -29.68 12.71
O1B PCP U . -18.81 -31.12 12.36
O2B PCP U . -19.89 -29.23 13.27
O3B PCP U . -17.61 -29.61 13.81
ZN ZN V . 13.97 -26.17 26.22
ZN ZN W . -13.68 12.74 29.73
C1 PCP X . -15.21 4.59 29.46
C2 PCP X . -15.65 3.27 30.10
C3 PCP X . -14.40 2.78 30.89
C4 PCP X . -13.19 3.26 30.06
C5 PCP X . -13.71 4.52 29.47
CP PCP X . -12.67 2.23 28.99
O1 PCP X . -15.54 5.78 30.36
O2 PCP X . -16.77 3.45 30.96
O3 PCP X . -14.30 3.37 32.20
OP PCP X . -13.65 1.83 27.97
P PCP X . -13.26 1.60 26.42
O1P PCP X . -13.96 0.35 26.00
O2P PCP X . -11.77 1.45 26.36
O3P PCP X . -13.77 2.80 25.69
PA PCP X . -15.26 7.31 30.01
O1A PCP X . -15.90 7.57 28.66
O2A PCP X . -13.76 7.46 29.95
O3A PCP X . -15.93 8.07 31.21
PB PCP X . -17.20 7.91 32.10
O1B PCP X . -17.43 9.10 32.97
O2B PCP X . -17.09 6.76 32.99
O3B PCP X . -18.43 7.71 31.29
#